data_9HFJ
# 
_entry.id   9HFJ 
# 
_audit_conform.dict_name       mmcif_pdbx.dic 
_audit_conform.dict_version    5.407 
_audit_conform.dict_location   http://mmcif.pdb.org/dictionaries/ascii/mmcif_pdbx.dic 
# 
loop_
_database_2.database_id 
_database_2.database_code 
_database_2.pdbx_database_accession 
_database_2.pdbx_DOI 
PDB   9HFJ         pdb_00009hfj 10.2210/pdb9hfj/pdb 
WWPDB D_1292143204 ?            ?                   
# 
_pdbx_audit_revision_history.ordinal             1 
_pdbx_audit_revision_history.data_content_type   'Structure model' 
_pdbx_audit_revision_history.major_revision      1 
_pdbx_audit_revision_history.minor_revision      0 
_pdbx_audit_revision_history.revision_date       2025-11-26 
_pdbx_audit_revision_history.part_number         ? 
# 
_pdbx_audit_revision_details.ordinal             1 
_pdbx_audit_revision_details.revision_ordinal    1 
_pdbx_audit_revision_details.data_content_type   'Structure model' 
_pdbx_audit_revision_details.provider            repository 
_pdbx_audit_revision_details.type                'Initial release' 
_pdbx_audit_revision_details.description         ? 
_pdbx_audit_revision_details.details             ? 
# 
_pdbx_database_status.status_code                     REL 
_pdbx_database_status.status_code_sf                  REL 
_pdbx_database_status.status_code_mr                  ? 
_pdbx_database_status.entry_id                        9HFJ 
_pdbx_database_status.recvd_initial_deposition_date   2024-11-16 
_pdbx_database_status.SG_entry                        N 
_pdbx_database_status.deposit_site                    PDBE 
_pdbx_database_status.process_site                    PDBE 
_pdbx_database_status.status_code_cs                  ? 
_pdbx_database_status.status_code_nmr_data            ? 
_pdbx_database_status.methods_development_category    ? 
_pdbx_database_status.pdb_format_compatible           Y 
# 
_pdbx_contact_author.id                 2 
_pdbx_contact_author.email              Bert.Van-Den-Berg@newcastle.ac.uk 
_pdbx_contact_author.name_first         Bert 
_pdbx_contact_author.name_last          'van den Berg' 
_pdbx_contact_author.name_mi            ? 
_pdbx_contact_author.role               'principal investigator/group leader' 
_pdbx_contact_author.identifier_ORCID   0000-0003-1966-8804 
# 
loop_
_audit_author.name 
_audit_author.pdbx_ordinal 
_audit_author.identifier_ORCID 
'Feasey, M.'       1 ? 
'Basle, A.'        2 ? 
'van den Berg, B.' 3 ? 
# 
_citation.abstract                  ? 
_citation.abstract_id_CAS           ? 
_citation.book_id_ISBN              ? 
_citation.book_publisher            ? 
_citation.book_publisher_city       ? 
_citation.book_title                ? 
_citation.coordinate_linkage        ? 
_citation.country                   ? 
_citation.database_id_Medline       ? 
_citation.details                   ? 
_citation.id                        primary 
_citation.journal_abbrev            'To Be Published' 
_citation.journal_id_ASTM           ? 
_citation.journal_id_CSD            0353 
_citation.journal_id_ISSN           ? 
_citation.journal_full              ? 
_citation.journal_issue             ? 
_citation.journal_volume            ? 
_citation.language                  ? 
_citation.page_first                ? 
_citation.page_last                 ? 
_citation.title                     'Crystal structure of the NTE domain of SusCdex (BT3090) dextran transporter' 
_citation.year                      ? 
_citation.database_id_CSD           ? 
_citation.pdbx_database_id_DOI      ? 
_citation.pdbx_database_id_PubMed   ? 
_citation.pdbx_database_id_patent   ? 
_citation.unpublished_flag          ? 
# 
loop_
_citation_author.citation_id 
_citation_author.name 
_citation_author.ordinal 
_citation_author.identifier_ORCID 
primary 'Feasey, M.'       1 ? 
primary 'Basle, A.'        2 ? 
primary 'van den Berg, B.' 3 ? 
# 
loop_
_entity.id 
_entity.type 
_entity.src_method 
_entity.pdbx_description 
_entity.formula_weight 
_entity.pdbx_number_of_molecules 
_entity.pdbx_ec 
_entity.pdbx_mutation 
_entity.pdbx_fragment 
_entity.details 
1 polymer     man 'SusC homolog'          8987.002 1  ? ? ? 'Includes natural BT3090 residues 30-104.' 
2 non-polymer syn 'NICKEL (II) ION'       58.693   1  ? ? ? ?                                          
3 non-polymer syn 'THIOCYANATE ION'       58.082   4  ? ? ? ?                                          
4 non-polymer syn 1,2-ETHANEDIOL          62.068   2  ? ? ? ?                                          
5 non-polymer syn 'DI(HYDROXYETHYL)ETHER' 106.120  1  ? ? ? ?                                          
6 non-polymer syn 'TRIETHYLENE GLYCOL'    150.173  1  ? ? ? ?                                          
7 water       nat water                   18.015   85 ? ? ? ?                                          
# 
_entity_name_com.entity_id   1 
_entity_name_com.name        'BT3090 (SusCdex) NTE' 
# 
_entity_poly.entity_id                      1 
_entity_poly.type                           'polypeptide(L)' 
_entity_poly.nstd_linkage                   no 
_entity_poly.nstd_monomer                   no 
_entity_poly.pdbx_seq_one_letter_code       
;MGQQITVKGHVVDATGEPVIGASVIEGKSTNGTITDIDGNFSLNVSANSALTISFVGYKTQTVSVNGKTALKVTLQELEH
HHHHH
;
_entity_poly.pdbx_seq_one_letter_code_can   
;MGQQITVKGHVVDATGEPVIGASVIEGKSTNGTITDIDGNFSLNVSANSALTISFVGYKTQTVSVNGKTALKVTLQELEH
HHHHH
;
_entity_poly.pdbx_strand_id                 A 
_entity_poly.pdbx_target_identifier         ? 
# 
loop_
_pdbx_entity_nonpoly.entity_id 
_pdbx_entity_nonpoly.name 
_pdbx_entity_nonpoly.comp_id 
2 'NICKEL (II) ION'       NI  
3 'THIOCYANATE ION'       SCN 
4 1,2-ETHANEDIOL          EDO 
5 'DI(HYDROXYETHYL)ETHER' PEG 
6 'TRIETHYLENE GLYCOL'    PGE 
7 water                   HOH 
# 
loop_
_entity_poly_seq.entity_id 
_entity_poly_seq.num 
_entity_poly_seq.mon_id 
_entity_poly_seq.hetero 
1 1  MET n 
1 2  GLY n 
1 3  GLN n 
1 4  GLN n 
1 5  ILE n 
1 6  THR n 
1 7  VAL n 
1 8  LYS n 
1 9  GLY n 
1 10 HIS n 
1 11 VAL n 
1 12 VAL n 
1 13 ASP n 
1 14 ALA n 
1 15 THR n 
1 16 GLY n 
1 17 GLU n 
1 18 PRO n 
1 19 VAL n 
1 20 ILE n 
1 21 GLY n 
1 22 ALA n 
1 23 SER n 
1 24 VAL n 
1 25 ILE n 
1 26 GLU n 
1 27 GLY n 
1 28 LYS n 
1 29 SER n 
1 30 THR n 
1 31 ASN n 
1 32 GLY n 
1 33 THR n 
1 34 ILE n 
1 35 THR n 
1 36 ASP n 
1 37 ILE n 
1 38 ASP n 
1 39 GLY n 
1 40 ASN n 
1 41 PHE n 
1 42 SER n 
1 43 LEU n 
1 44 ASN n 
1 45 VAL n 
1 46 SER n 
1 47 ALA n 
1 48 ASN n 
1 49 SER n 
1 50 ALA n 
1 51 LEU n 
1 52 THR n 
1 53 ILE n 
1 54 SER n 
1 55 PHE n 
1 56 VAL n 
1 57 GLY n 
1 58 TYR n 
1 59 LYS n 
1 60 THR n 
1 61 GLN n 
1 62 THR n 
1 63 VAL n 
1 64 SER n 
1 65 VAL n 
1 66 ASN n 
1 67 GLY n 
1 68 LYS n 
1 69 THR n 
1 70 ALA n 
1 71 LEU n 
1 72 LYS n 
1 73 VAL n 
1 74 THR n 
1 75 LEU n 
1 76 GLN n 
1 77 GLU n 
1 78 LEU n 
1 79 GLU n 
1 80 HIS n 
1 81 HIS n 
1 82 HIS n 
1 83 HIS n 
1 84 HIS n 
1 85 HIS n 
# 
_entity_src_gen.entity_id                          1 
_entity_src_gen.pdbx_src_id                        1 
_entity_src_gen.pdbx_alt_source_flag               sample 
_entity_src_gen.pdbx_seq_type                      'Biological sequence' 
_entity_src_gen.pdbx_beg_seq_num                   1 
_entity_src_gen.pdbx_end_seq_num                   85 
_entity_src_gen.gene_src_common_name               ? 
_entity_src_gen.gene_src_genus                     ? 
_entity_src_gen.pdbx_gene_src_gene                 BT_3090 
_entity_src_gen.gene_src_species                   ? 
_entity_src_gen.gene_src_strain                    ? 
_entity_src_gen.gene_src_tissue                    ? 
_entity_src_gen.gene_src_tissue_fraction           ? 
_entity_src_gen.gene_src_details                   ? 
_entity_src_gen.pdbx_gene_src_fragment             ? 
_entity_src_gen.pdbx_gene_src_scientific_name      'Bacteroides thetaiotaomicron VPI-5482' 
_entity_src_gen.pdbx_gene_src_ncbi_taxonomy_id     226186 
_entity_src_gen.pdbx_gene_src_variant              ? 
_entity_src_gen.pdbx_gene_src_cell_line            ? 
_entity_src_gen.pdbx_gene_src_atcc                 ? 
_entity_src_gen.pdbx_gene_src_organ                ? 
_entity_src_gen.pdbx_gene_src_organelle            ? 
_entity_src_gen.pdbx_gene_src_cell                 ? 
_entity_src_gen.pdbx_gene_src_cellular_location    ? 
_entity_src_gen.host_org_common_name               ? 
_entity_src_gen.pdbx_host_org_scientific_name      
;Escherichia coli 'BL21-Gold(DE3)pLysS AG'
;
_entity_src_gen.pdbx_host_org_ncbi_taxonomy_id     866768 
_entity_src_gen.host_org_genus                     ? 
_entity_src_gen.pdbx_host_org_gene                 ? 
_entity_src_gen.pdbx_host_org_organ                ? 
_entity_src_gen.host_org_species                   ? 
_entity_src_gen.pdbx_host_org_tissue               ? 
_entity_src_gen.pdbx_host_org_tissue_fraction      ? 
_entity_src_gen.pdbx_host_org_strain               ? 
_entity_src_gen.pdbx_host_org_variant              ? 
_entity_src_gen.pdbx_host_org_cell_line            ? 
_entity_src_gen.pdbx_host_org_atcc                 ? 
_entity_src_gen.pdbx_host_org_culture_collection   ? 
_entity_src_gen.pdbx_host_org_cell                 ? 
_entity_src_gen.pdbx_host_org_organelle            ? 
_entity_src_gen.pdbx_host_org_cellular_location    ? 
_entity_src_gen.pdbx_host_org_vector_type          ? 
_entity_src_gen.pdbx_host_org_vector               ? 
_entity_src_gen.host_org_details                   ? 
_entity_src_gen.expression_system_id               ? 
_entity_src_gen.plasmid_name                       ? 
_entity_src_gen.plasmid_details                    ? 
_entity_src_gen.pdbx_description                   ? 
# 
loop_
_chem_comp.id 
_chem_comp.type 
_chem_comp.mon_nstd_flag 
_chem_comp.name 
_chem_comp.pdbx_synonyms 
_chem_comp.formula 
_chem_comp.formula_weight 
ALA 'L-peptide linking' y ALANINE                 ?                 'C3 H7 N O2'     89.093  
ASN 'L-peptide linking' y ASPARAGINE              ?                 'C4 H8 N2 O3'    132.118 
ASP 'L-peptide linking' y 'ASPARTIC ACID'         ?                 'C4 H7 N O4'     133.103 
EDO non-polymer         . 1,2-ETHANEDIOL          'ETHYLENE GLYCOL' 'C2 H6 O2'       62.068  
GLN 'L-peptide linking' y GLUTAMINE               ?                 'C5 H10 N2 O3'   146.144 
GLU 'L-peptide linking' y 'GLUTAMIC ACID'         ?                 'C5 H9 N O4'     147.129 
GLY 'peptide linking'   y GLYCINE                 ?                 'C2 H5 N O2'     75.067  
HIS 'L-peptide linking' y HISTIDINE               ?                 'C6 H10 N3 O2 1' 156.162 
HOH non-polymer         . WATER                   ?                 'H2 O'           18.015  
ILE 'L-peptide linking' y ISOLEUCINE              ?                 'C6 H13 N O2'    131.173 
LEU 'L-peptide linking' y LEUCINE                 ?                 'C6 H13 N O2'    131.173 
LYS 'L-peptide linking' y LYSINE                  ?                 'C6 H15 N2 O2 1' 147.195 
MET 'L-peptide linking' y METHIONINE              ?                 'C5 H11 N O2 S'  149.211 
NI  non-polymer         . 'NICKEL (II) ION'       ?                 'Ni 2'           58.693  
PEG non-polymer         . 'DI(HYDROXYETHYL)ETHER' ?                 'C4 H10 O3'      106.120 
PGE non-polymer         . 'TRIETHYLENE GLYCOL'    ?                 'C6 H14 O4'      150.173 
PHE 'L-peptide linking' y PHENYLALANINE           ?                 'C9 H11 N O2'    165.189 
PRO 'L-peptide linking' y PROLINE                 ?                 'C5 H9 N O2'     115.130 
SCN non-polymer         . 'THIOCYANATE ION'       ?                 'C N S -1'       58.082  
SER 'L-peptide linking' y SERINE                  ?                 'C3 H7 N O3'     105.093 
THR 'L-peptide linking' y THREONINE               ?                 'C4 H9 N O3'     119.119 
TYR 'L-peptide linking' y TYROSINE                ?                 'C9 H11 N O3'    181.189 
VAL 'L-peptide linking' y VALINE                  ?                 'C5 H11 N O2'    117.146 
# 
loop_
_pdbx_poly_seq_scheme.asym_id 
_pdbx_poly_seq_scheme.entity_id 
_pdbx_poly_seq_scheme.seq_id 
_pdbx_poly_seq_scheme.mon_id 
_pdbx_poly_seq_scheme.ndb_seq_num 
_pdbx_poly_seq_scheme.pdb_seq_num 
_pdbx_poly_seq_scheme.auth_seq_num 
_pdbx_poly_seq_scheme.pdb_mon_id 
_pdbx_poly_seq_scheme.auth_mon_id 
_pdbx_poly_seq_scheme.pdb_strand_id 
_pdbx_poly_seq_scheme.pdb_ins_code 
_pdbx_poly_seq_scheme.hetero 
A 1 1  MET 1  28  ?   ?   ?   A . n 
A 1 2  GLY 2  29  ?   ?   ?   A . n 
A 1 3  GLN 3  30  30  GLN GLN A . n 
A 1 4  GLN 4  31  31  GLN GLN A . n 
A 1 5  ILE 5  32  32  ILE ILE A . n 
A 1 6  THR 6  33  33  THR THR A . n 
A 1 7  VAL 7  34  34  VAL VAL A . n 
A 1 8  LYS 8  35  35  LYS LYS A . n 
A 1 9  GLY 9  36  36  GLY GLY A . n 
A 1 10 HIS 10 37  37  HIS HIS A . n 
A 1 11 VAL 11 38  38  VAL VAL A . n 
A 1 12 VAL 12 39  39  VAL VAL A . n 
A 1 13 ASP 13 40  40  ASP ASP A . n 
A 1 14 ALA 14 41  41  ALA ALA A . n 
A 1 15 THR 15 42  42  THR THR A . n 
A 1 16 GLY 16 43  43  GLY GLY A . n 
A 1 17 GLU 17 44  44  GLU GLU A . n 
A 1 18 PRO 18 45  45  PRO PRO A . n 
A 1 19 VAL 19 46  46  VAL VAL A . n 
A 1 20 ILE 20 47  47  ILE ILE A . n 
A 1 21 GLY 21 48  48  GLY GLY A . n 
A 1 22 ALA 22 49  49  ALA ALA A . n 
A 1 23 SER 23 50  50  SER SER A . n 
A 1 24 VAL 24 51  51  VAL VAL A . n 
A 1 25 ILE 25 52  52  ILE ILE A . n 
A 1 26 GLU 26 53  53  GLU GLU A . n 
A 1 27 GLY 27 54  54  GLY GLY A . n 
A 1 28 LYS 28 55  55  LYS LYS A . n 
A 1 29 SER 29 56  56  SER SER A . n 
A 1 30 THR 30 57  57  THR THR A . n 
A 1 31 ASN 31 58  58  ASN ASN A . n 
A 1 32 GLY 32 59  59  GLY GLY A . n 
A 1 33 THR 33 60  60  THR THR A . n 
A 1 34 ILE 34 61  61  ILE ILE A . n 
A 1 35 THR 35 62  62  THR THR A . n 
A 1 36 ASP 36 63  63  ASP ASP A . n 
A 1 37 ILE 37 64  64  ILE ILE A . n 
A 1 38 ASP 38 65  65  ASP ASP A . n 
A 1 39 GLY 39 66  66  GLY GLY A . n 
A 1 40 ASN 40 67  67  ASN ASN A . n 
A 1 41 PHE 41 68  68  PHE PHE A . n 
A 1 42 SER 42 69  69  SER SER A . n 
A 1 43 LEU 43 70  70  LEU LEU A . n 
A 1 44 ASN 44 71  71  ASN ASN A . n 
A 1 45 VAL 45 72  72  VAL VAL A . n 
A 1 46 SER 46 73  73  SER SER A . n 
A 1 47 ALA 47 74  74  ALA ALA A . n 
A 1 48 ASN 48 75  75  ASN ASN A . n 
A 1 49 SER 49 76  76  SER SER A . n 
A 1 50 ALA 50 77  77  ALA ALA A . n 
A 1 51 LEU 51 78  78  LEU LEU A . n 
A 1 52 THR 52 79  79  THR THR A . n 
A 1 53 ILE 53 80  80  ILE ILE A . n 
A 1 54 SER 54 81  81  SER SER A . n 
A 1 55 PHE 55 82  82  PHE PHE A . n 
A 1 56 VAL 56 83  83  VAL VAL A . n 
A 1 57 GLY 57 84  84  GLY GLY A . n 
A 1 58 TYR 58 85  85  TYR TYR A . n 
A 1 59 LYS 59 86  86  LYS LYS A . n 
A 1 60 THR 60 87  87  THR THR A . n 
A 1 61 GLN 61 88  88  GLN GLN A . n 
A 1 62 THR 62 89  89  THR THR A . n 
A 1 63 VAL 63 90  90  VAL VAL A . n 
A 1 64 SER 64 91  91  SER SER A . n 
A 1 65 VAL 65 92  92  VAL VAL A . n 
A 1 66 ASN 66 93  93  ASN ASN A . n 
A 1 67 GLY 67 94  94  GLY GLY A . n 
A 1 68 LYS 68 95  95  LYS LYS A . n 
A 1 69 THR 69 96  96  THR THR A . n 
A 1 70 ALA 70 97  97  ALA ALA A . n 
A 1 71 LEU 71 98  98  LEU LEU A . n 
A 1 72 LYS 72 99  99  LYS LYS A . n 
A 1 73 VAL 73 100 100 VAL VAL A . n 
A 1 74 THR 74 101 101 THR THR A . n 
A 1 75 LEU 75 102 102 LEU LEU A . n 
A 1 76 GLN 76 103 103 GLN GLN A . n 
A 1 77 GLU 77 104 104 GLU GLU A . n 
A 1 78 LEU 78 105 105 LEU LEU A . n 
A 1 79 GLU 79 106 106 GLU GLU A . n 
A 1 80 HIS 80 107 107 HIS HIS A . n 
A 1 81 HIS 81 108 108 HIS HIS A . n 
A 1 82 HIS 82 109 109 HIS HIS A . n 
A 1 83 HIS 83 110 ?   ?   ?   A . n 
A 1 84 HIS 84 111 ?   ?   ?   A . n 
A 1 85 HIS 85 112 ?   ?   ?   A . n 
# 
loop_
_pdbx_nonpoly_scheme.asym_id 
_pdbx_nonpoly_scheme.entity_id 
_pdbx_nonpoly_scheme.mon_id 
_pdbx_nonpoly_scheme.ndb_seq_num 
_pdbx_nonpoly_scheme.pdb_seq_num 
_pdbx_nonpoly_scheme.auth_seq_num 
_pdbx_nonpoly_scheme.pdb_mon_id 
_pdbx_nonpoly_scheme.auth_mon_id 
_pdbx_nonpoly_scheme.pdb_strand_id 
_pdbx_nonpoly_scheme.pdb_ins_code 
B 2 NI  1  201 111 NI  NI  A . 
C 3 SCN 1  202 113 SCN SCN A . 
D 4 EDO 1  203 115 EDO EDO A . 
E 3 SCN 1  204 116 SCN SCN A . 
F 4 EDO 1  205 119 EDO EDO A . 
G 5 PEG 1  206 120 PEG PEG A . 
H 3 SCN 1  207 121 SCN SCN A . 
I 6 PGE 1  208 122 PGE PGE A . 
J 3 SCN 1  209 123 SCN SCN A . 
K 7 HOH 1  301 79  HOH HOH A . 
K 7 HOH 2  302 85  HOH HOH A . 
K 7 HOH 3  303 76  HOH HOH A . 
K 7 HOH 4  304 17  HOH HOH A . 
K 7 HOH 5  305 42  HOH HOH A . 
K 7 HOH 6  306 4   HOH HOH A . 
K 7 HOH 7  307 38  HOH HOH A . 
K 7 HOH 8  308 50  HOH HOH A . 
K 7 HOH 9  309 16  HOH HOH A . 
K 7 HOH 10 310 53  HOH HOH A . 
K 7 HOH 11 311 20  HOH HOH A . 
K 7 HOH 12 312 25  HOH HOH A . 
K 7 HOH 13 313 41  HOH HOH A . 
K 7 HOH 14 314 71  HOH HOH A . 
K 7 HOH 15 315 5   HOH HOH A . 
K 7 HOH 16 316 23  HOH HOH A . 
K 7 HOH 17 317 8   HOH HOH A . 
K 7 HOH 18 318 68  HOH HOH A . 
K 7 HOH 19 319 63  HOH HOH A . 
K 7 HOH 20 320 2   HOH HOH A . 
K 7 HOH 21 321 7   HOH HOH A . 
K 7 HOH 22 322 65  HOH HOH A . 
K 7 HOH 23 323 57  HOH HOH A . 
K 7 HOH 24 324 48  HOH HOH A . 
K 7 HOH 25 325 60  HOH HOH A . 
K 7 HOH 26 326 45  HOH HOH A . 
K 7 HOH 27 327 39  HOH HOH A . 
K 7 HOH 28 328 11  HOH HOH A . 
K 7 HOH 29 329 52  HOH HOH A . 
K 7 HOH 30 330 66  HOH HOH A . 
K 7 HOH 31 331 22  HOH HOH A . 
K 7 HOH 32 332 56  HOH HOH A . 
K 7 HOH 33 333 62  HOH HOH A . 
K 7 HOH 34 334 14  HOH HOH A . 
K 7 HOH 35 335 19  HOH HOH A . 
K 7 HOH 36 336 26  HOH HOH A . 
K 7 HOH 37 337 13  HOH HOH A . 
K 7 HOH 38 338 46  HOH HOH A . 
K 7 HOH 39 339 18  HOH HOH A . 
K 7 HOH 40 340 80  HOH HOH A . 
K 7 HOH 41 341 35  HOH HOH A . 
K 7 HOH 42 342 32  HOH HOH A . 
K 7 HOH 43 343 36  HOH HOH A . 
K 7 HOH 44 344 64  HOH HOH A . 
K 7 HOH 45 345 37  HOH HOH A . 
K 7 HOH 46 346 74  HOH HOH A . 
K 7 HOH 47 347 1   HOH HOH A . 
K 7 HOH 48 348 15  HOH HOH A . 
K 7 HOH 49 349 29  HOH HOH A . 
K 7 HOH 50 350 83  HOH HOH A . 
K 7 HOH 51 351 6   HOH HOH A . 
K 7 HOH 52 352 33  HOH HOH A . 
K 7 HOH 53 353 75  HOH HOH A . 
K 7 HOH 54 354 82  HOH HOH A . 
K 7 HOH 55 355 58  HOH HOH A . 
K 7 HOH 56 356 61  HOH HOH A . 
K 7 HOH 57 357 30  HOH HOH A . 
K 7 HOH 58 358 59  HOH HOH A . 
K 7 HOH 59 359 31  HOH HOH A . 
K 7 HOH 60 360 70  HOH HOH A . 
K 7 HOH 61 361 47  HOH HOH A . 
K 7 HOH 62 362 9   HOH HOH A . 
K 7 HOH 63 363 12  HOH HOH A . 
K 7 HOH 64 364 73  HOH HOH A . 
K 7 HOH 65 365 21  HOH HOH A . 
K 7 HOH 66 366 24  HOH HOH A . 
K 7 HOH 67 367 3   HOH HOH A . 
K 7 HOH 68 368 84  HOH HOH A . 
K 7 HOH 69 369 55  HOH HOH A . 
K 7 HOH 70 370 27  HOH HOH A . 
K 7 HOH 71 371 10  HOH HOH A . 
K 7 HOH 72 372 34  HOH HOH A . 
K 7 HOH 73 373 49  HOH HOH A . 
K 7 HOH 74 374 44  HOH HOH A . 
K 7 HOH 75 375 81  HOH HOH A . 
K 7 HOH 76 376 43  HOH HOH A . 
K 7 HOH 77 377 40  HOH HOH A . 
K 7 HOH 78 378 51  HOH HOH A . 
K 7 HOH 79 379 78  HOH HOH A . 
K 7 HOH 80 380 54  HOH HOH A . 
K 7 HOH 81 381 72  HOH HOH A . 
K 7 HOH 82 382 28  HOH HOH A . 
K 7 HOH 83 383 69  HOH HOH A . 
K 7 HOH 84 384 67  HOH HOH A . 
K 7 HOH 85 385 77  HOH HOH A . 
# 
loop_
_software.citation_id 
_software.classification 
_software.compiler_name 
_software.compiler_version 
_software.contact_author 
_software.contact_author_email 
_software.date 
_software.description 
_software.dependencies 
_software.hardware 
_software.language 
_software.location 
_software.mods 
_software.name 
_software.os 
_software.os_version 
_software.type 
_software.version 
_software.pdbx_ordinal 
? refinement        ? ? ? ? ? ? ? ? ? ? ? REFMAC  ? ? ? '5.8.0430 (refmacat 0.4.88)' 1 
? refinement        ? ? ? ? ? ? ? ? ? ? ? REFMAC  ? ? ? '5.8.0430 (refmacat 0.4.88)' 2 
? 'data scaling'    ? ? ? ? ? ? ? ? ? ? ? Aimless ? ? ? .                            3 
? 'data collection' ? ? ? ? ? ? ? ? ? ? ? DIALS   ? ? ? .                            4 
? phasing           ? ? ? ? ? ? ? ? ? ? ? PHASER  ? ? ? .                            5 
? 'model building'  ? ? ? ? ? ? ? ? ? ? ? Coot    ? ? ? .                            6 
# 
_cell.angle_alpha                  90 
_cell.angle_alpha_esd              ? 
_cell.angle_beta                   90 
_cell.angle_beta_esd               ? 
_cell.angle_gamma                  120 
_cell.angle_gamma_esd              ? 
_cell.entry_id                     9HFJ 
_cell.details                      ? 
_cell.formula_units_Z              ? 
_cell.length_a                     62.084 
_cell.length_a_esd                 ? 
_cell.length_b                     62.084 
_cell.length_b_esd                 ? 
_cell.length_c                     53.202 
_cell.length_c_esd                 ? 
_cell.volume                       ? 
_cell.volume_esd                   ? 
_cell.Z_PDB                        9 
_cell.reciprocal_angle_alpha       ? 
_cell.reciprocal_angle_beta        ? 
_cell.reciprocal_angle_gamma       ? 
_cell.reciprocal_angle_alpha_esd   ? 
_cell.reciprocal_angle_beta_esd    ? 
_cell.reciprocal_angle_gamma_esd   ? 
_cell.reciprocal_length_a          ? 
_cell.reciprocal_length_b          ? 
_cell.reciprocal_length_c          ? 
_cell.reciprocal_length_a_esd      ? 
_cell.reciprocal_length_b_esd      ? 
_cell.reciprocal_length_c_esd      ? 
_cell.pdbx_unique_axis             ? 
_cell.pdbx_esd_method              ? 
# 
_symmetry.entry_id                         9HFJ 
_symmetry.cell_setting                     ? 
_symmetry.Int_Tables_number                146 
_symmetry.space_group_name_Hall            ? 
_symmetry.space_group_name_H-M             'H 3' 
_symmetry.pdbx_full_space_group_name_H-M   ? 
# 
_exptl.absorpt_coefficient_mu     ? 
_exptl.absorpt_correction_T_max   ? 
_exptl.absorpt_correction_T_min   ? 
_exptl.absorpt_correction_type    ? 
_exptl.absorpt_process_details    ? 
_exptl.entry_id                   9HFJ 
_exptl.crystals_number            1 
_exptl.details                    ? 
_exptl.method                     'X-RAY DIFFRACTION' 
_exptl.method_details             ? 
# 
_exptl_crystal.colour                       ? 
_exptl_crystal.density_diffrn               ? 
_exptl_crystal.density_Matthews             2.20 
_exptl_crystal.density_method               ? 
_exptl_crystal.density_percent_sol          43.98 
_exptl_crystal.description                  ? 
_exptl_crystal.F_000                        ? 
_exptl_crystal.id                           1 
_exptl_crystal.preparation                  ? 
_exptl_crystal.size_max                     ? 
_exptl_crystal.size_mid                     ? 
_exptl_crystal.size_min                     ? 
_exptl_crystal.size_rad                     ? 
_exptl_crystal.colour_lustre                ? 
_exptl_crystal.colour_modifier              ? 
_exptl_crystal.colour_primary               ? 
_exptl_crystal.density_meas                 ? 
_exptl_crystal.density_meas_esd             ? 
_exptl_crystal.density_meas_gt              ? 
_exptl_crystal.density_meas_lt              ? 
_exptl_crystal.density_meas_temp            ? 
_exptl_crystal.density_meas_temp_esd        ? 
_exptl_crystal.density_meas_temp_gt         ? 
_exptl_crystal.density_meas_temp_lt         ? 
_exptl_crystal.pdbx_crystal_image_url       ? 
_exptl_crystal.pdbx_crystal_image_format    ? 
_exptl_crystal.pdbx_mosaicity               ? 
_exptl_crystal.pdbx_mosaicity_esd           ? 
_exptl_crystal.pdbx_mosaic_method           ? 
_exptl_crystal.pdbx_mosaic_block_size       ? 
_exptl_crystal.pdbx_mosaic_block_size_esd   ? 
# 
_exptl_crystal_grow.apparatus       ? 
_exptl_crystal_grow.atmosphere      ? 
_exptl_crystal_grow.crystal_id      1 
_exptl_crystal_grow.details         ? 
_exptl_crystal_grow.method          'VAPOR DIFFUSION, SITTING DROP' 
_exptl_crystal_grow.method_ref      ? 
_exptl_crystal_grow.pH              ? 
_exptl_crystal_grow.pressure        ? 
_exptl_crystal_grow.pressure_esd    ? 
_exptl_crystal_grow.seeding         ? 
_exptl_crystal_grow.seeding_ref     ? 
_exptl_crystal_grow.temp_details    ? 
_exptl_crystal_grow.temp_esd        ? 
_exptl_crystal_grow.time            ? 
_exptl_crystal_grow.pdbx_details    '0.1 M Potassium thiocyanate, 30% w/v Polyethylene glycol monomethyl ether 2,000' 
_exptl_crystal_grow.pdbx_pH_range   ? 
_exptl_crystal_grow.temp            293 
# 
_diffrn.ambient_environment              ? 
_diffrn.ambient_temp                     100 
_diffrn.ambient_temp_details             ? 
_diffrn.ambient_temp_esd                 ? 
_diffrn.crystal_id                       1 
_diffrn.crystal_support                  ? 
_diffrn.crystal_treatment                ? 
_diffrn.details                          ? 
_diffrn.id                               1 
_diffrn.ambient_pressure                 ? 
_diffrn.ambient_pressure_esd             ? 
_diffrn.ambient_pressure_gt              ? 
_diffrn.ambient_pressure_lt              ? 
_diffrn.ambient_temp_gt                  ? 
_diffrn.ambient_temp_lt                  ? 
_diffrn.pdbx_serial_crystal_experiment   N 
# 
_diffrn_detector.details                      ? 
_diffrn_detector.detector                     PIXEL 
_diffrn_detector.diffrn_id                    1 
_diffrn_detector.type                         'DECTRIS PILATUS 6M' 
_diffrn_detector.area_resol_mean              ? 
_diffrn_detector.dtime                        ? 
_diffrn_detector.pdbx_frames_total            ? 
_diffrn_detector.pdbx_collection_time_total   ? 
_diffrn_detector.pdbx_collection_date         2022-09-18 
_diffrn_detector.pdbx_frequency               ? 
_diffrn_detector.id                           ? 
_diffrn_detector.number_of_axes               ? 
# 
_diffrn_radiation.collimation                      ? 
_diffrn_radiation.diffrn_id                        1 
_diffrn_radiation.filter_edge                      ? 
_diffrn_radiation.inhomogeneity                    ? 
_diffrn_radiation.monochromator                    ? 
_diffrn_radiation.polarisn_norm                    ? 
_diffrn_radiation.polarisn_ratio                   ? 
_diffrn_radiation.probe                            ? 
_diffrn_radiation.type                             ? 
_diffrn_radiation.xray_symbol                      ? 
_diffrn_radiation.wavelength_id                    1 
_diffrn_radiation.pdbx_monochromatic_or_laue_m_l   M 
_diffrn_radiation.pdbx_wavelength_list             ? 
_diffrn_radiation.pdbx_wavelength                  ? 
_diffrn_radiation.pdbx_diffrn_protocol             'SINGLE WAVELENGTH' 
_diffrn_radiation.pdbx_analyzer                    ? 
_diffrn_radiation.pdbx_scattering_type             x-ray 
# 
_diffrn_radiation_wavelength.id           1 
_diffrn_radiation_wavelength.wavelength   0.89844 
_diffrn_radiation_wavelength.wt           1.0 
# 
_diffrn_source.current                     ? 
_diffrn_source.details                     ? 
_diffrn_source.diffrn_id                   1 
_diffrn_source.power                       ? 
_diffrn_source.size                        ? 
_diffrn_source.source                      SYNCHROTRON 
_diffrn_source.target                      ? 
_diffrn_source.type                        'DIAMOND BEAMLINE I04' 
_diffrn_source.voltage                     ? 
_diffrn_source.take-off_angle              ? 
_diffrn_source.pdbx_wavelength_list        0.89844 
_diffrn_source.pdbx_wavelength             ? 
_diffrn_source.pdbx_synchrotron_beamline   I04 
_diffrn_source.pdbx_synchrotron_site       Diamond 
# 
_reflns.B_iso_Wilson_estimate                          ? 
_reflns.entry_id                                       9HFJ 
_reflns.data_reduction_details                         ? 
_reflns.data_reduction_method                          ? 
_reflns.d_resolution_high                              1.40 
_reflns.d_resolution_low                               23.99 
_reflns.details                                        ? 
_reflns.limit_h_max                                    ? 
_reflns.limit_h_min                                    ? 
_reflns.limit_k_max                                    ? 
_reflns.limit_k_min                                    ? 
_reflns.limit_l_max                                    ? 
_reflns.limit_l_min                                    ? 
_reflns.number_all                                     ? 
_reflns.number_obs                                     15041 
_reflns.observed_criterion                             ? 
_reflns.observed_criterion_F_max                       ? 
_reflns.observed_criterion_F_min                       ? 
_reflns.observed_criterion_I_max                       ? 
_reflns.observed_criterion_I_min                       ? 
_reflns.observed_criterion_sigma_F                     ? 
_reflns.observed_criterion_sigma_I                     ? 
_reflns.percent_possible_obs                           99.7 
_reflns.R_free_details                                 ? 
_reflns.Rmerge_F_all                                   ? 
_reflns.Rmerge_F_obs                                   ? 
_reflns.Friedel_coverage                               ? 
_reflns.number_gt                                      ? 
_reflns.threshold_expression                           ? 
_reflns.pdbx_redundancy                                9.8 
_reflns.pdbx_netI_over_av_sigmaI                       ? 
_reflns.pdbx_netI_over_sigmaI                          21.4 
_reflns.pdbx_res_netI_over_av_sigmaI_2                 ? 
_reflns.pdbx_res_netI_over_sigmaI_2                    ? 
_reflns.pdbx_chi_squared                               0.91 
_reflns.pdbx_scaling_rejects                           ? 
_reflns.pdbx_d_res_high_opt                            ? 
_reflns.pdbx_d_res_low_opt                             ? 
_reflns.pdbx_d_res_opt_method                          ? 
_reflns.phase_calculation_details                      ? 
_reflns.pdbx_Rrim_I_all                                0.051 
_reflns.pdbx_Rpim_I_all                                0.022 
_reflns.pdbx_d_opt                                     ? 
_reflns.pdbx_number_measured_all                       ? 
_reflns.pdbx_diffrn_id                                 1 
_reflns.pdbx_ordinal                                   1 
_reflns.pdbx_CC_half                                   1.000 
_reflns.pdbx_CC_star                                   ? 
_reflns.pdbx_R_split                                   ? 
_reflns.pdbx_Rmerge_I_obs                              0.046 
_reflns.pdbx_Rmerge_I_all                              ? 
_reflns.pdbx_Rsym_value                                ? 
_reflns.pdbx_CC_split_method                           ? 
_reflns.pdbx_aniso_diffraction_limit_axis_1_ortho[1]   ? 
_reflns.pdbx_aniso_diffraction_limit_axis_1_ortho[2]   ? 
_reflns.pdbx_aniso_diffraction_limit_axis_1_ortho[3]   ? 
_reflns.pdbx_aniso_diffraction_limit_axis_2_ortho[1]   ? 
_reflns.pdbx_aniso_diffraction_limit_axis_2_ortho[2]   ? 
_reflns.pdbx_aniso_diffraction_limit_axis_2_ortho[3]   ? 
_reflns.pdbx_aniso_diffraction_limit_axis_3_ortho[1]   ? 
_reflns.pdbx_aniso_diffraction_limit_axis_3_ortho[2]   ? 
_reflns.pdbx_aniso_diffraction_limit_axis_3_ortho[3]   ? 
_reflns.pdbx_aniso_diffraction_limit_1                 ? 
_reflns.pdbx_aniso_diffraction_limit_2                 ? 
_reflns.pdbx_aniso_diffraction_limit_3                 ? 
_reflns.pdbx_aniso_B_tensor_eigenvector_1_ortho[1]     ? 
_reflns.pdbx_aniso_B_tensor_eigenvector_1_ortho[2]     ? 
_reflns.pdbx_aniso_B_tensor_eigenvector_1_ortho[3]     ? 
_reflns.pdbx_aniso_B_tensor_eigenvector_2_ortho[1]     ? 
_reflns.pdbx_aniso_B_tensor_eigenvector_2_ortho[2]     ? 
_reflns.pdbx_aniso_B_tensor_eigenvector_2_ortho[3]     ? 
_reflns.pdbx_aniso_B_tensor_eigenvector_3_ortho[1]     ? 
_reflns.pdbx_aniso_B_tensor_eigenvector_3_ortho[2]     ? 
_reflns.pdbx_aniso_B_tensor_eigenvector_3_ortho[3]     ? 
_reflns.pdbx_aniso_B_tensor_eigenvalue_1               ? 
_reflns.pdbx_aniso_B_tensor_eigenvalue_2               ? 
_reflns.pdbx_aniso_B_tensor_eigenvalue_3               ? 
_reflns.pdbx_orthogonalization_convention              ? 
_reflns.pdbx_percent_possible_ellipsoidal              ? 
_reflns.pdbx_percent_possible_spherical                ? 
_reflns.pdbx_percent_possible_ellipsoidal_anomalous    ? 
_reflns.pdbx_percent_possible_spherical_anomalous      ? 
_reflns.pdbx_redundancy_anomalous                      ? 
_reflns.pdbx_CC_half_anomalous                         ? 
_reflns.pdbx_absDiff_over_sigma_anomalous              ? 
_reflns.pdbx_percent_possible_anomalous                ? 
_reflns.pdbx_observed_signal_threshold                 ? 
_reflns.pdbx_signal_type                               ? 
_reflns.pdbx_signal_details                            ? 
_reflns.pdbx_signal_software_id                        ? 
# 
loop_
_reflns_shell.d_res_high 
_reflns_shell.d_res_low 
_reflns_shell.meanI_over_sigI_all 
_reflns_shell.meanI_over_sigI_obs 
_reflns_shell.number_measured_all 
_reflns_shell.number_measured_obs 
_reflns_shell.number_possible 
_reflns_shell.number_unique_all 
_reflns_shell.number_unique_obs 
_reflns_shell.percent_possible_obs 
_reflns_shell.Rmerge_F_all 
_reflns_shell.Rmerge_F_obs 
_reflns_shell.meanI_over_sigI_gt 
_reflns_shell.meanI_over_uI_all 
_reflns_shell.meanI_over_uI_gt 
_reflns_shell.number_measured_gt 
_reflns_shell.number_unique_gt 
_reflns_shell.percent_possible_gt 
_reflns_shell.Rmerge_F_gt 
_reflns_shell.Rmerge_I_gt 
_reflns_shell.pdbx_redundancy 
_reflns_shell.pdbx_chi_squared 
_reflns_shell.pdbx_netI_over_sigmaI_all 
_reflns_shell.pdbx_netI_over_sigmaI_obs 
_reflns_shell.pdbx_Rrim_I_all 
_reflns_shell.pdbx_Rpim_I_all 
_reflns_shell.pdbx_rejects 
_reflns_shell.pdbx_ordinal 
_reflns_shell.pdbx_diffrn_id 
_reflns_shell.pdbx_CC_half 
_reflns_shell.pdbx_CC_star 
_reflns_shell.pdbx_R_split 
_reflns_shell.percent_possible_all 
_reflns_shell.Rmerge_I_all 
_reflns_shell.Rmerge_I_obs 
_reflns_shell.pdbx_Rsym_value 
_reflns_shell.pdbx_percent_possible_ellipsoidal 
_reflns_shell.pdbx_percent_possible_spherical 
_reflns_shell.pdbx_percent_possible_ellipsoidal_anomalous 
_reflns_shell.pdbx_percent_possible_spherical_anomalous 
_reflns_shell.pdbx_redundancy_anomalous 
_reflns_shell.pdbx_CC_half_anomalous 
_reflns_shell.pdbx_absDiff_over_sigma_anomalous 
_reflns_shell.pdbx_percent_possible_anomalous 
7.54 23.99 ? 91.3 ? ? ? ? 97  ? ? ? ? ? ? ? ? ? ? ? 11.1 1.14 ? ? 0.027 0.011 ? 1 ? 0.999 ? ? 97.6 ? 0.024 ? ? ? ? ? ? ? ? ? 
1.40 1.42  ? 1.8  ? ? ? ? 768 ? ? ? ? ? ? ? ? ? ? ? 5.2  0.68 ? ? 0.782 0.451 ? 2 ? 0.712 ? ? 96.7 ? 0.632 ? ? ? ? ? ? ? ? ? 
# 
_refine.aniso_B[1][1]                            0.218 
_refine.aniso_B[1][2]                            0.109 
_refine.aniso_B[1][3]                            -0.000 
_refine.aniso_B[2][2]                            0.218 
_refine.aniso_B[2][3]                            0.000 
_refine.aniso_B[3][3]                            -0.707 
_refine.B_iso_max                                ? 
_refine.B_iso_mean                               22.406 
_refine.B_iso_min                                ? 
_refine.correlation_coeff_Fo_to_Fc               0.968 
_refine.correlation_coeff_Fo_to_Fc_free          0.962 
_refine.details                                  'Hydrogens have not been used' 
_refine.diff_density_max                         ? 
_refine.diff_density_max_esd                     ? 
_refine.diff_density_min                         ? 
_refine.diff_density_min_esd                     ? 
_refine.diff_density_rms                         ? 
_refine.diff_density_rms_esd                     ? 
_refine.entry_id                                 9HFJ 
_refine.pdbx_refine_id                           'X-RAY DIFFRACTION' 
_refine.ls_abs_structure_details                 ? 
_refine.ls_abs_structure_Flack                   ? 
_refine.ls_abs_structure_Flack_esd               ? 
_refine.ls_abs_structure_Rogers                  ? 
_refine.ls_abs_structure_Rogers_esd              ? 
_refine.ls_d_res_high                            1.400 
_refine.ls_d_res_low                             23.99 
_refine.ls_extinction_coef                       ? 
_refine.ls_extinction_coef_esd                   ? 
_refine.ls_extinction_expression                 ? 
_refine.ls_extinction_method                     ? 
_refine.ls_goodness_of_fit_all                   ? 
_refine.ls_goodness_of_fit_all_esd               ? 
_refine.ls_goodness_of_fit_obs                   ? 
_refine.ls_goodness_of_fit_obs_esd               ? 
_refine.ls_hydrogen_treatment                    ? 
_refine.ls_matrix_type                           ? 
_refine.ls_number_constraints                    ? 
_refine.ls_number_parameters                     ? 
_refine.ls_number_reflns_all                     ? 
_refine.ls_number_reflns_obs                     15038 
_refine.ls_number_reflns_R_free                  773 
_refine.ls_number_reflns_R_work                  14265 
_refine.ls_number_restraints                     ? 
_refine.ls_percent_reflns_obs                    99.735 
_refine.ls_percent_reflns_R_free                 5.140 
_refine.ls_R_factor_all                          0.176 
_refine.ls_R_factor_obs                          ? 
_refine.ls_R_factor_R_free                       0.2064 
_refine.ls_R_factor_R_free_error                 ? 
_refine.ls_R_factor_R_free_error_details         ? 
_refine.ls_R_factor_R_work                       0.1749 
_refine.ls_R_Fsqd_factor_obs                     ? 
_refine.ls_R_I_factor_obs                        ? 
_refine.ls_redundancy_reflns_all                 ? 
_refine.ls_redundancy_reflns_obs                 ? 
_refine.ls_restrained_S_all                      ? 
_refine.ls_restrained_S_obs                      ? 
_refine.ls_shift_over_esd_max                    ? 
_refine.ls_shift_over_esd_mean                   ? 
_refine.ls_structure_factor_coef                 ? 
_refine.ls_weighting_details                     ? 
_refine.ls_weighting_scheme                      ? 
_refine.ls_wR_factor_all                         ? 
_refine.ls_wR_factor_obs                         ? 
_refine.ls_wR_factor_R_free                      ? 
_refine.ls_wR_factor_R_work                      ? 
_refine.occupancy_max                            ? 
_refine.occupancy_min                            ? 
_refine.solvent_model_details                    'MASK BULK SOLVENT' 
_refine.solvent_model_param_bsol                 ? 
_refine.solvent_model_param_ksol                 ? 
_refine.pdbx_R_complete                          ? 
_refine.ls_R_factor_gt                           ? 
_refine.ls_goodness_of_fit_gt                    ? 
_refine.ls_goodness_of_fit_ref                   ? 
_refine.ls_shift_over_su_max                     ? 
_refine.ls_shift_over_su_max_lt                  ? 
_refine.ls_shift_over_su_mean                    ? 
_refine.ls_shift_over_su_mean_lt                 ? 
_refine.pdbx_ls_sigma_I                          ? 
_refine.pdbx_ls_sigma_F                          ? 
_refine.pdbx_ls_sigma_Fsqd                       ? 
_refine.pdbx_data_cutoff_high_absF               ? 
_refine.pdbx_data_cutoff_high_rms_absF           ? 
_refine.pdbx_data_cutoff_low_absF                ? 
_refine.pdbx_isotropic_thermal_model             ? 
_refine.pdbx_ls_cross_valid_method               'FREE R-VALUE' 
_refine.pdbx_method_to_determine_struct          'MOLECULAR REPLACEMENT' 
_refine.pdbx_starting_model                      ? 
_refine.pdbx_stereochemistry_target_values       ? 
_refine.pdbx_R_Free_selection_details            ? 
_refine.pdbx_stereochem_target_val_spec_case     ? 
_refine.pdbx_overall_ESU_R                       0.063 
_refine.pdbx_overall_ESU_R_Free                  0.066 
_refine.pdbx_solvent_vdw_probe_radii             1.200 
_refine.pdbx_solvent_ion_probe_radii             0.800 
_refine.pdbx_solvent_shrinkage_radii             0.800 
_refine.pdbx_real_space_R                        ? 
_refine.pdbx_density_correlation                 ? 
_refine.pdbx_pd_number_of_powder_patterns        ? 
_refine.pdbx_pd_number_of_points                 ? 
_refine.pdbx_pd_meas_number_of_points            ? 
_refine.pdbx_pd_proc_ls_prof_R_factor            ? 
_refine.pdbx_pd_proc_ls_prof_wR_factor           ? 
_refine.pdbx_pd_Marquardt_correlation_coeff      ? 
_refine.pdbx_pd_Fsqrd_R_factor                   ? 
_refine.pdbx_pd_ls_matrix_band_width             ? 
_refine.pdbx_overall_phase_error                 ? 
_refine.pdbx_overall_SU_R_free_Cruickshank_DPI   ? 
_refine.pdbx_overall_SU_R_free_Blow_DPI          ? 
_refine.pdbx_overall_SU_R_Blow_DPI               ? 
_refine.pdbx_TLS_residual_ADP_flag               ? 
_refine.pdbx_diffrn_id                           1 
_refine.overall_SU_B                             1.169 
_refine.overall_SU_ML                            0.046 
_refine.overall_SU_R_Cruickshank_DPI             ? 
_refine.overall_SU_R_free                        ? 
_refine.overall_FOM_free_R_set                   ? 
_refine.overall_FOM_work_R_set                   ? 
_refine.pdbx_average_fsc_overall                 ? 
_refine.pdbx_average_fsc_work                    ? 
_refine.pdbx_average_fsc_free                    ? 
# 
_refine_hist.pdbx_refine_id                   'X-RAY DIFFRACTION' 
_refine_hist.cycle_id                         LAST 
_refine_hist.details                          ? 
_refine_hist.d_res_high                       1.400 
_refine_hist.d_res_low                        23.99 
_refine_hist.number_atoms_solvent             85 
_refine_hist.number_atoms_total               713 
_refine_hist.number_reflns_all                ? 
_refine_hist.number_reflns_obs                ? 
_refine_hist.number_reflns_R_free             ? 
_refine_hist.number_reflns_R_work             ? 
_refine_hist.R_factor_all                     ? 
_refine_hist.R_factor_obs                     ? 
_refine_hist.R_factor_R_free                  ? 
_refine_hist.R_factor_R_work                  ? 
_refine_hist.pdbx_number_residues_total       ? 
_refine_hist.pdbx_B_iso_mean_ligand           ? 
_refine_hist.pdbx_B_iso_mean_solvent          ? 
_refine_hist.pdbx_number_atoms_protein        590 
_refine_hist.pdbx_number_atoms_nucleic_acid   0 
_refine_hist.pdbx_number_atoms_ligand         38 
_refine_hist.pdbx_number_atoms_lipid          ? 
_refine_hist.pdbx_number_atoms_carb           ? 
_refine_hist.pdbx_pseudo_atom_details         ? 
# 
loop_
_refine_ls_restr.pdbx_refine_id 
_refine_ls_restr.criterion 
_refine_ls_restr.dev_ideal 
_refine_ls_restr.dev_ideal_target 
_refine_ls_restr.number 
_refine_ls_restr.rejects 
_refine_ls_restr.type 
_refine_ls_restr.weight 
_refine_ls_restr.pdbx_restraint_function 
'X-RAY DIFFRACTION' ? 0.012  0.012  640 ? r_bond_refined_d               ? ? 
'X-RAY DIFFRACTION' ? 2.195  1.788  854 ? r_angle_refined_deg            ? ? 
'X-RAY DIFFRACTION' ? 6.845  5.000  83  ? r_dihedral_angle_1_deg         ? ? 
'X-RAY DIFFRACTION' ? 10.747 10.000 105 ? r_dihedral_angle_3_deg         ? ? 
'X-RAY DIFFRACTION' ? 16.478 10.000 23  ? r_dihedral_angle_6_deg         ? ? 
'X-RAY DIFFRACTION' ? 0.108  0.200  105 ? r_chiral_restr                 ? ? 
'X-RAY DIFFRACTION' ? 0.010  0.020  446 ? r_gen_planes_refined           ? ? 
'X-RAY DIFFRACTION' ? 0.210  0.200  242 ? r_nbd_refined                  ? ? 
'X-RAY DIFFRACTION' ? 0.298  0.200  425 ? r_nbtor_refined                ? ? 
'X-RAY DIFFRACTION' ? 0.215  0.200  55  ? r_xyhbond_nbd_refined          ? ? 
'X-RAY DIFFRACTION' ? 0.362  0.200  78  ? r_symmetry_nbd_refined         ? ? 
'X-RAY DIFFRACTION' ? 0.215  0.200  21  ? r_symmetry_xyhbond_nbd_refined ? ? 
'X-RAY DIFFRACTION' ? 1.710  1.722  330 ? r_mcbond_it                    ? ? 
'X-RAY DIFFRACTION' ? 2.337  2.981  408 ? r_mcangle_it                   ? ? 
'X-RAY DIFFRACTION' ? 3.602  2.353  310 ? r_scbond_it                    ? ? 
'X-RAY DIFFRACTION' ? 4.928  3.965  445 ? r_scangle_it                   ? ? 
'X-RAY DIFFRACTION' ? 8.880  31.568 965 ? r_lrange_it                    ? ? 
# 
loop_
_refine_ls_shell.pdbx_refine_id 
_refine_ls_shell.d_res_high 
_refine_ls_shell.d_res_low 
_refine_ls_shell.number_reflns_all 
_refine_ls_shell.number_reflns_obs 
_refine_ls_shell.number_reflns_R_free 
_refine_ls_shell.number_reflns_R_work 
_refine_ls_shell.percent_reflns_obs 
_refine_ls_shell.percent_reflns_R_free 
_refine_ls_shell.R_factor_all 
_refine_ls_shell.R_factor_obs 
_refine_ls_shell.R_factor_R_free_error 
_refine_ls_shell.R_factor_R_work 
_refine_ls_shell.redundancy_reflns_all 
_refine_ls_shell.redundancy_reflns_obs 
_refine_ls_shell.wR_factor_all 
_refine_ls_shell.wR_factor_obs 
_refine_ls_shell.wR_factor_R_free 
_refine_ls_shell.wR_factor_R_work 
_refine_ls_shell.pdbx_R_complete 
_refine_ls_shell.pdbx_total_number_of_bins_used 
_refine_ls_shell.pdbx_phase_error 
_refine_ls_shell.pdbx_fsc_work 
_refine_ls_shell.pdbx_fsc_free 
_refine_ls_shell.R_factor_R_free 
'X-RAY DIFFRACTION' 1.400 1.436 1136 . 69 1031 96.8310  . 0.265 . . 0.263 . . . . . 0.251 . 20 . 0.958 0.950 0.289 
'X-RAY DIFFRACTION' 1.436 1.476 1081 . 46 1034 99.9075  . 0.246 . . 0.245 . . . . . 0.229 . 20 . 0.966 0.955 0.277 
'X-RAY DIFFRACTION' 1.476 1.518 1047 . 47 1000 100.0000 . 0.221 . . 0.217 . . . . . 0.196 . 20 . 0.973 0.941 0.296 
'X-RAY DIFFRACTION' 1.518 1.565 1000 . 45 955  100.0000 . 0.197 . . 0.195 . . . . . 0.171 . 20 . 0.977 0.967 0.240 
'X-RAY DIFFRACTION' 1.565 1.616 1010 . 58 952  100.0000 . 0.195 . . 0.194 . . . . . 0.173 . 20 . 0.977 0.974 0.211 
'X-RAY DIFFRACTION' 1.616 1.672 969  . 55 914  100.0000 . 0.187 . . 0.186 . . . . . 0.167 . 20 . 0.979 0.972 0.203 
'X-RAY DIFFRACTION' 1.672 1.735 931  . 65 866  100.0000 . 0.177 . . 0.172 . . . . . 0.156 . 20 . 0.982 0.962 0.255 
'X-RAY DIFFRACTION' 1.735 1.806 883  . 44 839  100.0000 . 0.170 . . 0.165 . . . . . 0.149 . 20 . 0.983 0.964 0.273 
'X-RAY DIFFRACTION' 1.806 1.885 853  . 47 806  100.0000 . 0.167 . . 0.166 . . . . . 0.153 . 20 . 0.983 0.978 0.177 
'X-RAY DIFFRACTION' 1.885 1.977 805  . 30 775  100.0000 . 0.160 . . 0.159 . . . . . 0.150 . 20 . 0.986 0.979 0.194 
'X-RAY DIFFRACTION' 1.977 2.083 789  . 40 749  100.0000 . 0.164 . . 0.161 . . . . . 0.154 . 20 . 0.987 0.976 0.205 
'X-RAY DIFFRACTION' 2.083 2.208 737  . 54 683  100.0000 . 0.176 . . 0.175 . . . . . 0.168 . 20 . 0.984 0.981 0.193 
'X-RAY DIFFRACTION' 2.208 2.359 689  . 32 657  100.0000 . 0.166 . . 0.164 . . . . . 0.159 . 20 . 0.984 0.978 0.210 
'X-RAY DIFFRACTION' 2.359 2.546 641  . 41 600  100.0000 . 0.169 . . 0.167 . . . . . 0.164 . 20 . 0.982 0.973 0.201 
'X-RAY DIFFRACTION' 2.546 2.786 584  . 24 560  100.0000 . 0.184 . . 0.181 . . . . . 0.176 . 20 . 0.981 0.960 0.259 
'X-RAY DIFFRACTION' 2.786 3.110 548  . 17 531  100.0000 . 0.176 . . 0.175 . . . . . 0.172 . 20 . 0.981 0.980 0.209 
'X-RAY DIFFRACTION' 3.110 3.581 477  . 22 455  100.0000 . 0.170 . . 0.171 . . . . . 0.171 . 20 . 0.982 0.985 0.152 
'X-RAY DIFFRACTION' 3.581 4.361 401  . 27 374  100.0000 . 0.152 . . 0.150 . . . . . 0.153 . 20 . 0.985 0.976 0.184 
'X-RAY DIFFRACTION' 4.361 6.068 306  . 8  298  100.0000 . 0.166 . . 0.166 . . . . . 0.169 . 20 . 0.982 0.982 0.186 
'X-RAY DIFFRACTION' 6.068 23.99 188  . 2  186  100.0000 . 0.217 . . 0.215 . . . . . 0.216 . 20 . 0.975 0.997 0.396 
# 
_struct.entry_id                     9HFJ 
_struct.title                        'Crystal structure of the NTE domain of SusCdex (BT3090) dextran transporter' 
_struct.pdbx_model_details           ? 
_struct.pdbx_formula_weight          ? 
_struct.pdbx_formula_weight_method   ? 
_struct.pdbx_model_type_details      ? 
_struct.pdbx_CASP_flag               N 
# 
_struct_keywords.entry_id        9HFJ 
_struct_keywords.text            'NTE, TBDT, SusC, TonB, Bacteroides, TRANSPORT PROTEIN' 
_struct_keywords.pdbx_keywords   'TRANSPORT PROTEIN' 
# 
loop_
_struct_asym.id 
_struct_asym.pdbx_blank_PDB_chainid_flag 
_struct_asym.pdbx_modified 
_struct_asym.entity_id 
_struct_asym.details 
A N N 1 ? 
B N N 2 ? 
C N N 3 ? 
D N N 4 ? 
E N N 3 ? 
F N N 4 ? 
G N N 5 ? 
H N N 3 ? 
I N N 6 ? 
J N N 3 ? 
K N N 7 ? 
# 
_struct_ref.id                         1 
_struct_ref.db_name                    UNP 
_struct_ref.db_code                    Q8A365_BACTN 
_struct_ref.pdbx_db_accession          Q8A365 
_struct_ref.pdbx_db_isoform            ? 
_struct_ref.entity_id                  1 
_struct_ref.pdbx_seq_one_letter_code   QQITVKGHVVDATGEPVIGASVIEGKSTNGTITDIDGNFSLNVSANSALTISFVGYKTQTVSVNGKTALKVTLQE 
_struct_ref.pdbx_align_begin           30 
# 
_struct_ref_seq.align_id                      1 
_struct_ref_seq.ref_id                        1 
_struct_ref_seq.pdbx_PDB_id_code              9HFJ 
_struct_ref_seq.pdbx_strand_id                A 
_struct_ref_seq.seq_align_beg                 3 
_struct_ref_seq.pdbx_seq_align_beg_ins_code   ? 
_struct_ref_seq.seq_align_end                 77 
_struct_ref_seq.pdbx_seq_align_end_ins_code   ? 
_struct_ref_seq.pdbx_db_accession             Q8A365 
_struct_ref_seq.db_align_beg                  30 
_struct_ref_seq.pdbx_db_align_beg_ins_code    ? 
_struct_ref_seq.db_align_end                  104 
_struct_ref_seq.pdbx_db_align_end_ins_code    ? 
_struct_ref_seq.pdbx_auth_seq_align_beg       30 
_struct_ref_seq.pdbx_auth_seq_align_end       104 
# 
loop_
_struct_ref_seq_dif.align_id 
_struct_ref_seq_dif.pdbx_pdb_id_code 
_struct_ref_seq_dif.mon_id 
_struct_ref_seq_dif.pdbx_pdb_strand_id 
_struct_ref_seq_dif.seq_num 
_struct_ref_seq_dif.pdbx_pdb_ins_code 
_struct_ref_seq_dif.pdbx_seq_db_name 
_struct_ref_seq_dif.pdbx_seq_db_accession_code 
_struct_ref_seq_dif.db_mon_id 
_struct_ref_seq_dif.pdbx_seq_db_seq_num 
_struct_ref_seq_dif.details 
_struct_ref_seq_dif.pdbx_auth_seq_num 
_struct_ref_seq_dif.pdbx_ordinal 
1 9HFJ MET A 1  ? UNP Q8A365 ? ? 'initiating methionine' 28  1  
1 9HFJ GLY A 2  ? UNP Q8A365 ? ? 'expression tag'        29  2  
1 9HFJ LEU A 78 ? UNP Q8A365 ? ? 'expression tag'        105 3  
1 9HFJ GLU A 79 ? UNP Q8A365 ? ? 'expression tag'        106 4  
1 9HFJ HIS A 80 ? UNP Q8A365 ? ? 'expression tag'        107 5  
1 9HFJ HIS A 81 ? UNP Q8A365 ? ? 'expression tag'        108 6  
1 9HFJ HIS A 82 ? UNP Q8A365 ? ? 'expression tag'        109 7  
1 9HFJ HIS A 83 ? UNP Q8A365 ? ? 'expression tag'        110 8  
1 9HFJ HIS A 84 ? UNP Q8A365 ? ? 'expression tag'        111 9  
1 9HFJ HIS A 85 ? UNP Q8A365 ? ? 'expression tag'        112 10 
# 
_pdbx_struct_assembly.id                   1 
_pdbx_struct_assembly.details              software_defined_assembly 
_pdbx_struct_assembly.method_details       PISA 
_pdbx_struct_assembly.oligomeric_details   trimeric 
_pdbx_struct_assembly.oligomeric_count     3 
# 
loop_
_pdbx_struct_assembly_prop.biol_id 
_pdbx_struct_assembly_prop.type 
_pdbx_struct_assembly_prop.value 
_pdbx_struct_assembly_prop.details 
1 'ABSA (A^2)' 4240  ? 
1 MORE         -67   ? 
1 'SSA (A^2)'  14580 ? 
# 
_pdbx_struct_assembly_gen.assembly_id       1 
_pdbx_struct_assembly_gen.oper_expression   1,2,3 
_pdbx_struct_assembly_gen.asym_id_list      A,B,C,D,E,F,G,H,I,J,K 
# 
_pdbx_struct_assembly_auth_evidence.id                     1 
_pdbx_struct_assembly_auth_evidence.assembly_id            1 
_pdbx_struct_assembly_auth_evidence.experimental_support   'gel filtration' 
_pdbx_struct_assembly_auth_evidence.details                ? 
# 
loop_
_pdbx_struct_oper_list.id 
_pdbx_struct_oper_list.type 
_pdbx_struct_oper_list.name 
_pdbx_struct_oper_list.symmetry_operation 
_pdbx_struct_oper_list.matrix[1][1] 
_pdbx_struct_oper_list.matrix[1][2] 
_pdbx_struct_oper_list.matrix[1][3] 
_pdbx_struct_oper_list.vector[1] 
_pdbx_struct_oper_list.matrix[2][1] 
_pdbx_struct_oper_list.matrix[2][2] 
_pdbx_struct_oper_list.matrix[2][3] 
_pdbx_struct_oper_list.vector[2] 
_pdbx_struct_oper_list.matrix[3][1] 
_pdbx_struct_oper_list.matrix[3][2] 
_pdbx_struct_oper_list.matrix[3][3] 
_pdbx_struct_oper_list.vector[3] 
1 'identity operation'         1_555 x,y,z         1.0000000000  0.0000000000 0.0000000000  0.0000000000   0.0000000000 1.0000000000 0.0000000000  0.0000000000  0.0000000000  0.0000000000  1.0000000000  0.0000000000   
2 'crystal symmetry operation' 2_455 -y-1,x-y,z    -0.1314687554 0.5830562500 -0.8017240022 -28.4201430626 0.7042293170 0.6241272993 0.3384171736  15.9506810880 0.6976940844  -0.5201062619 -0.4926585439 -3.9828911903  
3 'crystal symmetry operation' 3_445 -x+y-1,-x-1,z -0.1314687554 0.7042293170 0.6976940844  -12.1904584622 0.5830562500 0.6241272993 -0.5201062619 4.5437598799  -0.8017240022 0.3384171736  -0.4926585439 -30.1453006247 
# 
loop_
_struct_conn.id 
_struct_conn.conn_type_id 
_struct_conn.pdbx_leaving_atom_flag 
_struct_conn.pdbx_PDB_id 
_struct_conn.ptnr1_label_asym_id 
_struct_conn.ptnr1_label_comp_id 
_struct_conn.ptnr1_label_seq_id 
_struct_conn.ptnr1_label_atom_id 
_struct_conn.pdbx_ptnr1_label_alt_id 
_struct_conn.pdbx_ptnr1_PDB_ins_code 
_struct_conn.pdbx_ptnr1_standard_comp_id 
_struct_conn.ptnr1_symmetry 
_struct_conn.ptnr2_label_asym_id 
_struct_conn.ptnr2_label_comp_id 
_struct_conn.ptnr2_label_seq_id 
_struct_conn.ptnr2_label_atom_id 
_struct_conn.pdbx_ptnr2_label_alt_id 
_struct_conn.pdbx_ptnr2_PDB_ins_code 
_struct_conn.ptnr1_auth_asym_id 
_struct_conn.ptnr1_auth_comp_id 
_struct_conn.ptnr1_auth_seq_id 
_struct_conn.ptnr2_auth_asym_id 
_struct_conn.ptnr2_auth_comp_id 
_struct_conn.ptnr2_auth_seq_id 
_struct_conn.ptnr2_symmetry 
_struct_conn.pdbx_ptnr3_label_atom_id 
_struct_conn.pdbx_ptnr3_label_seq_id 
_struct_conn.pdbx_ptnr3_label_comp_id 
_struct_conn.pdbx_ptnr3_label_asym_id 
_struct_conn.pdbx_ptnr3_label_alt_id 
_struct_conn.pdbx_ptnr3_PDB_ins_code 
_struct_conn.details 
_struct_conn.pdbx_dist_value 
_struct_conn.pdbx_value_order 
_struct_conn.pdbx_role 
metalc1 metalc ? ? A HIS 80 NE2 ? ? ? 1_555 B NI . NI ? ? A HIS 107 A NI 201 1_555 ? ? ? ? ? ? ? 2.153 ? ? 
metalc2 metalc ? ? A HIS 80 NE2 ? ? ? 1_555 B NI . NI ? ? A HIS 107 A NI 201 2_455 ? ? ? ? ? ? ? 2.153 ? ? 
metalc3 metalc ? ? A HIS 82 NE2 ? ? ? 1_555 B NI . NI ? ? A HIS 109 A NI 201 1_555 ? ? ? ? ? ? ? 2.158 ? ? 
metalc4 metalc ? ? A HIS 82 NE2 ? ? ? 1_555 B NI . NI ? ? A HIS 109 A NI 201 2_455 ? ? ? ? ? ? ? 2.157 ? ? 
# 
_struct_conn_type.id          metalc 
_struct_conn_type.criteria    ? 
_struct_conn_type.reference   ? 
# 
loop_
_pdbx_struct_conn_angle.id 
_pdbx_struct_conn_angle.ptnr1_label_atom_id 
_pdbx_struct_conn_angle.ptnr1_label_alt_id 
_pdbx_struct_conn_angle.ptnr1_label_asym_id 
_pdbx_struct_conn_angle.ptnr1_label_comp_id 
_pdbx_struct_conn_angle.ptnr1_label_seq_id 
_pdbx_struct_conn_angle.ptnr1_auth_atom_id 
_pdbx_struct_conn_angle.ptnr1_auth_asym_id 
_pdbx_struct_conn_angle.ptnr1_auth_comp_id 
_pdbx_struct_conn_angle.ptnr1_auth_seq_id 
_pdbx_struct_conn_angle.ptnr1_PDB_ins_code 
_pdbx_struct_conn_angle.ptnr1_symmetry 
_pdbx_struct_conn_angle.ptnr2_label_atom_id 
_pdbx_struct_conn_angle.ptnr2_label_alt_id 
_pdbx_struct_conn_angle.ptnr2_label_asym_id 
_pdbx_struct_conn_angle.ptnr2_label_comp_id 
_pdbx_struct_conn_angle.ptnr2_label_seq_id 
_pdbx_struct_conn_angle.ptnr2_auth_atom_id 
_pdbx_struct_conn_angle.ptnr2_auth_asym_id 
_pdbx_struct_conn_angle.ptnr2_auth_comp_id 
_pdbx_struct_conn_angle.ptnr2_auth_seq_id 
_pdbx_struct_conn_angle.ptnr2_PDB_ins_code 
_pdbx_struct_conn_angle.ptnr2_symmetry 
_pdbx_struct_conn_angle.ptnr3_label_atom_id 
_pdbx_struct_conn_angle.ptnr3_label_alt_id 
_pdbx_struct_conn_angle.ptnr3_label_asym_id 
_pdbx_struct_conn_angle.ptnr3_label_comp_id 
_pdbx_struct_conn_angle.ptnr3_label_seq_id 
_pdbx_struct_conn_angle.ptnr3_auth_atom_id 
_pdbx_struct_conn_angle.ptnr3_auth_asym_id 
_pdbx_struct_conn_angle.ptnr3_auth_comp_id 
_pdbx_struct_conn_angle.ptnr3_auth_seq_id 
_pdbx_struct_conn_angle.ptnr3_PDB_ins_code 
_pdbx_struct_conn_angle.ptnr3_symmetry 
_pdbx_struct_conn_angle.value 
_pdbx_struct_conn_angle.value_esd 
1 NE2 ? A HIS 80 ? A HIS 107 ? 1_555 NI ? B NI . ? A NI 201 ? 1_555 NE2 ? A HIS 80 ? A HIS 107 ? 1_555 0.0  ? 
2 NE2 ? A HIS 80 ? A HIS 107 ? 1_555 NI ? B NI . ? A NI 201 ? 1_555 NE2 ? A HIS 82 ? A HIS 109 ? 1_555 92.9 ? 
3 NE2 ? A HIS 80 ? A HIS 107 ? 1_555 NI ? B NI . ? A NI 201 ? 1_555 NE2 ? A HIS 82 ? A HIS 109 ? 1_555 92.9 ? 
4 NE2 ? A HIS 80 ? A HIS 107 ? 1_555 NI ? B NI . ? A NI 201 ? 1_555 NE2 ? A HIS 82 ? A HIS 109 ? 1_555 92.9 ? 
5 NE2 ? A HIS 80 ? A HIS 107 ? 1_555 NI ? B NI . ? A NI 201 ? 1_555 NE2 ? A HIS 82 ? A HIS 109 ? 1_555 92.9 ? 
6 NE2 ? A HIS 82 ? A HIS 109 ? 1_555 NI ? B NI . ? A NI 201 ? 1_555 NE2 ? A HIS 82 ? A HIS 109 ? 1_555 0.0  ? 
# 
loop_
_struct_sheet.id 
_struct_sheet.type 
_struct_sheet.number_strands 
_struct_sheet.details 
AA1 ? 3 ? 
AA2 ? 4 ? 
# 
loop_
_struct_sheet_order.sheet_id 
_struct_sheet_order.range_id_1 
_struct_sheet_order.range_id_2 
_struct_sheet_order.offset 
_struct_sheet_order.sense 
AA1 1 2 ? anti-parallel 
AA1 2 3 ? parallel      
AA2 1 2 ? anti-parallel 
AA2 2 3 ? anti-parallel 
AA2 3 4 ? anti-parallel 
# 
loop_
_struct_sheet_range.sheet_id 
_struct_sheet_range.id 
_struct_sheet_range.beg_label_comp_id 
_struct_sheet_range.beg_label_asym_id 
_struct_sheet_range.beg_label_seq_id 
_struct_sheet_range.pdbx_beg_PDB_ins_code 
_struct_sheet_range.end_label_comp_id 
_struct_sheet_range.end_label_asym_id 
_struct_sheet_range.end_label_seq_id 
_struct_sheet_range.pdbx_end_PDB_ins_code 
_struct_sheet_range.beg_auth_comp_id 
_struct_sheet_range.beg_auth_asym_id 
_struct_sheet_range.beg_auth_seq_id 
_struct_sheet_range.end_auth_comp_id 
_struct_sheet_range.end_auth_asym_id 
_struct_sheet_range.end_auth_seq_id 
AA1 1 ASN A 40 ? VAL A 45 ? ASN A 67 VAL A 72  
AA1 2 ILE A 5  ? VAL A 12 ? ILE A 32 VAL A 39  
AA1 3 ALA A 70 ? THR A 74 ? ALA A 97 THR A 101 
AA2 1 GLY A 32 ? ILE A 34 ? GLY A 59 ILE A 61  
AA2 2 SER A 23 ? GLU A 26 ? SER A 50 GLU A 53  
AA2 3 ALA A 50 ? SER A 54 ? ALA A 77 SER A 81  
AA2 4 GLN A 61 ? SER A 64 ? GLN A 88 SER A 91  
# 
loop_
_pdbx_struct_sheet_hbond.sheet_id 
_pdbx_struct_sheet_hbond.range_id_1 
_pdbx_struct_sheet_hbond.range_id_2 
_pdbx_struct_sheet_hbond.range_1_label_atom_id 
_pdbx_struct_sheet_hbond.range_1_label_comp_id 
_pdbx_struct_sheet_hbond.range_1_label_asym_id 
_pdbx_struct_sheet_hbond.range_1_label_seq_id 
_pdbx_struct_sheet_hbond.range_1_PDB_ins_code 
_pdbx_struct_sheet_hbond.range_1_auth_atom_id 
_pdbx_struct_sheet_hbond.range_1_auth_comp_id 
_pdbx_struct_sheet_hbond.range_1_auth_asym_id 
_pdbx_struct_sheet_hbond.range_1_auth_seq_id 
_pdbx_struct_sheet_hbond.range_2_label_atom_id 
_pdbx_struct_sheet_hbond.range_2_label_comp_id 
_pdbx_struct_sheet_hbond.range_2_label_asym_id 
_pdbx_struct_sheet_hbond.range_2_label_seq_id 
_pdbx_struct_sheet_hbond.range_2_PDB_ins_code 
_pdbx_struct_sheet_hbond.range_2_auth_atom_id 
_pdbx_struct_sheet_hbond.range_2_auth_comp_id 
_pdbx_struct_sheet_hbond.range_2_auth_asym_id 
_pdbx_struct_sheet_hbond.range_2_auth_seq_id 
AA1 1 2 O VAL A 45 ? O VAL A 72 N ILE A 5  ? N ILE A 32  
AA1 2 3 N VAL A 12 ? N VAL A 39 O VAL A 73 ? O VAL A 100 
AA2 1 2 O THR A 33 ? O THR A 60 N VAL A 24 ? N VAL A 51  
AA2 2 3 N ILE A 25 ? N ILE A 52 O THR A 52 ? O THR A 79  
AA2 3 4 N LEU A 51 ? N LEU A 78 O VAL A 63 ? O VAL A 90  
# 
_pdbx_entry_details.entry_id                   9HFJ 
_pdbx_entry_details.nonpolymer_details         ? 
_pdbx_entry_details.sequence_details           ? 
_pdbx_entry_details.compound_details           ? 
_pdbx_entry_details.source_details             ? 
_pdbx_entry_details.has_ligand_of_interest     N 
_pdbx_entry_details.has_protein_modification   N 
# 
loop_
_pdbx_validate_close_contact.id 
_pdbx_validate_close_contact.PDB_model_num 
_pdbx_validate_close_contact.auth_atom_id_1 
_pdbx_validate_close_contact.auth_asym_id_1 
_pdbx_validate_close_contact.auth_comp_id_1 
_pdbx_validate_close_contact.auth_seq_id_1 
_pdbx_validate_close_contact.PDB_ins_code_1 
_pdbx_validate_close_contact.label_alt_id_1 
_pdbx_validate_close_contact.auth_atom_id_2 
_pdbx_validate_close_contact.auth_asym_id_2 
_pdbx_validate_close_contact.auth_comp_id_2 
_pdbx_validate_close_contact.auth_seq_id_2 
_pdbx_validate_close_contact.PDB_ins_code_2 
_pdbx_validate_close_contact.label_alt_id_2 
_pdbx_validate_close_contact.dist 
1 1 OG  A SER 76  ? B O A HOH 301 ? ? 1.92 
2 1 OE1 A GLU 106 ? ? O A HOH 302 ? ? 2.03 
3 1 O   A HOH 330 ? ? O A HOH 384 ? ? 2.03 
# 
_pdbx_validate_symm_contact.id                1 
_pdbx_validate_symm_contact.PDB_model_num     1 
_pdbx_validate_symm_contact.auth_atom_id_1    O 
_pdbx_validate_symm_contact.auth_asym_id_1    A 
_pdbx_validate_symm_contact.auth_comp_id_1    HOH 
_pdbx_validate_symm_contact.auth_seq_id_1     346 
_pdbx_validate_symm_contact.PDB_ins_code_1    ? 
_pdbx_validate_symm_contact.label_alt_id_1    ? 
_pdbx_validate_symm_contact.site_symmetry_1   1_555 
_pdbx_validate_symm_contact.auth_atom_id_2    O 
_pdbx_validate_symm_contact.auth_asym_id_2    A 
_pdbx_validate_symm_contact.auth_comp_id_2    HOH 
_pdbx_validate_symm_contact.auth_seq_id_2     374 
_pdbx_validate_symm_contact.PDB_ins_code_2    ? 
_pdbx_validate_symm_contact.label_alt_id_2    ? 
_pdbx_validate_symm_contact.site_symmetry_2   3_445 
_pdbx_validate_symm_contact.dist              2.06 
# 
loop_
_pdbx_struct_special_symmetry.id 
_pdbx_struct_special_symmetry.PDB_model_num 
_pdbx_struct_special_symmetry.auth_asym_id 
_pdbx_struct_special_symmetry.auth_comp_id 
_pdbx_struct_special_symmetry.auth_seq_id 
_pdbx_struct_special_symmetry.PDB_ins_code 
_pdbx_struct_special_symmetry.label_asym_id 
_pdbx_struct_special_symmetry.label_comp_id 
_pdbx_struct_special_symmetry.label_seq_id 
1 1 A NI  201 ? B NI  . 
2 1 A HOH 381 ? K HOH . 
# 
loop_
_pdbx_unobs_or_zero_occ_residues.id 
_pdbx_unobs_or_zero_occ_residues.PDB_model_num 
_pdbx_unobs_or_zero_occ_residues.polymer_flag 
_pdbx_unobs_or_zero_occ_residues.occupancy_flag 
_pdbx_unobs_or_zero_occ_residues.auth_asym_id 
_pdbx_unobs_or_zero_occ_residues.auth_comp_id 
_pdbx_unobs_or_zero_occ_residues.auth_seq_id 
_pdbx_unobs_or_zero_occ_residues.PDB_ins_code 
_pdbx_unobs_or_zero_occ_residues.label_asym_id 
_pdbx_unobs_or_zero_occ_residues.label_comp_id 
_pdbx_unobs_or_zero_occ_residues.label_seq_id 
1 1 Y 1 A MET 28  ? A MET 1  
2 1 Y 1 A GLY 29  ? A GLY 2  
3 1 Y 1 A HIS 110 ? A HIS 83 
4 1 Y 1 A HIS 111 ? A HIS 84 
5 1 Y 1 A HIS 112 ? A HIS 85 
# 
loop_
_chem_comp_atom.comp_id 
_chem_comp_atom.atom_id 
_chem_comp_atom.type_symbol 
_chem_comp_atom.pdbx_aromatic_flag 
_chem_comp_atom.pdbx_stereo_config 
_chem_comp_atom.pdbx_ordinal 
ALA N    N  N N 1   
ALA CA   C  N S 2   
ALA C    C  N N 3   
ALA O    O  N N 4   
ALA CB   C  N N 5   
ALA OXT  O  N N 6   
ALA H    H  N N 7   
ALA H2   H  N N 8   
ALA HA   H  N N 9   
ALA HB1  H  N N 10  
ALA HB2  H  N N 11  
ALA HB3  H  N N 12  
ALA HXT  H  N N 13  
ASN N    N  N N 14  
ASN CA   C  N S 15  
ASN C    C  N N 16  
ASN O    O  N N 17  
ASN CB   C  N N 18  
ASN CG   C  N N 19  
ASN OD1  O  N N 20  
ASN ND2  N  N N 21  
ASN OXT  O  N N 22  
ASN H    H  N N 23  
ASN H2   H  N N 24  
ASN HA   H  N N 25  
ASN HB2  H  N N 26  
ASN HB3  H  N N 27  
ASN HD21 H  N N 28  
ASN HD22 H  N N 29  
ASN HXT  H  N N 30  
ASP N    N  N N 31  
ASP CA   C  N S 32  
ASP C    C  N N 33  
ASP O    O  N N 34  
ASP CB   C  N N 35  
ASP CG   C  N N 36  
ASP OD1  O  N N 37  
ASP OD2  O  N N 38  
ASP OXT  O  N N 39  
ASP H    H  N N 40  
ASP H2   H  N N 41  
ASP HA   H  N N 42  
ASP HB2  H  N N 43  
ASP HB3  H  N N 44  
ASP HD2  H  N N 45  
ASP HXT  H  N N 46  
EDO C1   C  N N 47  
EDO O1   O  N N 48  
EDO C2   C  N N 49  
EDO O2   O  N N 50  
EDO H11  H  N N 51  
EDO H12  H  N N 52  
EDO HO1  H  N N 53  
EDO H21  H  N N 54  
EDO H22  H  N N 55  
EDO HO2  H  N N 56  
GLN N    N  N N 57  
GLN CA   C  N S 58  
GLN C    C  N N 59  
GLN O    O  N N 60  
GLN CB   C  N N 61  
GLN CG   C  N N 62  
GLN CD   C  N N 63  
GLN OE1  O  N N 64  
GLN NE2  N  N N 65  
GLN OXT  O  N N 66  
GLN H    H  N N 67  
GLN H2   H  N N 68  
GLN HA   H  N N 69  
GLN HB2  H  N N 70  
GLN HB3  H  N N 71  
GLN HG2  H  N N 72  
GLN HG3  H  N N 73  
GLN HE21 H  N N 74  
GLN HE22 H  N N 75  
GLN HXT  H  N N 76  
GLU N    N  N N 77  
GLU CA   C  N S 78  
GLU C    C  N N 79  
GLU O    O  N N 80  
GLU CB   C  N N 81  
GLU CG   C  N N 82  
GLU CD   C  N N 83  
GLU OE1  O  N N 84  
GLU OE2  O  N N 85  
GLU OXT  O  N N 86  
GLU H    H  N N 87  
GLU H2   H  N N 88  
GLU HA   H  N N 89  
GLU HB2  H  N N 90  
GLU HB3  H  N N 91  
GLU HG2  H  N N 92  
GLU HG3  H  N N 93  
GLU HE2  H  N N 94  
GLU HXT  H  N N 95  
GLY N    N  N N 96  
GLY CA   C  N N 97  
GLY C    C  N N 98  
GLY O    O  N N 99  
GLY OXT  O  N N 100 
GLY H    H  N N 101 
GLY H2   H  N N 102 
GLY HA2  H  N N 103 
GLY HA3  H  N N 104 
GLY HXT  H  N N 105 
HIS N    N  N N 106 
HIS CA   C  N S 107 
HIS C    C  N N 108 
HIS O    O  N N 109 
HIS CB   C  N N 110 
HIS CG   C  Y N 111 
HIS ND1  N  Y N 112 
HIS CD2  C  Y N 113 
HIS CE1  C  Y N 114 
HIS NE2  N  Y N 115 
HIS OXT  O  N N 116 
HIS H    H  N N 117 
HIS H2   H  N N 118 
HIS HA   H  N N 119 
HIS HB2  H  N N 120 
HIS HB3  H  N N 121 
HIS HD1  H  N N 122 
HIS HD2  H  N N 123 
HIS HE1  H  N N 124 
HIS HE2  H  N N 125 
HIS HXT  H  N N 126 
HOH O    O  N N 127 
HOH H1   H  N N 128 
HOH H2   H  N N 129 
ILE N    N  N N 130 
ILE CA   C  N S 131 
ILE C    C  N N 132 
ILE O    O  N N 133 
ILE CB   C  N S 134 
ILE CG1  C  N N 135 
ILE CG2  C  N N 136 
ILE CD1  C  N N 137 
ILE OXT  O  N N 138 
ILE H    H  N N 139 
ILE H2   H  N N 140 
ILE HA   H  N N 141 
ILE HB   H  N N 142 
ILE HG12 H  N N 143 
ILE HG13 H  N N 144 
ILE HG21 H  N N 145 
ILE HG22 H  N N 146 
ILE HG23 H  N N 147 
ILE HD11 H  N N 148 
ILE HD12 H  N N 149 
ILE HD13 H  N N 150 
ILE HXT  H  N N 151 
LEU N    N  N N 152 
LEU CA   C  N S 153 
LEU C    C  N N 154 
LEU O    O  N N 155 
LEU CB   C  N N 156 
LEU CG   C  N N 157 
LEU CD1  C  N N 158 
LEU CD2  C  N N 159 
LEU OXT  O  N N 160 
LEU H    H  N N 161 
LEU H2   H  N N 162 
LEU HA   H  N N 163 
LEU HB2  H  N N 164 
LEU HB3  H  N N 165 
LEU HG   H  N N 166 
LEU HD11 H  N N 167 
LEU HD12 H  N N 168 
LEU HD13 H  N N 169 
LEU HD21 H  N N 170 
LEU HD22 H  N N 171 
LEU HD23 H  N N 172 
LEU HXT  H  N N 173 
LYS N    N  N N 174 
LYS CA   C  N S 175 
LYS C    C  N N 176 
LYS O    O  N N 177 
LYS CB   C  N N 178 
LYS CG   C  N N 179 
LYS CD   C  N N 180 
LYS CE   C  N N 181 
LYS NZ   N  N N 182 
LYS OXT  O  N N 183 
LYS H    H  N N 184 
LYS H2   H  N N 185 
LYS HA   H  N N 186 
LYS HB2  H  N N 187 
LYS HB3  H  N N 188 
LYS HG2  H  N N 189 
LYS HG3  H  N N 190 
LYS HD2  H  N N 191 
LYS HD3  H  N N 192 
LYS HE2  H  N N 193 
LYS HE3  H  N N 194 
LYS HZ1  H  N N 195 
LYS HZ2  H  N N 196 
LYS HZ3  H  N N 197 
LYS HXT  H  N N 198 
MET N    N  N N 199 
MET CA   C  N S 200 
MET C    C  N N 201 
MET O    O  N N 202 
MET CB   C  N N 203 
MET CG   C  N N 204 
MET SD   S  N N 205 
MET CE   C  N N 206 
MET OXT  O  N N 207 
MET H    H  N N 208 
MET H2   H  N N 209 
MET HA   H  N N 210 
MET HB2  H  N N 211 
MET HB3  H  N N 212 
MET HG2  H  N N 213 
MET HG3  H  N N 214 
MET HE1  H  N N 215 
MET HE2  H  N N 216 
MET HE3  H  N N 217 
MET HXT  H  N N 218 
NI  NI   NI N N 219 
PEG C1   C  N N 220 
PEG O1   O  N N 221 
PEG C2   C  N N 222 
PEG O2   O  N N 223 
PEG C3   C  N N 224 
PEG C4   C  N N 225 
PEG O4   O  N N 226 
PEG H11  H  N N 227 
PEG H12  H  N N 228 
PEG HO1  H  N N 229 
PEG H21  H  N N 230 
PEG H22  H  N N 231 
PEG H31  H  N N 232 
PEG H32  H  N N 233 
PEG H41  H  N N 234 
PEG H42  H  N N 235 
PEG HO4  H  N N 236 
PGE C1   C  N N 237 
PGE O1   O  N N 238 
PGE C2   C  N N 239 
PGE O2   O  N N 240 
PGE C3   C  N N 241 
PGE C4   C  N N 242 
PGE O4   O  N N 243 
PGE C6   C  N N 244 
PGE C5   C  N N 245 
PGE O3   O  N N 246 
PGE H1   H  N N 247 
PGE H12  H  N N 248 
PGE HO1  H  N N 249 
PGE H2   H  N N 250 
PGE H22  H  N N 251 
PGE H3   H  N N 252 
PGE H32  H  N N 253 
PGE H4   H  N N 254 
PGE H42  H  N N 255 
PGE HO4  H  N N 256 
PGE H6   H  N N 257 
PGE H62  H  N N 258 
PGE H5   H  N N 259 
PGE H52  H  N N 260 
PHE N    N  N N 261 
PHE CA   C  N S 262 
PHE C    C  N N 263 
PHE O    O  N N 264 
PHE CB   C  N N 265 
PHE CG   C  Y N 266 
PHE CD1  C  Y N 267 
PHE CD2  C  Y N 268 
PHE CE1  C  Y N 269 
PHE CE2  C  Y N 270 
PHE CZ   C  Y N 271 
PHE OXT  O  N N 272 
PHE H    H  N N 273 
PHE H2   H  N N 274 
PHE HA   H  N N 275 
PHE HB2  H  N N 276 
PHE HB3  H  N N 277 
PHE HD1  H  N N 278 
PHE HD2  H  N N 279 
PHE HE1  H  N N 280 
PHE HE2  H  N N 281 
PHE HZ   H  N N 282 
PHE HXT  H  N N 283 
PRO N    N  N N 284 
PRO CA   C  N S 285 
PRO C    C  N N 286 
PRO O    O  N N 287 
PRO CB   C  N N 288 
PRO CG   C  N N 289 
PRO CD   C  N N 290 
PRO OXT  O  N N 291 
PRO H    H  N N 292 
PRO HA   H  N N 293 
PRO HB2  H  N N 294 
PRO HB3  H  N N 295 
PRO HG2  H  N N 296 
PRO HG3  H  N N 297 
PRO HD2  H  N N 298 
PRO HD3  H  N N 299 
PRO HXT  H  N N 300 
SCN S    S  N N 301 
SCN C    C  N N 302 
SCN N    N  N N 303 
SER N    N  N N 304 
SER CA   C  N S 305 
SER C    C  N N 306 
SER O    O  N N 307 
SER CB   C  N N 308 
SER OG   O  N N 309 
SER OXT  O  N N 310 
SER H    H  N N 311 
SER H2   H  N N 312 
SER HA   H  N N 313 
SER HB2  H  N N 314 
SER HB3  H  N N 315 
SER HG   H  N N 316 
SER HXT  H  N N 317 
THR N    N  N N 318 
THR CA   C  N S 319 
THR C    C  N N 320 
THR O    O  N N 321 
THR CB   C  N R 322 
THR OG1  O  N N 323 
THR CG2  C  N N 324 
THR OXT  O  N N 325 
THR H    H  N N 326 
THR H2   H  N N 327 
THR HA   H  N N 328 
THR HB   H  N N 329 
THR HG1  H  N N 330 
THR HG21 H  N N 331 
THR HG22 H  N N 332 
THR HG23 H  N N 333 
THR HXT  H  N N 334 
TYR N    N  N N 335 
TYR CA   C  N S 336 
TYR C    C  N N 337 
TYR O    O  N N 338 
TYR CB   C  N N 339 
TYR CG   C  Y N 340 
TYR CD1  C  Y N 341 
TYR CD2  C  Y N 342 
TYR CE1  C  Y N 343 
TYR CE2  C  Y N 344 
TYR CZ   C  Y N 345 
TYR OH   O  N N 346 
TYR OXT  O  N N 347 
TYR H    H  N N 348 
TYR H2   H  N N 349 
TYR HA   H  N N 350 
TYR HB2  H  N N 351 
TYR HB3  H  N N 352 
TYR HD1  H  N N 353 
TYR HD2  H  N N 354 
TYR HE1  H  N N 355 
TYR HE2  H  N N 356 
TYR HH   H  N N 357 
TYR HXT  H  N N 358 
VAL N    N  N N 359 
VAL CA   C  N S 360 
VAL C    C  N N 361 
VAL O    O  N N 362 
VAL CB   C  N N 363 
VAL CG1  C  N N 364 
VAL CG2  C  N N 365 
VAL OXT  O  N N 366 
VAL H    H  N N 367 
VAL H2   H  N N 368 
VAL HA   H  N N 369 
VAL HB   H  N N 370 
VAL HG11 H  N N 371 
VAL HG12 H  N N 372 
VAL HG13 H  N N 373 
VAL HG21 H  N N 374 
VAL HG22 H  N N 375 
VAL HG23 H  N N 376 
VAL HXT  H  N N 377 
# 
loop_
_chem_comp_bond.comp_id 
_chem_comp_bond.atom_id_1 
_chem_comp_bond.atom_id_2 
_chem_comp_bond.value_order 
_chem_comp_bond.pdbx_aromatic_flag 
_chem_comp_bond.pdbx_stereo_config 
_chem_comp_bond.pdbx_ordinal 
ALA N   CA   sing N N 1   
ALA N   H    sing N N 2   
ALA N   H2   sing N N 3   
ALA CA  C    sing N N 4   
ALA CA  CB   sing N N 5   
ALA CA  HA   sing N N 6   
ALA C   O    doub N N 7   
ALA C   OXT  sing N N 8   
ALA CB  HB1  sing N N 9   
ALA CB  HB2  sing N N 10  
ALA CB  HB3  sing N N 11  
ALA OXT HXT  sing N N 12  
ASN N   CA   sing N N 13  
ASN N   H    sing N N 14  
ASN N   H2   sing N N 15  
ASN CA  C    sing N N 16  
ASN CA  CB   sing N N 17  
ASN CA  HA   sing N N 18  
ASN C   O    doub N N 19  
ASN C   OXT  sing N N 20  
ASN CB  CG   sing N N 21  
ASN CB  HB2  sing N N 22  
ASN CB  HB3  sing N N 23  
ASN CG  OD1  doub N N 24  
ASN CG  ND2  sing N N 25  
ASN ND2 HD21 sing N N 26  
ASN ND2 HD22 sing N N 27  
ASN OXT HXT  sing N N 28  
ASP N   CA   sing N N 29  
ASP N   H    sing N N 30  
ASP N   H2   sing N N 31  
ASP CA  C    sing N N 32  
ASP CA  CB   sing N N 33  
ASP CA  HA   sing N N 34  
ASP C   O    doub N N 35  
ASP C   OXT  sing N N 36  
ASP CB  CG   sing N N 37  
ASP CB  HB2  sing N N 38  
ASP CB  HB3  sing N N 39  
ASP CG  OD1  doub N N 40  
ASP CG  OD2  sing N N 41  
ASP OD2 HD2  sing N N 42  
ASP OXT HXT  sing N N 43  
EDO C1  O1   sing N N 44  
EDO C1  C2   sing N N 45  
EDO C1  H11  sing N N 46  
EDO C1  H12  sing N N 47  
EDO O1  HO1  sing N N 48  
EDO C2  O2   sing N N 49  
EDO C2  H21  sing N N 50  
EDO C2  H22  sing N N 51  
EDO O2  HO2  sing N N 52  
GLN N   CA   sing N N 53  
GLN N   H    sing N N 54  
GLN N   H2   sing N N 55  
GLN CA  C    sing N N 56  
GLN CA  CB   sing N N 57  
GLN CA  HA   sing N N 58  
GLN C   O    doub N N 59  
GLN C   OXT  sing N N 60  
GLN CB  CG   sing N N 61  
GLN CB  HB2  sing N N 62  
GLN CB  HB3  sing N N 63  
GLN CG  CD   sing N N 64  
GLN CG  HG2  sing N N 65  
GLN CG  HG3  sing N N 66  
GLN CD  OE1  doub N N 67  
GLN CD  NE2  sing N N 68  
GLN NE2 HE21 sing N N 69  
GLN NE2 HE22 sing N N 70  
GLN OXT HXT  sing N N 71  
GLU N   CA   sing N N 72  
GLU N   H    sing N N 73  
GLU N   H2   sing N N 74  
GLU CA  C    sing N N 75  
GLU CA  CB   sing N N 76  
GLU CA  HA   sing N N 77  
GLU C   O    doub N N 78  
GLU C   OXT  sing N N 79  
GLU CB  CG   sing N N 80  
GLU CB  HB2  sing N N 81  
GLU CB  HB3  sing N N 82  
GLU CG  CD   sing N N 83  
GLU CG  HG2  sing N N 84  
GLU CG  HG3  sing N N 85  
GLU CD  OE1  doub N N 86  
GLU CD  OE2  sing N N 87  
GLU OE2 HE2  sing N N 88  
GLU OXT HXT  sing N N 89  
GLY N   CA   sing N N 90  
GLY N   H    sing N N 91  
GLY N   H2   sing N N 92  
GLY CA  C    sing N N 93  
GLY CA  HA2  sing N N 94  
GLY CA  HA3  sing N N 95  
GLY C   O    doub N N 96  
GLY C   OXT  sing N N 97  
GLY OXT HXT  sing N N 98  
HIS N   CA   sing N N 99  
HIS N   H    sing N N 100 
HIS N   H2   sing N N 101 
HIS CA  C    sing N N 102 
HIS CA  CB   sing N N 103 
HIS CA  HA   sing N N 104 
HIS C   O    doub N N 105 
HIS C   OXT  sing N N 106 
HIS CB  CG   sing N N 107 
HIS CB  HB2  sing N N 108 
HIS CB  HB3  sing N N 109 
HIS CG  ND1  sing Y N 110 
HIS CG  CD2  doub Y N 111 
HIS ND1 CE1  doub Y N 112 
HIS ND1 HD1  sing N N 113 
HIS CD2 NE2  sing Y N 114 
HIS CD2 HD2  sing N N 115 
HIS CE1 NE2  sing Y N 116 
HIS CE1 HE1  sing N N 117 
HIS NE2 HE2  sing N N 118 
HIS OXT HXT  sing N N 119 
HOH O   H1   sing N N 120 
HOH O   H2   sing N N 121 
ILE N   CA   sing N N 122 
ILE N   H    sing N N 123 
ILE N   H2   sing N N 124 
ILE CA  C    sing N N 125 
ILE CA  CB   sing N N 126 
ILE CA  HA   sing N N 127 
ILE C   O    doub N N 128 
ILE C   OXT  sing N N 129 
ILE CB  CG1  sing N N 130 
ILE CB  CG2  sing N N 131 
ILE CB  HB   sing N N 132 
ILE CG1 CD1  sing N N 133 
ILE CG1 HG12 sing N N 134 
ILE CG1 HG13 sing N N 135 
ILE CG2 HG21 sing N N 136 
ILE CG2 HG22 sing N N 137 
ILE CG2 HG23 sing N N 138 
ILE CD1 HD11 sing N N 139 
ILE CD1 HD12 sing N N 140 
ILE CD1 HD13 sing N N 141 
ILE OXT HXT  sing N N 142 
LEU N   CA   sing N N 143 
LEU N   H    sing N N 144 
LEU N   H2   sing N N 145 
LEU CA  C    sing N N 146 
LEU CA  CB   sing N N 147 
LEU CA  HA   sing N N 148 
LEU C   O    doub N N 149 
LEU C   OXT  sing N N 150 
LEU CB  CG   sing N N 151 
LEU CB  HB2  sing N N 152 
LEU CB  HB3  sing N N 153 
LEU CG  CD1  sing N N 154 
LEU CG  CD2  sing N N 155 
LEU CG  HG   sing N N 156 
LEU CD1 HD11 sing N N 157 
LEU CD1 HD12 sing N N 158 
LEU CD1 HD13 sing N N 159 
LEU CD2 HD21 sing N N 160 
LEU CD2 HD22 sing N N 161 
LEU CD2 HD23 sing N N 162 
LEU OXT HXT  sing N N 163 
LYS N   CA   sing N N 164 
LYS N   H    sing N N 165 
LYS N   H2   sing N N 166 
LYS CA  C    sing N N 167 
LYS CA  CB   sing N N 168 
LYS CA  HA   sing N N 169 
LYS C   O    doub N N 170 
LYS C   OXT  sing N N 171 
LYS CB  CG   sing N N 172 
LYS CB  HB2  sing N N 173 
LYS CB  HB3  sing N N 174 
LYS CG  CD   sing N N 175 
LYS CG  HG2  sing N N 176 
LYS CG  HG3  sing N N 177 
LYS CD  CE   sing N N 178 
LYS CD  HD2  sing N N 179 
LYS CD  HD3  sing N N 180 
LYS CE  NZ   sing N N 181 
LYS CE  HE2  sing N N 182 
LYS CE  HE3  sing N N 183 
LYS NZ  HZ1  sing N N 184 
LYS NZ  HZ2  sing N N 185 
LYS NZ  HZ3  sing N N 186 
LYS OXT HXT  sing N N 187 
MET N   CA   sing N N 188 
MET N   H    sing N N 189 
MET N   H2   sing N N 190 
MET CA  C    sing N N 191 
MET CA  CB   sing N N 192 
MET CA  HA   sing N N 193 
MET C   O    doub N N 194 
MET C   OXT  sing N N 195 
MET CB  CG   sing N N 196 
MET CB  HB2  sing N N 197 
MET CB  HB3  sing N N 198 
MET CG  SD   sing N N 199 
MET CG  HG2  sing N N 200 
MET CG  HG3  sing N N 201 
MET SD  CE   sing N N 202 
MET CE  HE1  sing N N 203 
MET CE  HE2  sing N N 204 
MET CE  HE3  sing N N 205 
MET OXT HXT  sing N N 206 
PEG C1  O1   sing N N 207 
PEG C1  C2   sing N N 208 
PEG C1  H11  sing N N 209 
PEG C1  H12  sing N N 210 
PEG O1  HO1  sing N N 211 
PEG C2  O2   sing N N 212 
PEG C2  H21  sing N N 213 
PEG C2  H22  sing N N 214 
PEG O2  C3   sing N N 215 
PEG C3  C4   sing N N 216 
PEG C3  H31  sing N N 217 
PEG C3  H32  sing N N 218 
PEG C4  O4   sing N N 219 
PEG C4  H41  sing N N 220 
PEG C4  H42  sing N N 221 
PEG O4  HO4  sing N N 222 
PGE C1  O1   sing N N 223 
PGE C1  C2   sing N N 224 
PGE C1  H1   sing N N 225 
PGE C1  H12  sing N N 226 
PGE O1  HO1  sing N N 227 
PGE C2  O2   sing N N 228 
PGE C2  H2   sing N N 229 
PGE C2  H22  sing N N 230 
PGE O2  C3   sing N N 231 
PGE C3  C4   sing N N 232 
PGE C3  H3   sing N N 233 
PGE C3  H32  sing N N 234 
PGE C4  O3   sing N N 235 
PGE C4  H4   sing N N 236 
PGE C4  H42  sing N N 237 
PGE O4  C6   sing N N 238 
PGE O4  HO4  sing N N 239 
PGE C6  C5   sing N N 240 
PGE C6  H6   sing N N 241 
PGE C6  H62  sing N N 242 
PGE C5  O3   sing N N 243 
PGE C5  H5   sing N N 244 
PGE C5  H52  sing N N 245 
PHE N   CA   sing N N 246 
PHE N   H    sing N N 247 
PHE N   H2   sing N N 248 
PHE CA  C    sing N N 249 
PHE CA  CB   sing N N 250 
PHE CA  HA   sing N N 251 
PHE C   O    doub N N 252 
PHE C   OXT  sing N N 253 
PHE CB  CG   sing N N 254 
PHE CB  HB2  sing N N 255 
PHE CB  HB3  sing N N 256 
PHE CG  CD1  doub Y N 257 
PHE CG  CD2  sing Y N 258 
PHE CD1 CE1  sing Y N 259 
PHE CD1 HD1  sing N N 260 
PHE CD2 CE2  doub Y N 261 
PHE CD2 HD2  sing N N 262 
PHE CE1 CZ   doub Y N 263 
PHE CE1 HE1  sing N N 264 
PHE CE2 CZ   sing Y N 265 
PHE CE2 HE2  sing N N 266 
PHE CZ  HZ   sing N N 267 
PHE OXT HXT  sing N N 268 
PRO N   CA   sing N N 269 
PRO N   CD   sing N N 270 
PRO N   H    sing N N 271 
PRO CA  C    sing N N 272 
PRO CA  CB   sing N N 273 
PRO CA  HA   sing N N 274 
PRO C   O    doub N N 275 
PRO C   OXT  sing N N 276 
PRO CB  CG   sing N N 277 
PRO CB  HB2  sing N N 278 
PRO CB  HB3  sing N N 279 
PRO CG  CD   sing N N 280 
PRO CG  HG2  sing N N 281 
PRO CG  HG3  sing N N 282 
PRO CD  HD2  sing N N 283 
PRO CD  HD3  sing N N 284 
PRO OXT HXT  sing N N 285 
SCN S   C    sing N N 286 
SCN C   N    trip N N 287 
SER N   CA   sing N N 288 
SER N   H    sing N N 289 
SER N   H2   sing N N 290 
SER CA  C    sing N N 291 
SER CA  CB   sing N N 292 
SER CA  HA   sing N N 293 
SER C   O    doub N N 294 
SER C   OXT  sing N N 295 
SER CB  OG   sing N N 296 
SER CB  HB2  sing N N 297 
SER CB  HB3  sing N N 298 
SER OG  HG   sing N N 299 
SER OXT HXT  sing N N 300 
THR N   CA   sing N N 301 
THR N   H    sing N N 302 
THR N   H2   sing N N 303 
THR CA  C    sing N N 304 
THR CA  CB   sing N N 305 
THR CA  HA   sing N N 306 
THR C   O    doub N N 307 
THR C   OXT  sing N N 308 
THR CB  OG1  sing N N 309 
THR CB  CG2  sing N N 310 
THR CB  HB   sing N N 311 
THR OG1 HG1  sing N N 312 
THR CG2 HG21 sing N N 313 
THR CG2 HG22 sing N N 314 
THR CG2 HG23 sing N N 315 
THR OXT HXT  sing N N 316 
TYR N   CA   sing N N 317 
TYR N   H    sing N N 318 
TYR N   H2   sing N N 319 
TYR CA  C    sing N N 320 
TYR CA  CB   sing N N 321 
TYR CA  HA   sing N N 322 
TYR C   O    doub N N 323 
TYR C   OXT  sing N N 324 
TYR CB  CG   sing N N 325 
TYR CB  HB2  sing N N 326 
TYR CB  HB3  sing N N 327 
TYR CG  CD1  doub Y N 328 
TYR CG  CD2  sing Y N 329 
TYR CD1 CE1  sing Y N 330 
TYR CD1 HD1  sing N N 331 
TYR CD2 CE2  doub Y N 332 
TYR CD2 HD2  sing N N 333 
TYR CE1 CZ   doub Y N 334 
TYR CE1 HE1  sing N N 335 
TYR CE2 CZ   sing Y N 336 
TYR CE2 HE2  sing N N 337 
TYR CZ  OH   sing N N 338 
TYR OH  HH   sing N N 339 
TYR OXT HXT  sing N N 340 
VAL N   CA   sing N N 341 
VAL N   H    sing N N 342 
VAL N   H2   sing N N 343 
VAL CA  C    sing N N 344 
VAL CA  CB   sing N N 345 
VAL CA  HA   sing N N 346 
VAL C   O    doub N N 347 
VAL C   OXT  sing N N 348 
VAL CB  CG1  sing N N 349 
VAL CB  CG2  sing N N 350 
VAL CB  HB   sing N N 351 
VAL CG1 HG11 sing N N 352 
VAL CG1 HG12 sing N N 353 
VAL CG1 HG13 sing N N 354 
VAL CG2 HG21 sing N N 355 
VAL CG2 HG22 sing N N 356 
VAL CG2 HG23 sing N N 357 
VAL OXT HXT  sing N N 358 
# 
_pdbx_audit_support.funding_organization   'Wellcome Trust' 
_pdbx_audit_support.country                'United Kingdom' 
_pdbx_audit_support.grant_number           214222/Z/18/Z 
_pdbx_audit_support.ordinal                1 
# 
_pdbx_initial_refinement_model.id               1 
_pdbx_initial_refinement_model.entity_id_list   ? 
_pdbx_initial_refinement_model.type             'in silico model' 
_pdbx_initial_refinement_model.source_name      AlphaFold 
_pdbx_initial_refinement_model.accession_code   ? 
_pdbx_initial_refinement_model.details          ? 
# 
_atom_sites.entry_id                    9HFJ 
_atom_sites.Cartn_transf_matrix[1][1]   ? 
_atom_sites.Cartn_transf_matrix[1][2]   ? 
_atom_sites.Cartn_transf_matrix[1][3]   ? 
_atom_sites.Cartn_transf_matrix[2][1]   ? 
_atom_sites.Cartn_transf_matrix[2][2]   ? 
_atom_sites.Cartn_transf_matrix[2][3]   ? 
_atom_sites.Cartn_transf_matrix[3][1]   ? 
_atom_sites.Cartn_transf_matrix[3][2]   ? 
_atom_sites.Cartn_transf_matrix[3][3]   ? 
_atom_sites.Cartn_transf_vector[1]      ? 
_atom_sites.Cartn_transf_vector[2]      ? 
_atom_sites.Cartn_transf_vector[3]      ? 
_atom_sites.Cartn_transform_axes        ? 
_atom_sites.fract_transf_matrix[1][1]   0.01200400 
_atom_sites.fract_transf_matrix[1][2]   -0.00582603 
_atom_sites.fract_transf_matrix[1][3]   0.01295712 
_atom_sites.fract_transf_matrix[2][1]   -0.00335862 
_atom_sites.fract_transf_matrix[2][2]   0.00337600 
_atom_sites.fract_transf_matrix[2][3]   0.01797902 
_atom_sites.fract_transf_matrix[3][1]   -0.00931659 
_atom_sites.fract_transf_matrix[3][2]   -0.01627150 
_atom_sites.fract_transf_matrix[3][3]   0.00131496 
_atom_sites.fract_transf_vector[1]      -0.316971 
_atom_sites.fract_transf_vector[2]      -0.197331 
_atom_sites.fract_transf_vector[3]      0.329277 
_atom_sites.solution_primary            ? 
_atom_sites.solution_secondary          ? 
_atom_sites.solution_hydrogens          ? 
_atom_sites.special_details             ? 
# 
loop_
_atom_type.symbol 
_atom_type.pdbx_scat_Z 
_atom_type.pdbx_N_electrons 
_atom_type.scat_Cromer_Mann_a1 
_atom_type.scat_Cromer_Mann_b1 
_atom_type.scat_Cromer_Mann_a2 
_atom_type.scat_Cromer_Mann_b2 
_atom_type.scat_Cromer_Mann_a3 
_atom_type.scat_Cromer_Mann_b3 
_atom_type.scat_Cromer_Mann_a4 
_atom_type.scat_Cromer_Mann_b4 
_atom_type.scat_Cromer_Mann_c 
C  6  6  2.3103  20.8439 1.0201 10.2075 1.5888 0.5687  0.8651 51.6512 0.2156   
N  7  7  12.2220 0.0057  3.1346 9.8933  2.0141 28.9975 1.1672 0.5826  -11.5379 
NI 28 28 12.8433 3.8785  7.2953 0.2565  4.4458 12.1763 2.3811 66.3421 1.1999   
O  8  8  3.0487  13.2771 2.2870 5.7011  1.5464 0.3239  0.8671 32.9089 0.2508   
S  16 16 6.9054  1.4679  5.2035 22.2151 1.4379 0.2536  1.5863 56.1720 1.0258   
# 
loop_
_atom_site.group_PDB 
_atom_site.id 
_atom_site.type_symbol 
_atom_site.label_atom_id 
_atom_site.label_alt_id 
_atom_site.label_comp_id 
_atom_site.label_asym_id 
_atom_site.label_entity_id 
_atom_site.label_seq_id 
_atom_site.pdbx_PDB_ins_code 
_atom_site.Cartn_x 
_atom_site.Cartn_y 
_atom_site.Cartn_z 
_atom_site.occupancy 
_atom_site.B_iso_or_equiv 
_atom_site.pdbx_formal_charge 
_atom_site.auth_seq_id 
_atom_site.auth_comp_id 
_atom_site.auth_asym_id 
_atom_site.auth_atom_id 
_atom_site.pdbx_PDB_model_num 
ATOM   1   N  N   . GLN A 1 3  ? 20.801  -1.386  -2.705  1    50.091  ? 30  GLN A N   1 
ATOM   2   C  CA  . GLN A 1 3  ? 20.091  -0.900  -3.919  1    42.81   ? 30  GLN A CA  1 
ATOM   3   C  C   . GLN A 1 3  ? 18.583  -0.863  -3.655  1    38.112  ? 30  GLN A C   1 
ATOM   4   O  O   . GLN A 1 3  ? 17.840  -0.197  -4.377  1    36.874  ? 30  GLN A O   1 
ATOM   5   C  CB  . GLN A 1 3  ? 20.496  -1.759  -5.115  1    48.28   ? 30  GLN A CB  1 
ATOM   6   C  CG  . GLN A 1 3  ? 19.785  -1.420  -6.422  1    51.835  ? 30  GLN A CG  1 
ATOM   7   C  CD  . GLN A 1 3  ? 20.068  -2.422  -7.522  1    58.455  ? 30  GLN A CD  1 
ATOM   8   O  OE1 . GLN A 1 3  ? 21.040  -3.191  -7.469  1    61.347  ? 30  GLN A OE1 1 
ATOM   9   N  NE2 . GLN A 1 3  ? 19.219  -2.422  -8.542  1    54.578  ? 30  GLN A NE2 1 
ATOM   10  N  N   . GLN A 1 4  ? 18.141  -1.597  -2.625  1    31.118  ? 31  GLN A N   1 
ATOM   11  C  CA  . GLN A 1 4  ? 16.764  -1.490  -2.175  1    25.166  ? 31  GLN A CA  1 
ATOM   12  C  C   . GLN A 1 4  ? 16.762  -1.174  -0.675  1    22.878  ? 31  GLN A C   1 
ATOM   13  O  O   . GLN A 1 4  ? 17.778  -1.227  0.011   1    24.798  ? 31  GLN A O   1 
ATOM   14  C  CB  . GLN A 1 4  ? 15.980  -2.773  -2.497  1    26.037  ? 31  GLN A CB  1 
ATOM   15  C  CG  . GLN A 1 4  ? 15.700  -3.073  -3.981  1    28.343  ? 31  GLN A CG  1 
ATOM   16  C  CD  . GLN A 1 4  ? 15.124  -4.466  -4.201  1    31.832  ? 31  GLN A CD  1 
ATOM   17  O  OE1 . GLN A 1 4  ? 15.588  -5.461  -3.620  1    33.872  ? 31  GLN A OE1 1 
ATOM   18  N  NE2 . GLN A 1 4  ? 14.100  -4.572  -5.039  1    35.226  ? 31  GLN A NE2 1 
ATOM   19  N  N   . ILE A 1 5  ? 15.585  -0.835  -0.160  1    18.499  ? 32  ILE A N   1 
ATOM   20  C  CA  . ILE A 1 5  ? 15.277  -0.981  1.254   1    16.644  ? 32  ILE A CA  1 
ATOM   21  C  C   . ILE A 1 5  ? 14.062  -1.901  1.411   1    16.95   ? 32  ILE A C   1 
ATOM   22  O  O   . ILE A 1 5  ? 13.330  -2.164  0.445   1    19.014  ? 32  ILE A O   1 
ATOM   23  C  CB  . ILE A 1 5  ? 15.011  0.385   1.913   1    16.293  ? 32  ILE A CB  1 
ATOM   24  C  CG1 . ILE A 1 5  ? 13.789  1.103   1.251   1    17.708  ? 32  ILE A CG1 1 
ATOM   25  C  CG2 . ILE A 1 5  ? 16.292  1.237   1.844   1    19.123  ? 32  ILE A CG2 1 
ATOM   26  C  CD1 . ILE A 1 5  ? 13.359  2.365   1.958   1    22.94   ? 32  ILE A CD1 1 
ATOM   27  N  N   . THR A 1 6  ? 13.835  -2.375  2.643   1    16.229  ? 33  THR A N   1 
ATOM   28  C  CA  . THR A 1 6  ? 12.676  -3.196  2.921   1    16.272  ? 33  THR A CA  1 
ATOM   29  C  C   . THR A 1 6  ? 11.665  -2.303  3.627   1    16.627  ? 33  THR A C   1 
ATOM   30  O  O   . THR A 1 6  ? 11.936  -1.772  4.689   1    17.969  ? 33  THR A O   1 
ATOM   31  C  CB  . THR A 1 6  ? 13.006  -4.426  3.787   1    19.059  ? 33  THR A CB  1 
ATOM   32  O  OG1 . THR A 1 6  ? 13.827  -5.284  2.984   1    21.344  ? 33  THR A OG1 1 
ATOM   33  C  CG2 . THR A 1 6  ? 11.737  -5.192  4.116   1    18.737  ? 33  THR A CG2 1 
ATOM   34  N  N   . VAL A 1 7  ? 10.518  -2.060  2.968   1    16.114  ? 34  VAL A N   1 
ATOM   35  C  CA  . VAL A 1 7  ? 9.463   -1.285  3.583   1    16.051  ? 34  VAL A CA  1 
ATOM   36  C  C   . VAL A 1 7  ? 8.445   -2.211  4.244   1    16.332  ? 34  VAL A C   1 
ATOM   37  O  O   . VAL A 1 7  ? 7.895   -3.111  3.581   1    17.6    ? 34  VAL A O   1 
ATOM   38  C  CB  . VAL A 1 7  ? 8.726   -0.465  2.504   1    16.589  ? 34  VAL A CB  1 
ATOM   39  C  CG1 . VAL A 1 7  ? 7.565   0.275   3.121   1    18.231  ? 34  VAL A CG1 1 
ATOM   40  C  CG2 . VAL A 1 7  ? 9.625   0.547   1.875   1    18.555  ? 34  VAL A CG2 1 
ATOM   41  N  N   . LYS A 1 8  ? 8.215   -1.980  5.537   1    15.748  ? 35  LYS A N   1 
ATOM   42  C  CA  . LYS A 1 8  ? 7.171   -2.665  6.286   1    17.785  ? 35  LYS A CA  1 
ATOM   43  C  C   . LYS A 1 8  ? 6.026   -1.672  6.483   1    18.103  ? 35  LYS A C   1 
ATOM   44  O  O   . LYS A 1 8  ? 6.233   -0.541  6.924   1    21.28   ? 35  LYS A O   1 
ATOM   45  C  CB  . LYS A 1 8  ? 7.699   -3.083  7.656   1    20.367  ? 35  LYS A CB  1 
ATOM   46  C  CG  . LYS A 1 8  ? 8.928   -3.947  7.601   1    23.988  ? 35  LYS A CG  1 
ATOM   47  C  CD  . LYS A 1 8  ? 8.688   -5.348  7.082   1    30.401  ? 35  LYS A CD  1 
ATOM   48  C  CE  . LYS A 1 8  ? 9.912   -6.175  7.382   1    27.288  ? 35  LYS A CE  1 
ATOM   49  N  NZ  . LYS A 1 8  ? 9.934   -7.439  6.638   1    27.622  ? 35  LYS A NZ  1 
ATOM   50  N  N   . GLY A 1 9  ? 4.862   -2.026  5.986   1    16.168  ? 36  GLY A N   1 
ATOM   51  C  CA  . GLY A 1 9  ? 3.763   -1.065  5.979   1    15.637  ? 36  GLY A CA  1 
ATOM   52  C  C   . GLY A 1 9  ? 2.503   -1.670  6.590   1    16.432  ? 36  GLY A C   1 
ATOM   53  O  O   . GLY A 1 9  ? 2.394   -2.895  6.752   1    16.991  ? 36  GLY A O   1 
ATOM   54  N  N   . HIS A 1 10 ? 1.588   -0.770  6.954   1    14.612  ? 37  HIS A N   1 
ATOM   55  C  CA  . HIS A 1 10 ? 0.312   -1.106  7.529   1    16.055  ? 37  HIS A CA  1 
ATOM   56  C  C   . HIS A 1 10 ? -0.762  -0.289  6.810   1    15.027  ? 37  HIS A C   1 
ATOM   57  O  O   . HIS A 1 10 ? -0.693  0.929   6.764   1    16.847  ? 37  HIS A O   1 
ATOM   58  C  CB  . HIS A 1 10 ? 0.385   -0.803  9.045   1    16.654  ? 37  HIS A CB  1 
ATOM   59  C  CG  . HIS A 1 10 ? -0.844  -1.150  9.833   1    17.475  ? 37  HIS A CG  1 
ATOM   60  N  ND1 . HIS A 1 10 ? -1.181  -2.453  10.082  1    18.385  ? 37  HIS A ND1 1 
ATOM   61  C  CD2 . HIS A 1 10 ? -1.772  -0.395  10.436  1    17.872  ? 37  HIS A CD2 1 
ATOM   62  C  CE1 . HIS A 1 10 ? -2.312  -2.474  10.804  1    19.467  ? 37  HIS A CE1 1 
ATOM   63  N  NE2 . HIS A 1 10 ? -2.689  -1.221  11.036  1    19.856  ? 37  HIS A NE2 1 
ATOM   64  N  N   . VAL A 1 11 ? -1.763  -1.010  6.307   1    14.496  ? 38  VAL A N   1 
ATOM   65  C  CA  . VAL A 1 11 ? -2.828  -0.412  5.511   1    13.727  ? 38  VAL A CA  1 
ATOM   66  C  C   . VAL A 1 11 ? -4.140  -0.504  6.289   1    13.849  ? 38  VAL A C   1 
ATOM   67  O  O   . VAL A 1 11 ? -4.541  -1.620  6.653   1    14.268  ? 38  VAL A O   1 
ATOM   68  C  CB  . VAL A 1 11 ? -2.974  -1.060  4.111   1    12.928  ? 38  VAL A CB  1 
ATOM   69  C  CG1 . VAL A 1 11 ? -4.049  -0.370  3.270   1    12.526  ? 38  VAL A CG1 1 
ATOM   70  C  CG2 . VAL A 1 11 ? -1.630  -1.113  3.393   1    12.491  ? 38  VAL A CG2 1 
ATOM   71  N  N   . VAL A 1 12 ? -4.779  0.646   6.432   1    13.398  ? 39  VAL A N   1 
ATOM   72  C  CA  . VAL A 1 12 ? -6.037  0.722   7.179   1    14.466  ? 39  VAL A CA  1 
ATOM   73  C  C   . VAL A 1 12 ? -7.080  1.465   6.369   1    14.777  ? 39  VAL A C   1 
ATOM   74  O  O   . VAL A 1 12 ? -6.749  2.205   5.436   1    14.32   ? 39  VAL A O   1 
ATOM   75  C  CB  . VAL A 1 12 ? -5.814  1.426   8.540   1    15.927  ? 39  VAL A CB  1 
ATOM   76  C  CG1 . VAL A 1 12 ? -4.865  0.602   9.394   1    18.776  ? 39  VAL A CG1 1 
ATOM   77  C  CG2 . VAL A 1 12 ? -5.271  2.858   8.403   1    17.462  ? 39  VAL A CG2 1 
ATOM   78  N  N   . ASP A 1 13 ? -8.339  1.346   6.786   1    15.806  ? 40  ASP A N   1 
ATOM   79  C  CA  . ASP A 1 13 ? -9.397  2.218   6.301   1    16.005  ? 40  ASP A CA  1 
ATOM   80  C  C   . ASP A 1 13 ? -9.437  3.487   7.178   1    19.412  ? 40  ASP A C   1 
ATOM   81  O  O   . ASP A 1 13 ? -8.625  3.663   8.123   1    19.508  ? 40  ASP A O   1 
ATOM   82  C  CB  . ASP A 1 13 ? -10.718 1.442   6.224   1    17.849  ? 40  ASP A CB  1 
ATOM   83  C  CG  . ASP A 1 13 ? -11.311 1.032   7.568   1    23.496  ? 40  ASP A CG  1 
ATOM   84  O  OD1 . ASP A 1 13 ? -10.979 1.685   8.575   1    19.502  ? 40  ASP A OD1 1 
ATOM   85  O  OD2 . ASP A 1 13 ? -12.044 0.009   7.601   1    26.844  ? 40  ASP A OD2 1 
ATOM   86  N  N   . ALA A 1 14 ? -10.400 4.367   6.894   1    18.763  ? 41  ALA A N   1 
ATOM   87  C  CA  . ALA A 1 14 ? -10.448 5.660   7.591   1    20.472  ? 41  ALA A CA  1 
ATOM   88  C  C   . ALA A 1 14 ? -10.771 5.495   9.082   1    24.852  ? 41  ALA A C   1 
ATOM   89  O  O   . ALA A 1 14 ? -10.419 6.388   9.856   1    25.946  ? 41  ALA A O   1 
ATOM   90  C  CB  . ALA A 1 14 ? -11.440 6.585   6.918   1    22.459  ? 41  ALA A CB  1 
ATOM   91  N  N   . THR A 1 15 ? -11.356 4.369   9.491   1    21.277  ? 42  THR A N   1 
ATOM   92  C  CA  . THR A 1 15 ? -11.603 4.132   10.918  1    25.579  ? 42  THR A CA  1 
ATOM   93  C  C   . THR A 1 15 ? -10.420 3.460   11.617  1    26.023  ? 42  THR A C   1 
ATOM   94  O  O   . THR A 1 15 ? -10.453 3.224   12.830  1    28.165  ? 42  THR A O   1 
ATOM   95  C  CB  . THR A 1 15 ? -12.895 3.342   11.123  1    27.403  ? 42  THR A CB  1 
ATOM   96  O  OG1 . THR A 1 15 ? -12.656 1.987   10.754  1    29.954  ? 42  THR A OG1 1 
ATOM   97  C  CG2 . THR A 1 15 ? -14.095 3.979   10.443  1    32.597  ? 42  THR A CG2 1 
ATOM   98  N  N   . GLY A 1 16 ? -9.355  3.108   10.879  1    20.711  ? 43  GLY A N   1 
ATOM   99  C  CA  . GLY A 1 16 ? -8.189  2.500   11.474  1    21.667  ? 43  GLY A CA  1 
ATOM   100 C  C   . GLY A 1 16 ? -8.212  0.966   11.513  1    18.508  ? 43  GLY A C   1 
ATOM   101 O  O   . GLY A 1 16 ? -7.264  0.380   12.033  1    21.415  ? 43  GLY A O   1 
ATOM   102 N  N   . GLU A 1 17 ? -9.211  0.334   10.895  1    19.074  ? 44  GLU A N   1 
ATOM   103 C  CA  . GLU A 1 17 ? -9.266  -1.115  10.808  1    20.354  ? 44  GLU A CA  1 
ATOM   104 C  C   . GLU A 1 17 ? -8.399  -1.600  9.635   1    17.617  ? 44  GLU A C   1 
ATOM   105 O  O   . GLU A 1 17 ? -8.348  -0.930  8.586   1    19.002  ? 44  GLU A O   1 
ATOM   106 C  CB  . GLU A 1 17 ? -10.714 -1.562  10.602  1    22.728  ? 44  GLU A CB  1 
ATOM   107 C  CG  . GLU A 1 17 ? -11.605 -1.373  11.841  1    25.575  ? 44  GLU A CG  1 
ATOM   108 C  CD  . GLU A 1 17 ? -11.153 -2.152  13.077  1    28.872  ? 44  GLU A CD  1 
ATOM   109 O  OE1 . GLU A 1 17 ? -11.618 -1.703  14.168  1    36.361  ? 44  GLU A OE1 1 
ATOM   110 O  OE2 . GLU A 1 17 ? -10.407 -3.167  13.052  1    33.189  ? 44  GLU A OE2 1 
ATOM   111 N  N   . PRO A 1 18 ? -7.657  -2.710  9.806   1    17.737  ? 45  PRO A N   1 
ATOM   112 C  CA  . PRO A 1 18 ? -6.799  -3.226  8.748   1    18.191  ? 45  PRO A CA  1 
ATOM   113 C  C   . PRO A 1 18 ? -7.581  -3.535  7.482   1    17.228  ? 45  PRO A C   1 
ATOM   114 O  O   . PRO A 1 18 ? -8.721  -4.014  7.502   1    18.264  ? 45  PRO A O   1 
ATOM   115 C  CB  . PRO A 1 18 ? -6.160  -4.479  9.333   1    19.679  ? 45  PRO A CB  1 
ATOM   116 C  CG  . PRO A 1 18 ? -7.138  -4.871  10.428  1    26.876  ? 45  PRO A CG  1 
ATOM   117 C  CD  . PRO A 1 18 ? -7.702  -3.617  10.973  1    20.65   ? 45  PRO A CD  1 
ATOM   118 N  N   . VAL A 1 19 ? -6.918  -3.244  6.352   1    15.727  ? 46  VAL A N   1 
ATOM   119 C  CA  . VAL A 1 19 ? -7.404  -3.702  5.057   1    15.86   ? 46  VAL A CA  1 
ATOM   120 C  C   . VAL A 1 19 ? -6.661  -4.980  4.685   1    14.739  ? 46  VAL A C   1 
ATOM   121 O  O   . VAL A 1 19 ? -5.417  -4.953  4.633   1    14.498  ? 46  VAL A O   1 
ATOM   122 C  CB  . VAL A 1 19 ? -7.243  -2.621  3.968   1    14.685  ? 46  VAL A CB  1 
ATOM   123 C  CG1 . VAL A 1 19 ? -7.767  -3.128  2.645   1    16.956  ? 46  VAL A CG1 1 
ATOM   124 C  CG2 . VAL A 1 19 ? -7.991  -1.337  4.332   1    17.736  ? 46  VAL A CG2 1 
ATOM   125 N  N   . ILE A 1 20 ? -7.378  -6.110  4.570   1    15.613  ? 47  ILE A N   1 
ATOM   126 C  CA  . ILE A 1 20 ? -6.776  -7.427  4.436   1    16.303  ? 47  ILE A CA  1 
ATOM   127 C  C   . ILE A 1 20 ? -6.868  -7.884  2.977   1    15.027  ? 47  ILE A C   1 
ATOM   128 O  O   . ILE A 1 20 ? -7.944  -7.952  2.382   1    17.501  ? 47  ILE A O   1 
ATOM   129 C  CB  . ILE A 1 20 ? -7.514  -8.440  5.342   1    17.295  ? 47  ILE A CB  1 
ATOM   130 C  CG1 . ILE A 1 20 ? -7.435  -7.980  6.795   1    17.479  ? 47  ILE A CG1 1 
ATOM   131 C  CG2 . ILE A 1 20 ? -6.990  -9.856  5.133   1    17.269  ? 47  ILE A CG2 1 
ATOM   132 C  CD1 . ILE A 1 20 ? -8.433  -8.712  7.697   1    19.094  ? 47  ILE A CD1 1 
ATOM   133 N  N   . GLY A 1 21 ? -5.687  -8.188  2.410   1    14.843  ? 48  GLY A N   1 
ATOM   134 C  CA  . GLY A 1 21 ? -5.636  -8.565  1.000   1    16.224  ? 48  GLY A CA  1 
ATOM   135 C  C   . GLY A 1 21 ? -5.432  -7.428  -0.004  1    15.067  ? 48  GLY A C   1 
ATOM   136 O  O   . GLY A 1 21 ? -5.594  -7.669  -1.202  1    14.64   ? 48  GLY A O   1 
ATOM   137 N  N   . ALA A 1 22 ? -5.089  -6.222  0.462   1    14.164  ? 49  ALA A N   1 
ATOM   138 C  CA  . ALA A 1 22 ? -4.841  -5.125  -0.465  1    14.197  ? 49  ALA A CA  1 
ATOM   139 C  C   . ALA A 1 22 ? -3.543  -5.391  -1.235  1    13.29   ? 49  ALA A C   1 
ATOM   140 O  O   . ALA A 1 22 ? -2.585  -5.940  -0.717  1    14.227  ? 49  ALA A O   1 
ATOM   141 C  CB  . ALA A 1 22 ? -4.710  -3.833  0.340   1    13.753  ? 49  ALA A CB  1 
ATOM   142 N  N   . SER A 1 23 ? -3.542  -4.980  -2.503  1    12.886  ? 50  SER A N   1 
ATOM   143 C  CA  . SER A 1 23 ? -2.366  -5.070  -3.371  1    12.03   ? 50  SER A CA  1 
ATOM   144 C  C   . SER A 1 23 ? -1.445  -3.880  -3.112  1    12.86   ? 50  SER A C   1 
ATOM   145 O  O   . SER A 1 23 ? -1.907  -2.730  -2.981  1    12.826  ? 50  SER A O   1 
ATOM   146 C  CB  . SER A 1 23 ? -2.773  -5.022  -4.816  1    15.1    ? 50  SER A CB  1 
ATOM   147 O  OG  . SER A 1 23 ? -3.652  -6.083  -5.136  1    19.809  ? 50  SER A OG  1 
ATOM   148 N  N   . VAL A 1 24 ? -0.149  -4.165  -3.012  1    12.502  ? 51  VAL A N   1 
ATOM   149 C  CA  . VAL A 1 24 ? 0.863   -3.139  -2.759  1    12.754  ? 51  VAL A CA  1 
ATOM   150 C  C   . VAL A 1 24 ? 1.959   -3.375  -3.786  1    13.039  ? 51  VAL A C   1 
ATOM   151 O  O   . VAL A 1 24 ? 2.631   -4.405  -3.720  1    14.123  ? 51  VAL A O   1 
ATOM   152 C  CB  . VAL A 1 24 ? 1.429   -3.170  -1.320  1    12.924  ? 51  VAL A CB  1 
ATOM   153 C  CG1 . VAL A 1 24 ? 2.453   -2.068  -1.125  1    14.19   ? 51  VAL A CG1 1 
ATOM   154 C  CG2 . VAL A 1 24 ? 0.305   -3.067  -0.280  1    14.035  ? 51  VAL A CG2 1 
ATOM   155 N  N   . ILE A 1 25 ? 2.096   -2.470  -4.765  1    12.677  ? 52  ILE A N   1 
ATOM   156 C  CA  . ILE A 1 25 ? 2.992   -2.695  -5.899  1    13.902  ? 52  ILE A CA  1 
ATOM   157 C  C   . ILE A 1 25 ? 3.995   -1.533  -5.978  1    14.316  ? 52  ILE A C   1 
ATOM   158 O  O   . ILE A 1 25 ? 3.659   -0.370  -5.692  1    14.291  ? 52  ILE A O   1 
ATOM   159 C  CB  . ILE A 1 25 ? 2.136   -2.823  -7.156  1    16.323  ? 52  ILE A CB  1 
ATOM   160 C  CG1 . ILE A 1 25 ? 1.245   -4.073  -7.039  1    21.643  ? 52  ILE A CG1 1 
ATOM   161 C  CG2 . ILE A 1 25 ? 3.035   -2.943  -8.393  1    18.271  ? 52  ILE A CG2 1 
ATOM   162 C  CD1 . ILE A 1 25 ? 0.036   -4.039  -7.943  1    27.252  ? 52  ILE A CD1 1 
ATOM   163 N  N   . GLU A 1 26 ? 5.242   -1.835  -6.309  1    14.523  ? 53  GLU A N   1 
ATOM   164 C  CA  . GLU A 1 26 ? 6.243   -0.783  -6.514  1    15.383  ? 53  GLU A CA  1 
ATOM   165 C  C   . GLU A 1 26 ? 5.941   -0.114  -7.861  1    15.361  ? 53  GLU A C   1 
ATOM   166 O  O   . GLU A 1 26 ? 6.013   -0.710  -8.974  1    16.981  ? 53  GLU A O   1 
ATOM   167 C  CB  . GLU A 1 26 ? 7.653   -1.366  -6.458  1    15.007  ? 53  GLU A CB  1 
ATOM   168 C  CG  . GLU A 1 26 ? 8.734   -0.272  -6.512  1    17.632  ? 53  GLU A CG  1 
ATOM   169 C  CD  . GLU A 1 26 ? 10.166  -0.785  -6.552  1    20.041  ? 53  GLU A CD  1 
ATOM   170 O  OE1 . GLU A 1 26 ? 11.054  0.115   -6.382  1    20.82   ? 53  GLU A OE1 1 
ATOM   171 O  OE2 . GLU A 1 26 ? 10.448  -1.986  -6.606  1    21.594  ? 53  GLU A OE2 1 
ATOM   172 N  N   . GLY A 1 27 ? 5.605   1.190   -7.781  1    16.813  ? 54  GLY A N   1 
ATOM   173 C  CA  . GLY A 1 27 ? 5.212   1.916   -8.986  1    19.117  ? 54  GLY A CA  1 
ATOM   174 C  C   . GLY A 1 27 ? 4.214   1.128   -9.814  1    16.545  ? 54  GLY A C   1 
ATOM   175 O  O   . GLY A 1 27 ? 3.135   0.735   -9.325  1    17.782  ? 54  GLY A O   1 
ATOM   176 N  N   . LYS A 1 28 ? 4.517   1.003   -11.101 1    17.405  ? 55  LYS A N   1 
ATOM   177 C  CA  . LYS A 1 28 ? 3.734   0.242   -12.068 1    18.305  ? 55  LYS A CA  1 
ATOM   178 C  C   . LYS A 1 28 ? 4.488   -0.996  -12.553 1    21.369  ? 55  LYS A C   1 
ATOM   179 O  O   . LYS A 1 28 ? 4.276   -1.489  -13.679 1    20.361  ? 55  LYS A O   1 
ATOM   180 C  CB  . LYS A 1 28 ? 3.226   1.065   -13.262 1    21.524  ? 55  LYS A CB  1 
ATOM   181 C  CG  . LYS A 1 28 ? 2.266   2.136   -12.871 1    23.068  ? 55  LYS A CG  1 
ATOM   182 C  CD  . LYS A 1 28 ? 1.662   2.808   -14.097 1    27.465  ? 55  LYS A CD  1 
ATOM   183 C  CE  . LYS A 1 28 ? 0.368   3.513   -13.825 1    38.415  ? 55  LYS A CE  1 
ATOM   184 N  NZ  . LYS A 1 28 ? 0.638   4.842   -13.292 1    37.676  ? 55  LYS A NZ  1 
ATOM   185 N  N   . SER A 1 29 ? 5.405   -1.487  -11.703 1    17.962  ? 56  SER A N   1 
ATOM   186 C  CA  . SER A 1 29 ? 6.258   -2.635  -12.027 1    17.993  ? 56  SER A CA  1 
ATOM   187 C  C   . SER A 1 29 ? 5.556   -3.968  -11.699 1    17.645  ? 56  SER A C   1 
ATOM   188 O  O   . SER A 1 29 ? 4.403   -3.969  -11.265 1    17.032  ? 56  SER A O   1 
ATOM   189 C  CB  . SER A 1 29 ? 7.591   -2.592  -11.263 1    17.89   ? 56  SER A CB  1 
ATOM   190 O  OG  . SER A 1 29 ? 7.378   -3.009  -9.908  1    16.013  ? 56  SER A OG  1 
ATOM   191 N  N   . THR A 1 30 ? 6.305   -5.068  -11.830 1    17.739  ? 57  THR A N   1 
ATOM   192 C  CA  . THR A 1 30 ? 5.754   -6.376  -11.420 1    16.071  ? 57  THR A CA  1 
ATOM   193 C  C   . THR A 1 30 ? 6.150   -6.741  -9.986  1    16.039  ? 57  THR A C   1 
ATOM   194 O  O   . THR A 1 30 ? 5.775   -7.822  -9.510  1    16.835  ? 57  THR A O   1 
ATOM   195 C  CB  . THR A 1 30 ? 6.167   -7.507  -12.366 1    19.863  ? 57  THR A CB  1 
ATOM   196 O  OG1 . THR A 1 30 ? 7.575   -7.660  -12.261 1    20.249  ? 57  THR A OG1 1 
ATOM   197 C  CG2 . THR A 1 30 ? 5.690   -7.286  -13.791 1    22.92   ? 57  THR A CG2 1 
ATOM   198 N  N   . ASN A 1 31 ? 6.848   -5.851  -9.283  1    14.735  ? 58  ASN A N   1 
ATOM   199 C  CA  . ASN A 1 31 ? 7.226   -6.112  -7.888  1    13.098  ? 58  ASN A CA  1 
ATOM   200 C  C   . ASN A 1 31 ? 6.084   -5.767  -6.935  1    14.043  ? 58  ASN A C   1 
ATOM   201 O  O   . ASN A 1 31 ? 5.779   -4.584  -6.720  1    15.275  ? 58  ASN A O   1 
ATOM   202 C  CB  . ASN A 1 31 ? 8.464   -5.300  -7.570  1    14.729  ? 58  ASN A CB  1 
ATOM   203 C  CG  . ASN A 1 31 ? 8.968   -5.433  -6.144  1    15.993  ? 58  ASN A CG  1 
ATOM   204 O  OD1 . ASN A 1 31 ? 8.827   -6.505  -5.541  1    20.324  ? 58  ASN A OD1 1 
ATOM   205 N  ND2 . ASN A 1 31 ? 9.613   -4.361  -5.692  1    20.608  ? 58  ASN A ND2 1 
ATOM   206 N  N   . GLY A 1 32 ? 5.407   -6.765  -6.379  1    13.949  ? 59  GLY A N   1 
ATOM   207 C  CA  . GLY A 1 32 ? 4.199   -6.504  -5.604  1    14.467  ? 59  GLY A CA  1 
ATOM   208 C  C   . GLY A 1 32 ? 3.964   -7.561  -4.545  1    15.875  ? 59  GLY A C   1 
ATOM   209 O  O   . GLY A 1 32 ? 4.543   -8.655  -4.616  1    14.5    ? 59  GLY A O   1 
ATOM   210 N  N   . THR A 1 33 ? 3.104   -7.216  -3.598  1    13.912  ? 60  THR A N   1 
ATOM   211 C  CA  . THR A 1 33 ? 2.710   -8.105  -2.527  1    13.151  ? 60  THR A CA  1 
ATOM   212 C  C   . THR A 1 33 ? 1.262   -7.796  -2.156  1    12.751  ? 60  THR A C   1 
ATOM   213 O  O   . THR A 1 33 ? 0.582   -7.042  -2.837  1    12.666  ? 60  THR A O   1 
ATOM   214 C  CB  . THR A 1 33 ? 3.702   -7.992  -1.366  1    13.815  ? 60  THR A CB  1 
ATOM   215 O  OG1 . THR A 1 33 ? 3.453   -9.084  -0.459  1    14.354  ? 60  THR A OG1 1 
ATOM   216 C  CG2 . THR A 1 33 ? 3.598   -6.708  -0.542  1    13.769  ? 60  THR A CG2 1 
ATOM   217 N  N   . ILE A 1 34 ? 0.790   -8.495  -1.104  1    13.628  ? 61  ILE A N   1 
ATOM   218 C  CA  . ILE A 1 34 ? -0.547  -8.266  -0.574  1    15.484  ? 61  ILE A CA  1 
ATOM   219 C  C   . ILE A 1 34 ? -0.458  -8.086  0.940   1    16.17   ? 61  ILE A C   1 
ATOM   220 O  O   . ILE A 1 34 ? 0.467   -8.598  1.590   1    17.794  ? 61  ILE A O   1 
ATOM   221 C  CB  . ILE A 1 34 ? -1.526  -9.402  -0.934  1    18.97   ? 61  ILE A CB  1 
ATOM   222 C  CG1 . ILE A 1 34 ? -1.087  -10.727 -0.305  1    21.924  ? 61  ILE A CG1 1 
ATOM   223 C  CG2 . ILE A 1 34 ? -1.689  -9.463  -2.454  1    19.848  ? 61  ILE A CG2 1 
ATOM   224 C  CD1 . ILE A 1 34 ? -2.221  -11.668 0.077   1    27.624  ? 61  ILE A CD1 1 
ATOM   225 N  N   . THR A 1 35 ? -1.413  -7.354  1.518   1    14.255  ? 62  THR A N   1 
ATOM   226 C  CA  . THR A 1 35 ? -1.460  -7.230  2.969   1    14.582  ? 62  THR A CA  1 
ATOM   227 C  C   . THR A 1 35 ? -2.027  -8.520  3.567   1    15.557  ? 62  THR A C   1 
ATOM   228 O  O   . THR A 1 35 ? -2.898  -9.190  2.999   1    15.46   ? 62  THR A O   1 
ATOM   229 C  CB  . THR A 1 35 ? -2.280  -6.026  3.454   1    13.303  ? 62  THR A CB  1 
ATOM   230 O  OG1 . THR A 1 35 ? -3.606  -6.178  2.995   1    14.08   ? 62  THR A OG1 1 
ATOM   231 C  CG2 . THR A 1 35 ? -1.692  -4.695  2.991   1    14.756  ? 62  THR A CG2 1 
ATOM   232 N  N   . ASP A 1 36 ? -1.491  -8.780  4.772   1    15.524  ? 63  ASP A N   1 
ATOM   233 C  CA  . ASP A 1 36 ? -1.874  -9.960  5.550   1    17.923  ? 63  ASP A CA  1 
ATOM   234 C  C   . ASP A 1 36 ? -3.110  -9.661  6.388   1    17.65   ? 63  ASP A C   1 
ATOM   235 O  O   . ASP A 1 36 ? -3.784  -8.645  6.329   1    17.418  ? 63  ASP A O   1 
ATOM   236 C  CB  . ASP A 1 36 ? -0.658  -10.443 6.327   1    19.189  ? 63  ASP A CB  1 
ATOM   237 C  CG  . ASP A 1 36 ? -0.220  -9.563  7.487   1    18.885  ? 63  ASP A CG  1 
ATOM   238 O  OD1 . ASP A 1 36 ? -0.965  -8.668  7.894   1    17.369  ? 63  ASP A OD1 1 
ATOM   239 O  OD2 . ASP A 1 36 ? 0.926   -9.759  7.944   1    22.469  ? 63  ASP A OD2 1 
ATOM   240 N  N   . ILE A 1 37 ? -3.372  -10.664 7.244   1    22.306  ? 64  ILE A N   1 
ATOM   241 C  CA  . ILE A 1 37 ? -4.506  -10.701 8.139   1    22.415  ? 64  ILE A CA  1 
ATOM   242 C  C   . ILE A 1 37 ? -4.522  -9.507  9.097   1    22.584  ? 64  ILE A C   1 
ATOM   243 O  O   . ILE A 1 37 ? -5.570  -9.118  9.593   1    25.051  ? 64  ILE A O   1 
ATOM   244 C  CB  . ILE A 1 37 ? -4.424  -12.055 8.891   1    26.753  ? 64  ILE A CB  1 
ATOM   245 C  CG1 . ILE A 1 37 ? -5.680  -12.323 9.670   1    33.328  ? 64  ILE A CG1 1 
ATOM   246 C  CG2 . ILE A 1 37 ? -3.157  -12.199 9.752   1    29.525  ? 64  ILE A CG2 1 
ATOM   247 C  CD1 . ILE A 1 37 ? -5.886  -13.794 9.971   1    34.739  ? 64  ILE A CD1 1 
ATOM   248 N  N   . ASP A 1 38 ? -3.354  -8.876  9.321   1    19.709  ? 65  ASP A N   1 
ATOM   249 C  CA  . ASP A 1 38 ? -3.254  -7.712  10.196  1    20.043  ? 65  ASP A CA  1 
ATOM   250 C  C   . ASP A 1 38 ? -3.108  -6.387  9.426   1    18.166  ? 65  ASP A C   1 
ATOM   251 O  O   . ASP A 1 38 ? -2.901  -5.328  10.018  1    19.626  ? 65  ASP A O   1 
ATOM   252 C  CB  . ASP A 1 38 ? -2.031  -7.852  11.088  1    21.817  ? 65  ASP A CB  1 
ATOM   253 C  CG  . ASP A 1 38 ? -2.032  -9.094  11.975  1    24.859  ? 65  ASP A CG  1 
ATOM   254 O  OD1 . ASP A 1 38 ? -3.094  -9.334  12.611  1    29.526  ? 65  ASP A OD1 1 
ATOM   255 O  OD2 . ASP A 1 38 ? -1.024  -9.829  11.938  1    27.753  ? 65  ASP A OD2 1 
ATOM   256 N  N   . GLY A 1 39 ? -3.294  -6.431  8.094   1    17.688  ? 66  GLY A N   1 
ATOM   257 C  CA  . GLY A 1 39 ? -3.140  -5.213  7.299   1    17.386  ? 66  GLY A CA  1 
ATOM   258 C  C   . GLY A 1 39 ? -1.674  -4.907  6.973   1    17.116  ? 66  GLY A C   1 
ATOM   259 O  O   . GLY A 1 39 ? -1.381  -3.838  6.420   1    16.392  ? 66  GLY A O   1 
ATOM   260 N  N   . ASN A 1 40 ? -0.768  -5.840  7.221   1    15.457  ? 67  ASN A N   1 
ATOM   261 C  CA  . ASN A 1 40 ? 0.664   -5.580  7.088   1    15.534  ? 67  ASN A CA  1 
ATOM   262 C  C   . ASN A 1 40 ? 1.221   -6.155  5.795   1    15.205  ? 67  ASN A C   1 
ATOM   263 O  O   . ASN A 1 40 ? 0.733   -7.154  5.285   1    15.547  ? 67  ASN A O   1 
ATOM   264 C  CB  . ASN A 1 40 ? 1.465   -6.089  8.303   1    16.807  ? 67  ASN A CB  1 
ATOM   265 C  CG  . ASN A 1 40 ? 1.071   -5.364  9.573   1    18.286  ? 67  ASN A CG  1 
ATOM   266 O  OD1 . ASN A 1 40 ? 0.747   -4.170  9.567   1    19.394  ? 67  ASN A OD1 1 
ATOM   267 N  ND2 . ASN A 1 40 ? 0.985   -6.127  10.660  1    20.824  ? 67  ASN A ND2 1 
ATOM   268 N  N   . PHE A 1 41 ? 2.249   -5.446  5.275   1    15.056  ? 68  PHE A N   1 
ATOM   269 C  CA  . PHE A 1 41 ? 2.984   -5.924  4.112   1    15.046  ? 68  PHE A CA  1 
ATOM   270 C  C   . PHE A 1 41 ? 4.477   -5.695  4.322   1    14.335  ? 68  PHE A C   1 
ATOM   271 O  O   . PHE A 1 41 ? 4.893   -4.854  5.126   1    15.689  ? 68  PHE A O   1 
ATOM   272 C  CB  . PHE A 1 41 ? 2.540   -5.259  2.790   1    15.323  ? 68  PHE A CB  1 
ATOM   273 C  CG  . PHE A 1 41 ? 2.906   -3.796  2.677   1    16.01   ? 68  PHE A CG  1 
ATOM   274 C  CD1 . PHE A 1 41 ? 4.135   -3.389  2.168   1    15.527  ? 68  PHE A CD1 1 
ATOM   275 C  CD2 . PHE A 1 41 ? 2.003   -2.840  3.095   1    17.087  ? 68  PHE A CD2 1 
ATOM   276 C  CE1 . PHE A 1 41 ? 4.440   -2.029  2.068   1    16.78   ? 68  PHE A CE1 1 
ATOM   277 C  CE2 . PHE A 1 41 ? 2.289   -1.475  2.978   1    16.707  ? 68  PHE A CE2 1 
ATOM   278 C  CZ  . PHE A 1 41 ? 3.514   -1.075  2.468   1    16.435  ? 68  PHE A CZ  1 
ATOM   279 N  N   . SER A 1 42 ? 5.282   -6.400  3.510   1    15.477  ? 69  SER A N   1 
ATOM   280 C  CA  . SER A 1 42 ? 6.713   -6.186  3.424   1    15.835  ? 69  SER A CA  1 
ATOM   281 C  C   . SER A 1 42 ? 7.067   -6.216  1.940   1    14.27   ? 69  SER A C   1 
ATOM   282 O  O   . SER A 1 42 ? 6.607   -7.100  1.207   1    15.111  ? 69  SER A O   1 
ATOM   283 C  CB  . SER A 1 42 ? 7.432   -7.304  4.169   1    18.447  ? 69  SER A CB  1 
ATOM   284 O  OG  . SER A 1 42 ? 8.810   -6.981  4.162   1    21.159  ? 69  SER A OG  1 
ATOM   285 N  N   . LEU A 1 43 ? 7.811   -5.205  1.467   1    14.003  ? 70  LEU A N   1 
ATOM   286 C  CA  . LEU A 1 43 ? 8.189   -5.204  0.073   1    13.896  ? 70  LEU A CA  1 
ATOM   287 C  C   . LEU A 1 43 ? 9.593   -4.607  -0.013  1    13.266  ? 70  LEU A C   1 
ATOM   288 O  O   . LEU A 1 43 ? 9.880   -3.593  0.638   1    15.104  ? 70  LEU A O   1 
ATOM   289 C  CB  . LEU A 1 43 ? 7.187   -4.382  -0.767  1    15.135  ? 70  LEU A CB  1 
ATOM   290 C  CG  . LEU A 1 43 ? 7.256   -4.560  -2.286  1    13.754  ? 70  LEU A CG  1 
ATOM   291 C  CD1 . LEU A 1 43 ? 6.777   -5.986  -2.671  1    15.68   ? 70  LEU A CD1 1 
ATOM   292 C  CD2 . LEU A 1 43 ? 6.383   -3.510  -2.961  1    17.016  ? 70  LEU A CD2 1 
ATOM   293 N  N   . ASN A 1 44 ? 10.427  -5.161  -0.896  1    15.152  ? 71  ASN A N   1 
ATOM   294 C  CA  . ASN A 1 44 ? 11.759  -4.605  -1.115  1    15.454  ? 71  ASN A CA  1 
ATOM   295 C  C   . ASN A 1 44 ? 11.688  -3.683  -2.322  1    14.92   ? 71  ASN A C   1 
ATOM   296 O  O   . ASN A 1 44 ? 11.267  -4.104  -3.399  1    16.21   ? 71  ASN A O   1 
ATOM   297 C  CB  . ASN A 1 44 ? 12.755  -5.724  -1.434  1    17.808  ? 71  ASN A CB  1 
ATOM   298 C  CG  . ASN A 1 44 ? 12.755  -6.755  -0.339  1    23.713  ? 71  ASN A CG  1 
ATOM   299 O  OD1 . ASN A 1 44 ? 12.572  -6.404  0.825   1    21.647  ? 71  ASN A OD1 1 
ATOM   300 N  ND2 . ASN A 1 44 ? 12.884  -8.027  -0.701  1    27.385  ? 71  ASN A ND2 1 
ATOM   301 N  N   . VAL A 1 45 ? 12.068  -2.416  -2.124  1    14.856  ? 72  VAL A N   1 
ATOM   302 C  CA  . VAL A 1 45 ? 11.858  -1.401  -3.169  1    14.44   ? 72  VAL A CA  1 
ATOM   303 C  C   . VAL A 1 45 ? 13.042  -0.436  -3.181  1    16.423  ? 72  VAL A C   1 
ATOM   304 O  O   . VAL A 1 45 ? 13.770  -0.353  -2.182  1    18.523  ? 72  VAL A O   1 
ATOM   305 C  CB  . VAL A 1 45 ? 10.535  -0.649  -2.878  1    15.894  ? 72  VAL A CB  1 
ATOM   306 C  CG1 . VAL A 1 45 ? 9.332   -1.577  -2.912  1    17.37   ? 72  VAL A CG1 1 
ATOM   307 C  CG2 . VAL A 1 45 ? 10.534  0.105   -1.542  1    17.269  ? 72  VAL A CG2 1 
ATOM   308 N  N   . SER A 1 46 ? 13.152  0.365   -4.251  1    15.708  ? 73  SER A N   1 
ATOM   309 C  CA  . SER A 1 46 ? 14.032  1.511   -4.247  1    15.704  ? 73  SER A CA  1 
ATOM   310 C  C   . SER A 1 46 ? 13.571  2.563   -3.234  1    16.258  ? 73  SER A C   1 
ATOM   311 O  O   . SER A 1 46 ? 12.363  2.890   -3.115  1    15.543  ? 73  SER A O   1 
ATOM   312 C  CB  . SER A 1 46 ? 14.042  2.098   -5.640  1    18.888  ? 73  SER A CB  1 
ATOM   313 O  OG  . SER A 1 46 ? 14.685  1.199   -6.536  1    26.244  ? 73  SER A OG  1 
ATOM   314 N  N   . ALA A 1 47 ? 14.508  3.137   -2.475  1    16.959  ? 74  ALA A N   1 
ATOM   315 C  CA  . ALA A 1 47 ? 14.133  4.111   -1.464  1    15.227  ? 74  ALA A CA  1 
ATOM   316 C  C   . ALA A 1 47 ? 13.449  5.363   -2.040  1    14.907  ? 74  ALA A C   1 
ATOM   317 O  O   . ALA A 1 47 ? 12.754  6.085   -1.330  1    15.649  ? 74  ALA A O   1 
ATOM   318 C  CB  . ALA A 1 47 ? 15.352  4.518   -0.654  1    16.627  ? 74  ALA A CB  1 
ATOM   319 N  N   . ASN A 1 48 ? 13.690  5.626   -3.351  1    14.103  ? 75  ASN A N   1 
ATOM   320 C  CA  . ASN A 1 48 ? 13.166  6.816   -4.043  1    15.712  ? 75  ASN A CA  1 
ATOM   321 C  C   . ASN A 1 48 ? 11.861  6.527   -4.815  1    15.937  ? 75  ASN A C   1 
ATOM   322 O  O   . ASN A 1 48 ? 11.384  7.378   -5.586  1    15.997  ? 75  ASN A O   1 
ATOM   323 C  CB  . ASN A 1 48 ? 14.237  7.408   -4.973  1    16.262  ? 75  ASN A CB  1 
ATOM   324 C  CG  . ASN A 1 48 ? 14.707  6.436   -6.011  1    17.751  ? 75  ASN A CG  1 
ATOM   325 O  OD1 . ASN A 1 48 ? 14.127  5.384   -6.253  1    18.869  ? 75  ASN A OD1 1 
ATOM   326 N  ND2 . ASN A 1 48 ? 15.774  6.771   -6.724  1    20.832  ? 75  ASN A ND2 1 
ATOM   327 N  N   A SER A 1 49 ? 11.304  5.319   -4.629  0.5  14.706  ? 76  SER A N   1 
ATOM   328 N  N   B SER A 1 49 ? 11.280  5.342   -4.591  0.5  14.837  ? 76  SER A N   1 
ATOM   329 C  CA  A SER A 1 49 ? 10.159  4.853   -5.400  0.5  14.569  ? 76  SER A CA  1 
ATOM   330 C  CA  B SER A 1 49 ? 10.139  4.914   -5.385  0.5  14.667  ? 76  SER A CA  1 
ATOM   331 C  C   A SER A 1 49 ? 8.842   5.291   -4.765  0.5  12.997  ? 76  SER A C   1 
ATOM   332 C  C   B SER A 1 49 ? 8.813   5.373   -4.788  0.5  13.307  ? 76  SER A C   1 
ATOM   333 O  O   A SER A 1 49 ? 8.813   6.012   -3.768  0.5  12.995  ? 76  SER A O   1 
ATOM   334 O  O   B SER A 1 49 ? 8.747   6.213   -3.883  0.5  13.699  ? 76  SER A O   1 
ATOM   335 C  CB  A SER A 1 49 ? 10.186  3.350   -5.526  0.5  17.858  ? 76  SER A CB  1 
ATOM   336 C  CB  B SER A 1 49 ? 10.130  3.421   -5.594  0.5  17.808  ? 76  SER A CB  1 
ATOM   337 O  OG  A SER A 1 49 ? 9.982   2.758   -4.256  0.5  18.858  ? 76  SER A OG  1 
ATOM   338 O  OG  B SER A 1 49 ? 9.471   3.160   -6.825  0.5  18.426  ? 76  SER A OG  1 
ATOM   339 N  N   . ALA A 1 50 ? 7.741   4.827   -5.368  1    13.103  ? 77  ALA A N   1 
ATOM   340 C  CA  . ALA A 1 50 ? 6.393   5.084   -4.843  1    12.738  ? 77  ALA A CA  1 
ATOM   341 C  C   . ALA A 1 50 ? 5.635   3.772   -4.915  1    14.203  ? 77  ALA A C   1 
ATOM   342 O  O   . ALA A 1 50 ? 5.914   2.956   -5.797  1    15.784  ? 77  ALA A O   1 
ATOM   343 C  CB  . ALA A 1 50 ? 5.687   6.172   -5.639  1    16.94   ? 77  ALA A CB  1 
ATOM   344 N  N   . LEU A 1 51 ? 4.718   3.576   -3.975  1    12.88   ? 78  LEU A N   1 
ATOM   345 C  CA  . LEU A 1 51 ? 3.913   2.342   -3.921  1    13.339  ? 78  LEU A CA  1 
ATOM   346 C  C   . LEU A 1 51 ? 2.512   2.656   -4.406  1    13.405  ? 78  LEU A C   1 
ATOM   347 O  O   . LEU A 1 51 ? 1.968   3.720   -4.067  1    14.311  ? 78  LEU A O   1 
ATOM   348 C  CB  . LEU A 1 51 ? 3.820   1.773   -2.512  1    14.063  ? 78  LEU A CB  1 
ATOM   349 C  CG  . LEU A 1 51 ? 5.153   1.584   -1.802  1    16.121  ? 78  LEU A CG  1 
ATOM   350 C  CD1 . LEU A 1 51 ? 4.902   0.989   -0.390  1    19.133  ? 78  LEU A CD1 1 
ATOM   351 C  CD2 . LEU A 1 51 ? 6.055   0.715   -2.612  1    18.604  ? 78  LEU A CD2 1 
ATOM   352 N  N   . THR A 1 52 ? 1.929   1.723   -5.148  1    12.774  ? 79  THR A N   1 
ATOM   353 C  CA  . THR A 1 52 ? 0.528   1.842   -5.516  1    13.626  ? 79  THR A CA  1 
ATOM   354 C  C   . THR A 1 52 ? -0.261  0.847   -4.682  1    12.611  ? 79  THR A C   1 
ATOM   355 O  O   . THR A 1 52 ? 0.070   -0.351  -4.718  1    13.122  ? 79  THR A O   1 
ATOM   356 C  CB  . THR A 1 52 ? 0.365   1.481   -6.980  1    14.222  ? 79  THR A CB  1 
ATOM   357 O  OG1 . THR A 1 52 ? 1.171   2.385   -7.754  1    21.393  ? 79  THR A OG1 1 
ATOM   358 C  CG2 . THR A 1 52 ? -1.054  1.688   -7.491  1    17.803  ? 79  THR A CG2 1 
ATOM   359 N  N   . ILE A 1 53 ? -1.231  1.305   -3.920  1    13.071  ? 80  ILE A N   1 
ATOM   360 C  CA  . ILE A 1 53 ? -2.014  0.476   -3.009  1    13.265  ? 80  ILE A CA  1 
ATOM   361 C  C   . ILE A 1 53 ? -3.455  0.459   -3.519  1    12.492  ? 80  ILE A C   1 
ATOM   362 O  O   . ILE A 1 53 ? -4.050  1.523   -3.750  1    13.395  ? 80  ILE A O   1 
ATOM   363 C  CB  . ILE A 1 53 ? -1.950  0.968   -1.559  1    14.28   ? 80  ILE A CB  1 
ATOM   364 C  CG1 . ILE A 1 53 ? -0.484  1.100   -1.082  1    18.314  ? 80  ILE A CG1 1 
ATOM   365 C  CG2 . ILE A 1 53 ? -2.764  0.021   -0.664  1    15.232  ? 80  ILE A CG2 1 
ATOM   366 C  CD1 . ILE A 1 53 ? 0.109   2.502   -1.272  1    18.032  ? 80  ILE A CD1 1 
ATOM   367 N  N   . SER A 1 54 ? -4.027  -0.744  -3.683  1    12.627  ? 81  SER A N   1 
ATOM   368 C  CA  . SER A 1 54 ? -5.381  -0.890  -4.202  1    12.938  ? 81  SER A CA  1 
ATOM   369 C  C   . SER A 1 54 ? -6.107  -2.012  -3.469  1    14.249  ? 81  SER A C   1 
ATOM   370 O  O   . SER A 1 54 ? -5.500  -2.993  -3.045  1    15.032  ? 81  SER A O   1 
ATOM   371 C  CB  . SER A 1 54 ? -5.364  -1.161  -5.710  1    15.949  ? 81  SER A CB  1 
ATOM   372 O  OG  . SER A 1 54 ? -4.701  -2.373  -6.002  1    18.675  ? 81  SER A OG  1 
ATOM   373 N  N   . PHE A 1 55 ? -7.424  -1.887  -3.396  1    14.584  ? 82  PHE A N   1 
ATOM   374 C  CA  . PHE A 1 55 ? -8.248  -2.974  -2.881  1    13.896  ? 82  PHE A CA  1 
ATOM   375 C  C   . PHE A 1 55 ? -9.686  -2.707  -3.291  1    14.207  ? 82  PHE A C   1 
ATOM   376 O  O   . PHE A 1 55 ? -10.080 -1.550  -3.354  1    14.696  ? 82  PHE A O   1 
ATOM   377 C  CB  . PHE A 1 55 ? -8.154  -3.068  -1.356  1    15.584  ? 82  PHE A CB  1 
ATOM   378 C  CG  . PHE A 1 55 ? -8.798  -4.331  -0.784  1    15.4    ? 82  PHE A CG  1 
ATOM   379 C  CD1 . PHE A 1 55 ? -8.322  -5.581  -1.140  1    18.454  ? 82  PHE A CD1 1 
ATOM   380 C  CD2 . PHE A 1 55 ? -9.878  -4.244  0.091   1    18.719  ? 82  PHE A CD2 1 
ATOM   381 C  CE1 . PHE A 1 55 ? -8.936  -6.743  -0.632  1    17.858  ? 82  PHE A CE1 1 
ATOM   382 C  CE2 . PHE A 1 55 ? -10.470 -5.390  0.610   1    17.65   ? 82  PHE A CE2 1 
ATOM   383 C  CZ  . PHE A 1 55 ? -9.999  -6.613  0.245   1    18.007  ? 82  PHE A CZ  1 
ATOM   384 N  N   . VAL A 1 56 ? -10.404 -3.803  -3.567  1    15.228  ? 83  VAL A N   1 
ATOM   385 C  CA  . VAL A 1 56 ? -11.805 -3.668  -3.979  1    15.685  ? 83  VAL A CA  1 
ATOM   386 C  C   . VAL A 1 56 ? -12.550 -2.745  -3.029  1    16.039  ? 83  VAL A C   1 
ATOM   387 O  O   . VAL A 1 56 ? -12.491 -2.879  -1.795  1    17.515  ? 83  VAL A O   1 
ATOM   388 C  CB  . VAL A 1 56 ? -12.433 -5.082  -4.025  1    17.472  ? 83  VAL A CB  1 
ATOM   389 C  CG1 . VAL A 1 56 ? -12.303 -5.875  -2.726  1    21.406  ? 83  VAL A CG1 1 
ATOM   390 C  CG2 . VAL A 1 56 ? -13.897 -5.031  -4.419  1    25.533  ? 83  VAL A CG2 1 
ATOM   391 N  N   . GLY A 1 57 ? -13.272 -1.803  -3.645  1    15.18   ? 84  GLY A N   1 
ATOM   392 C  CA  . GLY A 1 57 ? -14.148 -0.940  -2.864  1    16.472  ? 84  GLY A CA  1 
ATOM   393 C  C   . GLY A 1 57 ? -13.474 0.368   -2.438  1    15.369  ? 84  GLY A C   1 
ATOM   394 O  O   . GLY A 1 57 ? -14.116 1.290   -1.914  1    16.853  ? 84  GLY A O   1 
ATOM   395 N  N   . TYR A 1 58 ? -12.149 0.498   -2.654  1    13.955  ? 85  TYR A N   1 
ATOM   396 C  CA  . TYR A 1 58 ? -11.379 1.664   -2.232  1    13.711  ? 85  TYR A CA  1 
ATOM   397 C  C   . TYR A 1 58 ? -10.727 2.379   -3.414  1    14.029  ? 85  TYR A C   1 
ATOM   398 O  O   . TYR A 1 58 ? -10.443 1.774   -4.463  1    13.799  ? 85  TYR A O   1 
ATOM   399 C  CB  . TYR A 1 58 ? -10.255 1.266   -1.253  1    15.139  ? 85  TYR A CB  1 
ATOM   400 C  CG  . TYR A 1 58 ? -10.793 0.730   0.067   1    16.257  ? 85  TYR A CG  1 
ATOM   401 C  CD1 . TYR A 1 58 ? -11.081 -0.629  0.220   1    18.539  ? 85  TYR A CD1 1 
ATOM   402 C  CD2 . TYR A 1 58 ? -11.070 1.607   1.108   1    17.441  ? 85  TYR A CD2 1 
ATOM   403 C  CE1 . TYR A 1 58 ? -11.590 -1.139  1.412   1    20.808  ? 85  TYR A CE1 1 
ATOM   404 C  CE2 . TYR A 1 58 ? -11.586 1.120   2.307   1    19.889  ? 85  TYR A CE2 1 
ATOM   405 C  CZ  . TYR A 1 58 ? -11.799 -0.246  2.449   1    22.9    ? 85  TYR A CZ  1 
ATOM   406 O  OH  . TYR A 1 58 ? -12.304 -0.775  3.626   1    28.492  ? 85  TYR A OH  1 
ATOM   407 N  N   . LYS A 1 59 ? -10.434 3.662   -3.232  1    14.025  ? 86  LYS A N   1 
ATOM   408 C  CA  A LYS A 1 59 ? -9.701  4.470   -4.194  0.5  13.367  ? 86  LYS A CA  1 
ATOM   409 C  CA  B LYS A 1 59 ? -9.701  4.429   -4.219  0.5  13.917  ? 86  LYS A CA  1 
ATOM   410 C  C   . LYS A 1 59 ? -8.233  4.038   -4.170  1    14.311  ? 86  LYS A C   1 
ATOM   411 O  O   . LYS A 1 59 ? -7.576  4.086   -3.118  1    15.152  ? 86  LYS A O   1 
ATOM   412 C  CB  A LYS A 1 59 ? -9.897  5.962   -3.858  0.5  15.831  ? 86  LYS A CB  1 
ATOM   413 C  CB  B LYS A 1 59 ? -9.798  5.907   -3.853  0.5  17.543  ? 86  LYS A CB  1 
ATOM   414 C  CG  A LYS A 1 59 ? -9.198  6.976   -4.776  0.5  15.259  ? 86  LYS A CG  1 
ATOM   415 C  CG  B LYS A 1 59 ? -11.189 6.387   -4.092  0.5  18.939  ? 86  LYS A CG  1 
ATOM   416 C  CD  A LYS A 1 59 ? -9.722  8.421   -4.764  0.5  19.727  ? 86  LYS A CD  1 
ATOM   417 C  CD  B LYS A 1 59 ? -11.332 7.677   -3.299  0.5  22.576  ? 86  LYS A CD  1 
ATOM   418 C  CE  A LYS A 1 59 ? -9.124  9.354   -5.792  0.5  25.114  ? 86  LYS A CE  1 
ATOM   419 C  CE  B LYS A 1 59 ? -12.571 8.398   -3.708  0.5  25.193  ? 86  LYS A CE  1 
ATOM   420 N  NZ  A LYS A 1 59 ? -7.785  9.841   -5.431  0.5  26.22   ? 86  LYS A NZ  1 
ATOM   421 N  NZ  B LYS A 1 59 ? -12.408 8.937   -5.059  0.5  28.445  ? 86  LYS A NZ  1 
ATOM   422 N  N   . THR A 1 60 ? -7.694  3.686   -5.346  1    14.495  ? 87  THR A N   1 
ATOM   423 C  CA  . THR A 1 60 ? -6.258  3.399   -5.472  1    15.21   ? 87  THR A CA  1 
ATOM   424 C  C   . THR A 1 60 ? -5.438  4.631   -5.133  1    15.134  ? 87  THR A C   1 
ATOM   425 O  O   . THR A 1 60 ? -5.795  5.774   -5.497  1    16.631  ? 87  THR A O   1 
ATOM   426 C  CB  . THR A 1 60 ? -5.997  2.901   -6.894  1    15.477  ? 87  THR A CB  1 
ATOM   427 O  OG1 . THR A 1 60 ? -6.735  1.689   -7.034  1    16.66   ? 87  THR A OG1 1 
ATOM   428 C  CG2 . THR A 1 60 ? -4.530  2.600   -7.125  1    17.12   ? 87  THR A CG2 1 
ATOM   429 N  N   . GLN A 1 61 ? -4.343  4.413   -4.418  1    14.85   ? 88  GLN A N   1 
ATOM   430 C  CA  . GLN A 1 61 ? -3.517  5.511   -3.974  1    14.901  ? 88  GLN A CA  1 
ATOM   431 C  C   . GLN A 1 61 ? -2.060  5.235   -4.302  1    14.832  ? 88  GLN A C   1 
ATOM   432 O  O   . GLN A 1 61 ? -1.584  4.102   -4.156  1    17.196  ? 88  GLN A O   1 
ATOM   433 C  CB  . GLN A 1 61 ? -3.800  5.547   -2.474  1    18.71   ? 88  GLN A CB  1 
ATOM   434 C  CG  . GLN A 1 61 ? -3.514  6.866   -1.777  1    23.09   ? 88  GLN A CG  1 
ATOM   435 C  CD  . GLN A 1 61 ? -3.735  6.756   -0.278  1    19.793  ? 88  GLN A CD  1 
ATOM   436 O  OE1 . GLN A 1 61 ? -4.828  6.405   0.244   1    20.927  ? 88  GLN A OE1 1 
ATOM   437 N  NE2 . GLN A 1 61 ? -2.713  7.161   0.433   1    20.346  ? 88  GLN A NE2 1 
ATOM   438 N  N   . THR A 1 62 ? -1.325  6.284   -4.638  1    14.787  ? 89  THR A N   1 
ATOM   439 C  CA  . THR A 1 62 ? 0.113   6.228   -4.839  1    15.552  ? 89  THR A CA  1 
ATOM   440 C  C   . THR A 1 62 ? 0.721   6.953   -3.640  1    16.397  ? 89  THR A C   1 
ATOM   441 O  O   . THR A 1 62 ? 0.302   8.085   -3.328  1    17.181  ? 89  THR A O   1 
ATOM   442 C  CB  . THR A 1 62 ? 0.479   6.889   -6.167  1    20.701  ? 89  THR A CB  1 
ATOM   443 O  OG1 . THR A 1 62 ? -0.218  6.161   -7.183  1    24.938  ? 89  THR A OG1 1 
ATOM   444 C  CG2 . THR A 1 62 ? 1.958   6.773   -6.467  1    22.941  ? 89  THR A CG2 1 
ATOM   445 N  N   . VAL A 1 63 ? 1.724   6.331   -2.978  1    14.396  ? 90  VAL A N   1 
ATOM   446 C  CA  . VAL A 1 63 ? 2.387   6.897   -1.825  1    15.628  ? 90  VAL A CA  1 
ATOM   447 C  C   . VAL A 1 63 ? 3.884   6.834   -2.081  1    14.156  ? 90  VAL A C   1 
ATOM   448 O  O   . VAL A 1 63 ? 4.454   5.752   -2.295  1    14.853  ? 90  VAL A O   1 
ATOM   449 C  CB  . VAL A 1 63 ? 2.008   6.085   -0.569  1    16.717  ? 90  VAL A CB  1 
ATOM   450 C  CG1 . VAL A 1 63 ? 2.777   6.552   0.652   1    20.551  ? 90  VAL A CG1 1 
ATOM   451 C  CG2 . VAL A 1 63 ? 0.499   6.204   -0.270  1    17.871  ? 90  VAL A CG2 1 
ATOM   452 N  N   . SER A 1 64 ? 4.579   7.958   -1.915  1    12.528  ? 91  SER A N   1 
ATOM   453 C  CA  . SER A 1 64 ? 6.034   7.990   -2.009  1    12.477  ? 91  SER A CA  1 
ATOM   454 C  C   . SER A 1 64 ? 6.661   7.263   -0.831  1    13.345  ? 91  SER A C   1 
ATOM   455 O  O   . SER A 1 64 ? 6.228   7.426   0.322   1    15.861  ? 91  SER A O   1 
ATOM   456 C  CB  . SER A 1 64 ? 6.524   9.448   -2.008  1    13.907  ? 91  SER A CB  1 
ATOM   457 O  OG  . SER A 1 64 ? 6.117   10.108  -3.206  1    15.272  ? 91  SER A OG  1 
ATOM   458 N  N   . VAL A 1 65 ? 7.680   6.455   -1.105  1    14.079  ? 92  VAL A N   1 
ATOM   459 C  CA  . VAL A 1 65 ? 8.406   5.773   -0.046  1    13.445  ? 92  VAL A CA  1 
ATOM   460 C  C   . VAL A 1 65 ? 9.223   6.762   0.783   1    15.508  ? 92  VAL A C   1 
ATOM   461 O  O   . VAL A 1 65 ? 9.315   6.614   2.016   1    16.201  ? 92  VAL A O   1 
ATOM   462 C  CB  . VAL A 1 65 ? 9.302   4.694   -0.668  1    13.623  ? 92  VAL A CB  1 
ATOM   463 C  CG1 . VAL A 1 65 ? 10.146  4.022   0.412   1    15.529  ? 92  VAL A CG1 1 
ATOM   464 C  CG2 . VAL A 1 65 ? 8.435   3.672   -1.384  1    17.755  ? 92  VAL A CG2 1 
ATOM   465 N  N   . ASN A 1 66 ? 9.841   7.748   0.115   1    16.089  ? 93  ASN A N   1 
ATOM   466 C  CA  . ASN A 1 66 ? 10.603  8.770   0.836   1    18.697  ? 93  ASN A CA  1 
ATOM   467 C  C   . ASN A 1 66 ? 11.668  8.146   1.758   1    19.327  ? 93  ASN A C   1 
ATOM   468 O  O   . ASN A 1 66 ? 11.922  8.701   2.828   1    19.674  ? 93  ASN A O   1 
ATOM   469 C  CB  . ASN A 1 66 ? 9.655   9.657   1.675   1    22.193  ? 93  ASN A CB  1 
ATOM   470 C  CG  . ASN A 1 66 ? 8.785   10.609  0.876   1    25.348  ? 93  ASN A CG  1 
ATOM   471 O  OD1 . ASN A 1 66 ? 9.321   11.287  -0.004  1    31.41   ? 93  ASN A OD1 1 
ATOM   472 N  ND2 . ASN A 1 66 ? 7.480   10.725  1.155   1    25.011  ? 93  ASN A ND2 1 
ATOM   473 N  N   . GLY A 1 67 ? 12.320  7.057   1.344   1    16.775  ? 94  GLY A N   1 
ATOM   474 C  CA  . GLY A 1 67 ? 13.331  6.413   2.164   1    18.005  ? 94  GLY A CA  1 
ATOM   475 C  C   . GLY A 1 67 ? 12.846  5.837   3.492   1    22.291  ? 94  GLY A C   1 
ATOM   476 O  O   . GLY A 1 67 ? 13.697  5.435   4.285   1    22.585  ? 94  GLY A O   1 
ATOM   477 N  N   . LYS A 1 68 ? 11.537  5.692   3.729   1    17.691  ? 95  LYS A N   1 
ATOM   478 C  CA  . LYS A 1 68 ? 10.987  5.195   4.993   1    17.724  ? 95  LYS A CA  1 
ATOM   479 C  C   . LYS A 1 68 ? 10.875  3.681   4.994   1    19.939  ? 95  LYS A C   1 
ATOM   480 O  O   . LYS A 1 68 ? 10.339  3.101   4.047   1    20.235  ? 95  LYS A O   1 
ATOM   481 C  CB  . LYS A 1 68 ? 9.607   5.825   5.205   1    19.923  ? 95  LYS A CB  1 
ATOM   482 C  CG  . LYS A 1 68 ? 9.544   7.334   5.345   1    24.275  ? 95  LYS A CG  1 
ATOM   483 C  CD  . LYS A 1 68 ? 8.065   7.689   5.464   1    32.926  ? 95  LYS A CD  1 
ATOM   484 C  CE  . LYS A 1 68 ? 7.826   9.088   5.938   1    42.2    ? 95  LYS A CE  1 
ATOM   485 N  NZ  . LYS A 1 68 ? 6.383   9.314   6.094   1    51.78   ? 95  LYS A NZ  1 
ATOM   486 N  N   . THR A 1 69 ? 11.303  3.032   6.092   1    17.72   ? 96  THR A N   1 
ATOM   487 C  CA  . THR A 1 69 ? 11.203  1.586   6.203   1    16.812  ? 96  THR A CA  1 
ATOM   488 C  C   . THR A 1 69 ? 9.912   1.209   6.918   1    16.257  ? 96  THR A C   1 
ATOM   489 O  O   . THR A 1 69 ? 9.640   0.014   7.081   1    17.751  ? 96  THR A O   1 
ATOM   490 C  CB  . THR A 1 69 ? 12.435  0.939   6.852   1    18.879  ? 96  THR A CB  1 
ATOM   491 O  OG1 . THR A 1 69 ? 12.600  1.678   8.063   1    21.001  ? 96  THR A OG1 1 
ATOM   492 C  CG2 . THR A 1 69 ? 13.661  1.026   5.962   1    20.373  ? 96  THR A CG2 1 
ATOM   493 N  N   . ALA A 1 70 ? 9.163   2.188   7.420   1    17.606  ? 97  ALA A N   1 
ATOM   494 C  CA  . ALA A 1 70 ? 7.870   1.947   8.046   1    17.739  ? 97  ALA A CA  1 
ATOM   495 C  C   . ALA A 1 70 ? 6.887   2.950   7.470   1    18.639  ? 97  ALA A C   1 
ATOM   496 O  O   . ALA A 1 70 ? 7.183   4.129   7.487   1    20.311  ? 97  ALA A O   1 
ATOM   497 C  CB  . ALA A 1 70 ? 7.893   2.075   9.581   1    20.356  ? 97  ALA A CB  1 
ATOM   498 N  N   . LEU A 1 71 ? 5.756   2.470   6.934   1    17.762  ? 98  LEU A N   1 
ATOM   499 C  CA  . LEU A 1 71 ? 4.766   3.333   6.285   1    19.935  ? 98  LEU A CA  1 
ATOM   500 C  C   . LEU A 1 71 ? 3.375   2.959   6.800   1    15.727  ? 98  LEU A C   1 
ATOM   501 O  O   . LEU A 1 71 ? 3.089   1.764   6.960   1    18.105  ? 98  LEU A O   1 
ATOM   502 C  CB  . LEU A 1 71 ? 4.772   3.113   4.758   1    24.467  ? 98  LEU A CB  1 
ATOM   503 C  CG  . LEU A 1 71 ? 5.833   3.789   3.883   1    28.68   ? 98  LEU A CG  1 
ATOM   504 C  CD1 . LEU A 1 71 ? 5.602   3.393   2.449   1    29.973  ? 98  LEU A CD1 1 
ATOM   505 C  CD2 . LEU A 1 71 ? 5.739   5.311   3.943   1    30.343  ? 98  LEU A CD2 1 
ATOM   506 N  N   . LYS A 1 72 ? 2.503   3.978   6.930   1    17.889  ? 99  LYS A N   1 
ATOM   507 C  CA  . LYS A 1 72 ? 1.074   3.746   7.150   1    17.279  ? 99  LYS A CA  1 
ATOM   508 C  C   . LYS A 1 72 ? 0.295   4.298   5.971   1    18.247  ? 99  LYS A C   1 
ATOM   509 O  O   . LYS A 1 72 ? 0.536   5.433   5.543   1    19.309  ? 99  LYS A O   1 
ATOM   510 C  CB  . LYS A 1 72 ? 0.511   4.447   8.401   1    22.396  ? 99  LYS A CB  1 
ATOM   511 C  CG  . LYS A 1 72 ? -0.967  4.165   8.639   1    25.754  ? 99  LYS A CG  1 
ATOM   512 C  CD  . LYS A 1 72 ? -1.369  5.172   9.719   1    29.102  ? 99  LYS A CD  1 
ATOM   513 C  CE  . LYS A 1 72 ? -2.833  5.347   9.803   1    29.509  ? 99  LYS A CE  1 
ATOM   514 N  NZ  . LYS A 1 72 ? -3.117  6.355   10.841  1    30.309  ? 99  LYS A NZ  1 
ATOM   515 N  N   . VAL A 1 73 ? -0.607  3.469   5.423   1    16.306  ? 100 VAL A N   1 
ATOM   516 C  CA  . VAL A 1 73 ? -1.456  3.950   4.330   1    15.035  ? 100 VAL A CA  1 
ATOM   517 C  C   . VAL A 1 73 ? -2.917  3.888   4.795   1    14.087  ? 100 VAL A C   1 
ATOM   518 O  O   . VAL A 1 73 ? -3.334  2.873   5.358   1    15.078  ? 100 VAL A O   1 
ATOM   519 C  CB  . VAL A 1 73 ? -1.274  3.049   3.097   1    15.281  ? 100 VAL A CB  1 
ATOM   520 C  CG1 . VAL A 1 73 ? -2.234  3.489   1.980   1    17.554  ? 100 VAL A CG1 1 
ATOM   521 C  CG2 . VAL A 1 73 ? 0.178   3.027   2.598   1    16.538  ? 100 VAL A CG2 1 
ATOM   522 N  N   . THR A 1 74 ? -3.661  4.976   4.590   1    14.893  ? 101 THR A N   1 
ATOM   523 C  CA  . THR A 1 74 ? -5.095  5.026   4.933   1    14.401  ? 101 THR A CA  1 
ATOM   524 C  C   . THR A 1 74 ? -5.879  5.101   3.616   1    14      ? 101 THR A C   1 
ATOM   525 O  O   . THR A 1 74 ? -5.813  6.105   2.896   1    15.65   ? 101 THR A O   1 
ATOM   526 C  CB  . THR A 1 74 ? -5.429  6.258   5.759   1    16.877  ? 101 THR A CB  1 
ATOM   527 O  OG1 . THR A 1 74 ? -4.655  6.201   6.958   1    19.792  ? 101 THR A OG1 1 
ATOM   528 C  CG2 . THR A 1 74 ? -6.903  6.260   6.129   1    17.498  ? 101 THR A CG2 1 
ATOM   529 N  N   . LEU A 1 75 ? -6.592  4.011   3.312   1    13.904  ? 102 LEU A N   1 
ATOM   530 C  CA  . LEU A 1 75 ? -7.324  3.959   2.054   1    14.552  ? 102 LEU A CA  1 
ATOM   531 C  C   . LEU A 1 75 ? -8.688  4.582   2.291   1    15.586  ? 102 LEU A C   1 
ATOM   532 O  O   . LEU A 1 75 ? -9.320  4.330   3.341   1    16.913  ? 102 LEU A O   1 
ATOM   533 C  CB  . LEU A 1 75 ? -7.489  2.496   1.619   1    14.822  ? 102 LEU A CB  1 
ATOM   534 C  CG  . LEU A 1 75 ? -6.243  1.813   1.075   1    14.402  ? 102 LEU A CG  1 
ATOM   535 C  CD1 . LEU A 1 75 ? -6.666  0.425   0.653   1    15.329  ? 102 LEU A CD1 1 
ATOM   536 C  CD2 . LEU A 1 75 ? -5.661  2.568   -0.102  1    15.491  ? 102 LEU A CD2 1 
ATOM   537 N  N   . GLN A 1 76 ? -9.177  5.288   1.268   1    15.868  ? 103 GLN A N   1 
ATOM   538 C  CA  . GLN A 1 76 ? -10.505 5.900   1.304   1    16.652  ? 103 GLN A CA  1 
ATOM   539 C  C   . GLN A 1 76 ? -11.463 5.124   0.406   1    17.209  ? 103 GLN A C   1 
ATOM   540 O  O   . GLN A 1 76 ? -11.049 4.609   -0.627  1    17.15   ? 103 GLN A O   1 
ATOM   541 C  CB  . GLN A 1 76 ? -10.409 7.362   0.870   1    17.733  ? 103 GLN A CB  1 
ATOM   542 C  CG  . GLN A 1 76 ? -9.482  8.242   1.725   1    17.259  ? 103 GLN A CG  1 
ATOM   543 C  CD  . GLN A 1 76 ? -9.920  8.455   3.163   1    16.992  ? 103 GLN A CD  1 
ATOM   544 O  OE1 . GLN A 1 76 ? -9.096  8.624   4.088   1    20.019  ? 103 GLN A OE1 1 
ATOM   545 N  NE2 . GLN A 1 76 ? -11.210 8.379   3.409   1    16.848  ? 103 GLN A NE2 1 
ATOM   546 N  N   . GLU A 1 77 ? -12.748 5.038   0.790   1    16.899  ? 104 GLU A N   1 
ATOM   547 C  CA  . GLU A 1 77 ? -13.738 4.306   -0.001  1    17.387  ? 104 GLU A CA  1 
ATOM   548 C  C   . GLU A 1 77 ? -13.989 4.993   -1.345  1    16.228  ? 104 GLU A C   1 
ATOM   549 O  O   . GLU A 1 77 ? -13.986 6.217   -1.470  1    18.957  ? 104 GLU A O   1 
ATOM   550 C  CB  . GLU A 1 77 ? -15.081 4.185   0.741   1    19.981  ? 104 GLU A CB  1 
ATOM   551 C  CG  . GLU A 1 77 ? -14.971 3.370   2.033   1    24.123  ? 104 GLU A CG  1 
ATOM   552 C  CD  . GLU A 1 77 ? -16.223 3.315   2.909   1    31.574  ? 104 GLU A CD  1 
ATOM   553 O  OE1 . GLU A 1 77 ? -16.152 2.719   4.001   1    36.461  ? 104 GLU A OE1 1 
ATOM   554 O  OE2 . GLU A 1 77 ? -17.245 3.876   2.475   1    37.776  ? 104 GLU A OE2 1 
ATOM   555 N  N   . LEU A 1 78 ? -14.317 4.184   -2.368  1    16.696  ? 105 LEU A N   1 
ATOM   556 C  CA  . LEU A 1 78 ? -14.834 4.684   -3.631  1    15.888  ? 105 LEU A CA  1 
ATOM   557 C  C   . LEU A 1 78 ? -16.124 5.469   -3.392  1    16.781  ? 105 LEU A C   1 
ATOM   558 O  O   . LEU A 1 78 ? -16.920 5.147   -2.509  1    19.644  ? 105 LEU A O   1 
ATOM   559 C  CB  . LEU A 1 78 ? -15.120 3.479   -4.531  1    16.192  ? 105 LEU A CB  1 
ATOM   560 C  CG  . LEU A 1 78 ? -13.839 2.803   -5.042  1    15.678  ? 105 LEU A CG  1 
ATOM   561 C  CD1 . LEU A 1 78 ? -14.272 1.557   -5.761  1    17.557  ? 105 LEU A CD1 1 
ATOM   562 C  CD2 . LEU A 1 78 ? -12.995 3.690   -5.959  1    16.385  ? 105 LEU A CD2 1 
ATOM   563 N  N   . GLU A 1 79 ? -16.284 6.449   -4.286  1    18.447  ? 106 GLU A N   1 
ATOM   564 C  CA  . GLU A 1 79 ? -17.430 7.345   -4.208  1    22.466  ? 106 GLU A CA  1 
ATOM   565 C  C   . GLU A 1 79 ? -18.334 7.160   -5.420  1    21.035  ? 106 GLU A C   1 
ATOM   566 O  O   . GLU A 1 79 ? -18.958 8.109   -5.928  1    25.193  ? 106 GLU A O   1 
ATOM   567 C  CB  . GLU A 1 79 ? -16.893 8.765   -4.080  1    25.035  ? 106 GLU A CB  1 
ATOM   568 C  CG  . GLU A 1 79 ? -16.345 8.990   -2.672  1    26.096  ? 106 GLU A CG  1 
ATOM   569 C  CD  . GLU A 1 79 ? -15.816 10.372  -2.289  1    33.659  ? 106 GLU A CD  1 
ATOM   570 O  OE1 . GLU A 1 79 ? -15.828 11.245  -3.173  1    37.872  ? 106 GLU A OE1 1 
ATOM   571 O  OE2 . GLU A 1 79 ? -15.435 10.571  -1.111  1    34.087  ? 106 GLU A OE2 1 
ATOM   572 N  N   . HIS A 1 80 ? -18.452 5.928   -5.894  1    18.023  ? 107 HIS A N   1 
ATOM   573 C  CA  . HIS A 1 80 ? -19.512 5.585   -6.836  1    17.384  ? 107 HIS A CA  1 
ATOM   574 C  C   . HIS A 1 80 ? -19.708 4.077   -6.762  1    19.464  ? 107 HIS A C   1 
ATOM   575 O  O   . HIS A 1 80 ? -18.852 3.330   -6.278  1    17.992  ? 107 HIS A O   1 
ATOM   576 C  CB  . HIS A 1 80 ? -19.145 5.975   -8.272  1    18.132  ? 107 HIS A CB  1 
ATOM   577 C  CG  . HIS A 1 80 ? -18.096 5.111   -8.855  1    20.343  ? 107 HIS A CG  1 
ATOM   578 N  ND1 . HIS A 1 80 ? -16.767 5.366   -8.636  1    20.908  ? 107 HIS A ND1 1 
ATOM   579 C  CD2 . HIS A 1 80 ? -18.149 3.994   -9.616  1    19.402  ? 107 HIS A CD2 1 
ATOM   580 C  CE1 . HIS A 1 80 ? -16.038 4.419   -9.222  1    20.477  ? 107 HIS A CE1 1 
ATOM   581 N  NE2 . HIS A 1 80 ? -16.858 3.582   -9.845  1    20.457  ? 107 HIS A NE2 1 
ATOM   582 N  N   . HIS A 1 81 ? -20.853 3.607   -7.252  1    20.388  ? 108 HIS A N   1 
ATOM   583 C  CA  . HIS A 1 81 ? -20.951 2.202   -7.580  1    21.492  ? 108 HIS A CA  1 
ATOM   584 C  C   . HIS A 1 81 ? -21.989 1.987   -8.683  1    20.423  ? 108 HIS A C   1 
ATOM   585 O  O   . HIS A 1 81 ? -22.620 2.947   -9.138  1    18.249  ? 108 HIS A O   1 
ATOM   586 C  CB  . HIS A 1 81 ? -21.111 1.360   -6.320  1    28.486  ? 108 HIS A CB  1 
ATOM   587 C  CG  . HIS A 1 81 ? -22.471 1.544   -5.773  1    32.906  ? 108 HIS A CG  1 
ATOM   588 N  ND1 . HIS A 1 81 ? -22.825 2.662   -5.054  1    39.723  ? 108 HIS A ND1 1 
ATOM   589 C  CD2 . HIS A 1 81 ? -23.563 0.777   -5.851  1    36.377  ? 108 HIS A CD2 1 
ATOM   590 C  CE1 . HIS A 1 81 ? -24.097 2.563   -4.691  1    40.645  ? 108 HIS A CE1 1 
ATOM   591 N  NE2 . HIS A 1 81 ? -24.576 1.445   -5.187  1    37.807  ? 108 HIS A NE2 1 
ATOM   592 N  N   . HIS A 1 82 ? -22.098 0.728   -9.136  1    22.323  ? 109 HIS A N   1 
ATOM   593 C  CA  . HIS A 1 82 ? -22.745 0.485   -10.426 1    21.661  ? 109 HIS A CA  1 
ATOM   594 C  C   . HIS A 1 82 ? -23.921 -0.485  -10.283 1    26.158  ? 109 HIS A C   1 
ATOM   595 O  O   . HIS A 1 82 ? -24.703 -0.510  -11.253 1    28.396  ? 109 HIS A O   1 
ATOM   596 C  CB  . HIS A 1 82 ? -21.763 -0.205  -11.383 1    22.572  ? 109 HIS A CB  1 
ATOM   597 C  CG  . HIS A 1 82 ? -20.472 0.550   -11.576 1    20.494  ? 109 HIS A CG  1 
ATOM   598 N  ND1 . HIS A 1 82 ? -20.246 1.351   -12.659 1    20.232  ? 109 HIS A ND1 1 
ATOM   599 C  CD2 . HIS A 1 82 ? -19.373 0.632   -10.823 1    22.351  ? 109 HIS A CD2 1 
ATOM   600 C  CE1 . HIS A 1 82 ? -19.052 1.900   -12.584 1    18.185  ? 109 HIS A CE1 1 
ATOM   601 N  NE2 . HIS A 1 82 ? -18.492 1.471   -11.468 1    19.59   ? 109 HIS A NE2 1 
HETATM 602 NI NI  . NI  B 2 .  ? -16.418 1.799   -10.969 0.33 19.557  ? 201 NI  A NI  1 
HETATM 603 S  S   . SCN C 3 .  ? -16.443 -4.217  -10.030 1    47.178  ? 202 SCN A S   1 
HETATM 604 C  C   . SCN C 3 .  ? -15.627 -5.467  -10.580 1    46.529  ? 202 SCN A C   1 
HETATM 605 N  N   . SCN C 3 .  ? -14.997 -6.270  -11.136 1    54.067  ? 202 SCN A N   1 
HETATM 606 C  C1  . EDO D 4 .  ? 12.464  -9.562  6.426   1    42.589  ? 203 EDO A C1  1 
HETATM 607 O  O1  . EDO D 4 .  ? 12.693  -8.193  6.709   1    45.31   ? 203 EDO A O1  1 
HETATM 608 C  C2  . EDO D 4 .  ? 11.556  -9.851  5.292   1    41.529  ? 203 EDO A C2  1 
HETATM 609 O  O2  . EDO D 4 .  ? 12.123  -9.450  4.070   1    45.433  ? 203 EDO A O2  1 
HETATM 610 S  S   . SCN E 3 .  ? 7.968   -9.254  0.236   1    48.514  ? 204 SCN A S   1 
HETATM 611 C  C   . SCN E 3 .  ? 7.114   -10.604 0.189   1    60.774  ? 204 SCN A C   1 
HETATM 612 N  N   . SCN E 3 .  ? 6.630   -11.677 0.462   1    65.959  ? 204 SCN A N   1 
HETATM 613 C  C1  . EDO F 4 .  ? 16.984  -6.110  -0.169  1    46.704  ? 205 EDO A C1  1 
HETATM 614 O  O1  . EDO F 4 .  ? 16.939  -7.530  -0.094  1    52.523  ? 205 EDO A O1  1 
HETATM 615 C  C2  . EDO F 4 .  ? 16.862  -5.468  1.155   1    42.218  ? 205 EDO A C2  1 
HETATM 616 O  O2  . EDO F 4 .  ? 17.923  -4.610  1.540   1    45.808  ? 205 EDO A O2  1 
HETATM 617 C  C1  . PEG G 5 .  ? -19.941 -6.185  -8.553  1    57.173  ? 206 PEG A C1  1 
HETATM 618 O  O1  . PEG G 5 .  ? -20.591 -5.279  -7.681  1    49.262  ? 206 PEG A O1  1 
HETATM 619 C  C2  . PEG G 5 .  ? -19.447 -7.411  -7.840  1    60.113  ? 206 PEG A C2  1 
HETATM 620 O  O2  . PEG G 5 .  ? -18.389 -7.084  -6.941  1    64.316  ? 206 PEG A O2  1 
HETATM 621 C  C3  . PEG G 5 .  ? -17.224 -7.887  -7.128  1    55.455  ? 206 PEG A C3  1 
HETATM 622 C  C4  . PEG G 5 .  ? -16.269 -7.711  -5.972  1    56.27   ? 206 PEG A C4  1 
HETATM 623 O  O4  . PEG G 5 .  ? -14.903 -7.654  -6.390  1    39.521  ? 206 PEG A O4  1 
HETATM 624 S  S   . SCN H 3 .  ? 10.537  -5.232  -16.464 1    103.271 ? 207 SCN A S   1 
HETATM 625 C  C   . SCN H 3 .  ? 11.366  -5.175  -15.099 1    113.034 ? 207 SCN A C   1 
HETATM 626 N  N   . SCN H 3 .  ? 11.644  -4.664  -13.966 1    117.415 ? 207 SCN A N   1 
HETATM 627 C  C1  . PGE I 6 .  ? 1.758   2.531   11.590  1    45.44   ? 208 PGE A C1  1 
HETATM 628 O  O1  . PGE I 6 .  ? 0.487   2.228   12.154  1    38.594  ? 208 PGE A O1  1 
HETATM 629 C  C2  . PGE I 6 .  ? 2.643   1.328   11.555  1    49.458  ? 208 PGE A C2  1 
HETATM 630 O  O2  . PGE I 6 .  ? 3.475   1.337   10.399  1    52.697  ? 208 PGE A O2  1 
HETATM 631 C  C3  . PGE I 6 .  ? 4.706   0.660   10.626  1    54.901  ? 208 PGE A C3  1 
HETATM 632 C  C4  . PGE I 6 .  ? 4.659   -0.694  9.989   1    54.302  ? 208 PGE A C4  1 
HETATM 633 O  O4  . PGE I 6 .  ? 3.554   -3.481  10.233  1    70.393  ? 208 PGE A O4  1 
HETATM 634 C  C6  . PGE I 6 .  ? 4.275   -3.540  11.450  1    70.29   ? 208 PGE A C6  1 
HETATM 635 C  C5  . PGE I 6 .  ? 4.876   -2.213  11.817  1    73.62   ? 208 PGE A C5  1 
HETATM 636 O  O3  . PGE I 6 .  ? 5.505   -1.604  10.689  1    68.116  ? 208 PGE A O3  1 
HETATM 637 S  S   . SCN J 3 .  ? -14.040 7.085   -6.195  1    43.478  ? 209 SCN A S   1 
HETATM 638 C  C   . SCN J 3 .  ? -14.982 7.623   -7.292  1    33.01   ? 209 SCN A C   1 
HETATM 639 N  N   . SCN J 3 .  ? -15.911 7.779   -8.003  1    35.546  ? 209 SCN A N   1 
HETATM 640 O  O   . HOH K 7 .  ? 8.220   3.652   -8.201  1    33.905  ? 301 HOH A O   1 
HETATM 641 O  O   . HOH K 7 .  ? -14.073 10.997  -4.157  1    42.13   ? 302 HOH A O   1 
HETATM 642 O  O   . HOH K 7 .  ? 7.886   -8.601  -5.653  1    32.522  ? 303 HOH A O   1 
HETATM 643 O  O   . HOH K 7 .  ? 4.885   -11.272 -1.370  1    18.138  ? 304 HOH A O   1 
HETATM 644 O  O   . HOH K 7 .  ? -13.948 0.277   5.285   1    36.651  ? 305 HOH A O   1 
HETATM 645 O  O   . HOH K 7 .  ? -2.463  7.153   3.051   1    19.306  ? 306 HOH A O   1 
HETATM 646 O  O   . HOH K 7 .  ? -9.482  -9.894  1.496   1    39.739  ? 307 HOH A O   1 
HETATM 647 O  O   . HOH K 7 .  ? 13.065  -2.238  -6.496  1    37.4    ? 308 HOH A O   1 
HETATM 648 O  O   . HOH K 7 .  ? 1.265   -9.079  10.466  1    24.204  ? 309 HOH A O   1 
HETATM 649 O  O   . HOH K 7 .  ? -14.466 13.336  -2.312  1    28.764  ? 310 HOH A O   1 
HETATM 650 O  O   . HOH K 7 .  ? 1.771   -9.510  3.704   1    20.838  ? 311 HOH A O   1 
HETATM 651 O  O   . HOH K 7 .  ? 2.023   -2.879  -11.748 1    22.276  ? 312 HOH A O   1 
HETATM 652 O  O   . HOH K 7 .  ? -9.301  8.730   9.232   1    40.668  ? 313 HOH A O   1 
HETATM 653 O  O   . HOH K 7 .  ? -2.183  -8.078  -6.155  1    24.358  ? 314 HOH A O   1 
HETATM 654 O  O   . HOH K 7 .  ? 4.933   -9.635  -7.717  1    15.443  ? 315 HOH A O   1 
HETATM 655 O  O   . HOH K 7 .  ? -5.956  8.281   -4.217  1    29.27   ? 316 HOH A O   1 
HETATM 656 O  O   . HOH K 7 .  ? -8.208  0.368   -5.206  1    16.668  ? 317 HOH A O   1 
HETATM 657 O  O   . HOH K 7 .  ? -11.185 -2.850  16.569  1    41.407  ? 318 HOH A O   1 
HETATM 658 O  O   . HOH K 7 .  ? -1.407  9.313   -0.560  1    40.796  ? 319 HOH A O   1 
HETATM 659 O  O   . HOH K 7 .  ? -7.468  5.714   -0.940  1    15.273  ? 320 HOH A O   1 
HETATM 660 O  O   . HOH K 7 .  ? -11.823 4.130   4.394   1    19.472  ? 321 HOH A O   1 
HETATM 661 O  O   . HOH K 7 .  ? 5.397   9.210   2.223   1    35.41   ? 322 HOH A O   1 
HETATM 662 O  O   . HOH K 7 .  ? 0.200   7.040   3.334   1    33.2    ? 323 HOH A O   1 
HETATM 663 O  O   . HOH K 7 .  ? -5.054  -1.233  12.445  1    31.408  ? 324 HOH A O   1 
HETATM 664 O  O   . HOH K 7 .  ? -14.613 8.260   0.276   1    28.906  ? 325 HOH A O   1 
HETATM 665 O  O   . HOH K 7 .  ? 12.840  -2.911  7.037   1    36.144  ? 326 HOH A O   1 
HETATM 666 O  O   . HOH K 7 .  ? 10.149  -7.746  1.864   1    26.625  ? 327 HOH A O   1 
HETATM 667 O  O   . HOH K 7 .  ? -6.038  -6.741  -3.777  1    21.291  ? 328 HOH A O   1 
HETATM 668 O  O   . HOH K 7 .  ? 12.798  4.069   -8.309  1    37.74   ? 329 HOH A O   1 
HETATM 669 O  O   . HOH K 7 .  ? -12.590 9.882   5.297   1    37.154  ? 330 HOH A O   1 
HETATM 670 O  O   . HOH K 7 .  ? 11.976  11.663  0.730   1    26.252  ? 331 HOH A O   1 
HETATM 671 O  O   . HOH K 7 .  ? -9.726  -5.784  9.400   1    28.855  ? 332 HOH A O   1 
HETATM 672 O  O   . HOH K 7 .  ? -10.895 0.868   14.978  1    48.726  ? 333 HOH A O   1 
HETATM 673 O  O   . HOH K 7 .  ? 9.898   -7.145  -3.042  1    20.411  ? 334 HOH A O   1 
HETATM 674 O  O   . HOH K 7 .  ? -6.364  8.845   2.986   1    24.545  ? 335 HOH A O   1 
HETATM 675 O  O   . HOH K 7 .  ? -13.250 6.461   3.357   1    23.799  ? 336 HOH A O   1 
HETATM 676 O  O   . HOH K 7 .  ? 10.128  7.246   -8.086  1    21.435  ? 337 HOH A O   1 
HETATM 677 O  O   . HOH K 7 .  ? 10.412  -1.257  9.458   1    34.225  ? 338 HOH A O   1 
HETATM 678 O  O   . HOH K 7 .  ? -1.963  -1.772  -6.247  1    19.539  ? 339 HOH A O   1 
HETATM 679 O  O   . HOH K 7 .  ? 8.908   -4.905  -13.352 1    33.144  ? 340 HOH A O   1 
HETATM 680 O  O   . HOH K 7 .  ? 3.076   -8.981  6.289   1    30.484  ? 341 HOH A O   1 
HETATM 681 O  O   . HOH K 7 .  ? -11.644 -3.457  4.235   1    29.064  ? 342 HOH A O   1 
HETATM 682 O  O   . HOH K 7 .  ? -16.648 1.143   -0.632  1    43.76   ? 343 HOH A O   1 
HETATM 683 O  O   . HOH K 7 .  ? 4.969   -5.323  7.937   1    34.128  ? 344 HOH A O   1 
HETATM 684 O  O   . HOH K 7 .  ? -11.089 -2.572  6.819   1    30.141  ? 345 HOH A O   1 
HETATM 685 O  O   . HOH K 7 .  ? -11.150 -0.499  -6.043  1    29.641  ? 346 HOH A O   1 
HETATM 686 O  O   . HOH K 7 .  ? 3.989   -8.758  2.328   1    18.926  ? 347 HOH A O   1 
HETATM 687 O  O   . HOH K 7 .  ? 15.889  -1.893  4.570   1    23.259  ? 348 HOH A O   1 
HETATM 688 O  O   . HOH K 7 .  ? 17.151  2.048   -2.563  1    24.724  ? 349 HOH A O   1 
HETATM 689 O  O   . HOH K 7 .  ? -3.416  -5.262  12.831  1    35.771  ? 350 HOH A O   1 
HETATM 690 O  O   . HOH K 7 .  ? 6.727   2.065   -12.611 1    21.876  ? 351 HOH A O   1 
HETATM 691 O  O   . HOH K 7 .  ? -9.510  9.668   6.770   1    25.403  ? 352 HOH A O   1 
HETATM 692 O  O   . HOH K 7 .  ? -22.355 2.329   -14.410 1    34.858  ? 353 HOH A O   1 
HETATM 693 O  O   . HOH K 7 .  ? -5.734  5.393   11.677  1    38.384  ? 354 HOH A O   1 
HETATM 694 O  O   . HOH K 7 .  ? -14.325 -4.028  0.158   1    37.746  ? 355 HOH A O   1 
HETATM 695 O  O   . HOH K 7 .  ? 5.327   12.876  -2.723  1    28.512  ? 356 HOH A O   1 
HETATM 696 O  O   . HOH K 7 .  ? -10.295 -5.951  4.669   1    24.493  ? 357 HOH A O   1 
HETATM 697 O  O   . HOH K 7 .  ? -10.747 -8.080  3.257   1    32.665  ? 358 HOH A O   1 
HETATM 698 O  O   . HOH K 7 .  ? 0.758   -0.832  -10.064 1    23.261  ? 359 HOH A O   1 
HETATM 699 O  O   . HOH K 7 .  ? -7.295  -8.981  11.979  1    24.179  ? 360 HOH A O   1 
HETATM 700 O  O   . HOH K 7 .  ? 8.226   6.064   9.457   1    37.395  ? 361 HOH A O   1 
HETATM 701 O  O   . HOH K 7 .  ? -5.784  6.944   9.706   1    49.499  ? 362 HOH A O   1 
HETATM 702 O  O   . HOH K 7 .  ? 3.121   10.381  -1.046  1    21.684  ? 363 HOH A O   1 
HETATM 703 O  O   . HOH K 7 .  ? 7.668   -8.735  8.042   1    58.913  ? 364 HOH A O   1 
HETATM 704 O  O   . HOH K 7 .  ? -2.778  8.869   -4.896  1    23.628  ? 365 HOH A O   1 
HETATM 705 O  O   . HOH K 7 .  ? -8.740  -6.071  -4.561  1    22.021  ? 366 HOH A O   1 
HETATM 706 O  O   . HOH K 7 .  ? 3.631   6.744   7.063   1    28.65   ? 367 HOH A O   1 
HETATM 707 O  O   . HOH K 7 .  ? 4.309   4.207   10.289  1    39.75   ? 368 HOH A O   1 
HETATM 708 O  O   . HOH K 7 .  ? -0.608  8.279   -9.318  1    30.161  ? 369 HOH A O   1 
HETATM 709 O  O   . HOH K 7 .  ? 5.742   -10.855 3.249   1    32.734  ? 370 HOH A O   1 
HETATM 710 O  O   . HOH K 7 .  ? -18.315 9.504   -8.738  1    22.37   ? 371 HOH A O   1 
HETATM 711 O  O   . HOH K 7 .  ? -1.768  7.193   6.494   1    31.076  ? 372 HOH A O   1 
HETATM 712 O  O   . HOH K 7 .  ? 11.026  4.876   8.523   1    32.266  ? 373 HOH A O   1 
HETATM 713 O  O   . HOH K 7 .  ? -22.950 5.827   -6.540  1    28.625  ? 374 HOH A O   1 
HETATM 714 O  O   . HOH K 7 .  ? 10.928  -2.856  -9.596  1    37.397  ? 375 HOH A O   1 
HETATM 715 O  O   . HOH K 7 .  ? -5.574  -7.497  13.285  1    45.898  ? 376 HOH A O   1 
HETATM 716 O  O   . HOH K 7 .  ? 4.967   12.218  -0.121  1    36.268  ? 377 HOH A O   1 
HETATM 717 O  O   . HOH K 7 .  ? -7.828  -4.018  -6.509  1    38.485  ? 378 HOH A O   1 
HETATM 718 O  O   . HOH K 7 .  ? 10.461  -5.630  -10.564 1    39.015  ? 379 HOH A O   1 
HETATM 719 O  O   . HOH K 7 .  ? -11.535 -6.478  7.212   1    29.261  ? 380 HOH A O   1 
HETATM 720 O  O   . HOH K 7 .  ? -19.263 -3.169  -10.568 0.33 27.207  ? 381 HOH A O   1 
HETATM 721 O  O   . HOH K 7 .  ? -7.730  8.362   -1.646  1    20.12   ? 382 HOH A O   1 
HETATM 722 O  O   . HOH K 7 .  ? -1.640  -1.370  -9.029  1    35.2    ? 383 HOH A O   1 
HETATM 723 O  O   . HOH K 7 .  ? -12.206 10.798  7.069   1    38.854  ? 384 HOH A O   1 
HETATM 724 O  O   . HOH K 7 .  ? -5.446  -3.367  13.994  1    36.996  ? 385 HOH A O   1 
# 
